data_3EQO
#
_entry.id   3EQO
#
_cell.length_a   66.534
_cell.length_b   67.146
_cell.length_c   109.778
_cell.angle_alpha   93.94
_cell.angle_beta   106.76
_cell.angle_gamma   97.08
#
_symmetry.space_group_name_H-M   'P 1'
#
loop_
_entity.id
_entity.type
_entity.pdbx_description
1 polymer 'Glucan 1,3-beta-glucosidase'
2 branched beta-D-mannopyranose-(1-4)-2-acetamido-2-deoxy-beta-D-glucopyranose-(1-4)-2-acetamido-2-deoxy-beta-D-glucopyranose
3 non-polymer 'ZINC ION'
4 non-polymer D-glucono-1,5-lactone
5 water water
#
_entity_poly.entity_id   1
_entity_poly.type   'polypeptide(L)'
_entity_poly.pdbx_seq_one_letter_code
;EAEAEFLGSTCSSPLTHGSAAPGDPFWLQNIQHQGIAAFNGNPGGYPVFRNVKNYGAKGDGNTDDTAAIQAAINAGGRCG
QGCDSTTTQPALVYFPPGTYKVSSPLVVLYQTQLIGDAKNLPTLLAAPNFSGIALIDADPYLAGGAQYYVNQNNFFRSVR
NFVIDLRQVSGSATGIHWQVSQATSLINIVFQMSTAAGNQHQGIFMENGSGGFLGDLVFNGGNIGATFGNQQFTVRNLTF
NNANTAINAIWNWGWTFQRITINNCQVGFDLTQGGTSNTGAQGVGAEAIIDAVVTNTQTFVRWSGASSGHLQGSLVLNNI
QLTNVPVAVGVKGGPTVLAGGTTTINSWAQGNVYHGTNGNPTFTQGNIANINRPGVLLDSTGRIVSKSHPQYTGYAPSDF
VSVRSQGAKGDGHTDDTQAIKNVFAKYAGCKIIFFDAGTYIVTDTIQIPAGTQIVGEVWSVIMGTGSKFTDYNNPQPVIQ
VGAPGSSGVVEITDMIFTTRGPAAGAIIVEWNVHDPSGQQAAAGAWDTHLIIGGTAQSGLQVGQCPTSGAGGNNCFADFL
GLHLTSGSSAYLEGMWVWLADHDLDSGGSQQISLWSNGGIMSESQGPVWLIGTASEHHINYQYFLKNAANHYIGLAQTET
PYFQPNPNPPAPFITNSNFDPSQLGQGDAWAMTVQNSHGILVFGAGFYSFFSAYNTGCQSPQNCQNQIVNVDSSSDIAFY
SLTTVDTTWQFSVNAQGVINRSNNPNGFADTITAWTRN
;
_entity_poly.pdbx_strand_id   A,B
#
loop_
_chem_comp.id
_chem_comp.type
_chem_comp.name
_chem_comp.formula
BMA D-saccharide, beta linking beta-D-mannopyranose 'C6 H12 O6'
LGC D-saccharide D-glucono-1,5-lactone 'C6 H10 O6'
NAG D-saccharide, beta linking 2-acetamido-2-deoxy-beta-D-glucopyranose 'C8 H15 N O6'
ZN non-polymer 'ZINC ION' 'Zn 2'
#
# COMPACT_ATOMS: atom_id res chain seq x y z
N LEU A 7 18.72 19.61 -43.75
CA LEU A 7 19.28 18.53 -44.65
C LEU A 7 20.67 18.82 -45.17
N GLY A 8 21.54 17.79 -45.24
CA GLY A 8 22.94 17.93 -45.74
C GLY A 8 23.05 18.41 -47.20
N SER A 9 24.14 19.12 -47.50
CA SER A 9 24.27 19.88 -48.76
C SER A 9 24.49 19.02 -50.04
N THR A 10 24.69 17.72 -49.87
CA THR A 10 24.91 16.81 -51.01
C THR A 10 23.63 16.08 -51.50
N CYS A 11 22.46 16.35 -50.93
CA CYS A 11 21.26 15.61 -51.37
C CYS A 11 20.05 16.51 -51.37
N SER A 12 18.98 16.09 -52.05
CA SER A 12 17.80 16.92 -52.30
C SER A 12 16.67 16.50 -51.44
N SER A 13 16.68 15.26 -50.99
CA SER A 13 15.76 14.88 -49.90
C SER A 13 16.36 13.79 -49.02
N PRO A 14 15.78 13.60 -47.83
CA PRO A 14 16.37 12.69 -46.85
C PRO A 14 16.46 11.23 -47.33
N LEU A 15 17.53 10.54 -46.92
CA LEU A 15 17.65 9.11 -47.08
C LEU A 15 16.72 8.50 -46.04
N THR A 16 15.71 7.76 -46.51
CA THR A 16 14.73 7.21 -45.59
C THR A 16 14.67 5.69 -45.72
N HIS A 17 15.42 5.08 -46.63
CA HIS A 17 15.50 3.59 -46.62
C HIS A 17 16.71 3.08 -47.37
N GLY A 18 17.08 1.85 -47.10
CA GLY A 18 18.30 1.32 -47.71
C GLY A 18 18.21 1.00 -49.18
N SER A 19 19.36 0.99 -49.84
CA SER A 19 19.40 0.62 -51.24
C SER A 19 20.11 -0.74 -51.51
N ALA A 20 20.18 -1.62 -50.50
CA ALA A 20 20.75 -2.97 -50.70
C ALA A 20 19.75 -3.88 -51.43
N ALA A 21 20.28 -4.73 -52.32
CA ALA A 21 19.55 -5.83 -52.97
C ALA A 21 19.44 -6.91 -51.94
N PRO A 22 18.26 -7.57 -51.83
CA PRO A 22 18.10 -8.49 -50.67
C PRO A 22 19.16 -9.61 -50.56
N GLY A 23 19.77 -10.01 -51.68
CA GLY A 23 20.82 -11.03 -51.64
C GLY A 23 22.21 -10.49 -51.31
N ASP A 24 22.34 -9.18 -51.06
CA ASP A 24 23.64 -8.57 -50.74
C ASP A 24 23.99 -8.96 -49.31
N PRO A 25 25.28 -9.17 -49.00
CA PRO A 25 25.61 -9.41 -47.59
C PRO A 25 25.36 -8.13 -46.74
N PHE A 26 25.08 -8.29 -45.44
CA PHE A 26 24.88 -7.17 -44.50
C PHE A 26 26.02 -6.12 -44.68
N TRP A 27 25.67 -4.84 -44.58
CA TRP A 27 26.60 -3.77 -44.95
C TRP A 27 27.96 -3.80 -44.24
N LEU A 28 27.97 -4.27 -42.99
CA LEU A 28 29.17 -4.29 -42.16
C LEU A 28 30.31 -5.16 -42.72
N GLN A 29 30.00 -6.17 -43.55
CA GLN A 29 31.05 -7.00 -44.12
C GLN A 29 31.94 -6.25 -45.13
N ASN A 30 31.32 -5.43 -45.97
CA ASN A 30 32.04 -4.86 -47.12
C ASN A 30 32.31 -3.38 -47.07
N ILE A 31 31.80 -2.72 -46.04
CA ILE A 31 32.15 -1.35 -45.79
C ILE A 31 33.70 -1.27 -45.68
N GLN A 32 34.28 -0.10 -46.00
CA GLN A 32 35.75 0.02 -45.91
C GLN A 32 36.11 -0.04 -44.43
N HIS A 33 37.18 -0.75 -44.10
CA HIS A 33 37.52 -0.97 -42.69
C HIS A 33 38.69 -0.12 -42.32
N GLN A 34 38.42 1.00 -41.62
CA GLN A 34 39.46 2.03 -41.38
C GLN A 34 39.64 2.40 -39.91
N GLY A 35 39.21 1.54 -39.01
CA GLY A 35 39.20 1.83 -37.59
C GLY A 35 40.61 1.96 -37.03
N ILE A 36 40.80 2.89 -36.12
CA ILE A 36 42.07 2.96 -35.37
C ILE A 36 41.83 2.85 -33.85
N ALA A 37 42.78 2.23 -33.16
CA ALA A 37 42.81 2.23 -31.71
C ALA A 37 43.83 3.31 -31.41
N ALA A 38 43.39 4.55 -31.12
CA ALA A 38 44.28 5.75 -31.10
C ALA A 38 45.43 5.67 -30.11
N PHE A 39 45.12 5.18 -28.91
CA PHE A 39 46.09 5.11 -27.84
C PHE A 39 46.66 3.72 -27.66
N ASN A 40 46.47 2.86 -28.67
CA ASN A 40 47.13 1.55 -28.72
C ASN A 40 48.65 1.75 -28.90
N GLY A 41 49.44 0.74 -28.54
CA GLY A 41 50.91 0.84 -28.65
C GLY A 41 51.31 0.85 -30.12
N ASN A 42 50.50 0.22 -30.95
CA ASN A 42 50.73 0.28 -32.38
C ASN A 42 49.48 0.67 -33.25
N PRO A 43 49.03 1.97 -33.19
CA PRO A 43 47.79 2.32 -33.91
C PRO A 43 47.79 1.90 -35.37
N GLY A 44 48.97 1.98 -36.01
CA GLY A 44 49.17 1.67 -37.44
C GLY A 44 49.07 0.19 -37.86
N GLY A 45 49.23 -0.74 -36.92
CA GLY A 45 49.28 -2.18 -37.23
C GLY A 45 48.23 -2.97 -36.52
N TYR A 46 47.43 -2.31 -35.69
CA TYR A 46 46.46 -3.00 -34.82
C TYR A 46 45.07 -3.04 -35.50
N PRO A 47 44.57 -4.24 -35.92
CA PRO A 47 43.30 -4.21 -36.65
C PRO A 47 42.08 -4.13 -35.72
N VAL A 48 41.19 -3.13 -35.92
CA VAL A 48 40.00 -3.04 -35.08
C VAL A 48 38.93 -4.06 -35.57
N PHE A 49 38.73 -4.13 -36.89
CA PHE A 49 37.76 -5.06 -37.51
C PHE A 49 38.44 -6.41 -37.88
N ARG A 50 37.78 -7.53 -37.57
CA ARG A 50 38.28 -8.85 -37.88
C ARG A 50 37.14 -9.75 -38.39
N ASN A 51 37.10 -10.06 -39.69
CA ASN A 51 36.18 -11.06 -40.22
C ASN A 51 36.70 -12.49 -39.84
N VAL A 52 35.92 -13.27 -39.10
CA VAL A 52 36.38 -14.61 -38.67
C VAL A 52 36.84 -15.50 -39.82
N LYS A 53 36.33 -15.25 -41.01
CA LYS A 53 36.79 -16.04 -42.15
C LYS A 53 38.19 -15.66 -42.62
N ASN A 54 38.65 -14.41 -42.37
CA ASN A 54 40.01 -13.99 -42.72
C ASN A 54 41.03 -14.67 -41.85
N TYR A 55 40.56 -15.26 -40.76
CA TYR A 55 41.37 -15.97 -39.79
C TYR A 55 41.13 -17.49 -39.86
N GLY A 56 40.57 -17.99 -40.96
CA GLY A 56 40.49 -19.44 -41.14
C GLY A 56 39.17 -20.12 -40.83
N ALA A 57 38.13 -19.35 -40.53
CA ALA A 57 36.84 -19.97 -40.19
C ALA A 57 36.14 -20.45 -41.46
N LYS A 58 35.64 -21.69 -41.46
CA LYS A 58 35.09 -22.23 -42.70
C LYS A 58 33.60 -21.93 -42.78
N GLY A 59 32.91 -22.02 -41.65
CA GLY A 59 31.48 -21.80 -41.61
C GLY A 59 30.66 -22.89 -42.30
N ASP A 60 31.15 -24.13 -42.30
CA ASP A 60 30.49 -25.22 -43.03
C ASP A 60 29.83 -26.24 -42.13
N GLY A 61 29.77 -26.00 -40.83
CA GLY A 61 29.21 -26.97 -39.86
C GLY A 61 30.02 -28.21 -39.53
N ASN A 62 31.03 -28.54 -40.33
CA ASN A 62 31.88 -29.72 -40.05
C ASN A 62 33.32 -29.45 -39.54
N THR A 63 34.00 -28.51 -40.17
CA THR A 63 35.27 -27.98 -39.68
C THR A 63 35.01 -27.35 -38.30
N ASP A 64 35.86 -27.71 -37.33
CA ASP A 64 35.83 -27.08 -36.02
C ASP A 64 36.48 -25.68 -36.13
N ASP A 65 35.65 -24.65 -35.97
CA ASP A 65 36.06 -23.26 -36.18
C ASP A 65 36.46 -22.52 -34.90
N THR A 66 36.47 -23.22 -33.76
CA THR A 66 36.80 -22.63 -32.45
C THR A 66 38.07 -21.78 -32.45
N ALA A 67 39.17 -22.37 -32.88
CA ALA A 67 40.46 -21.71 -32.93
C ALA A 67 40.52 -20.53 -33.93
N ALA A 68 40.03 -20.71 -35.16
CA ALA A 68 39.89 -19.60 -36.13
C ALA A 68 39.13 -18.34 -35.58
N ILE A 69 37.93 -18.57 -35.03
CA ILE A 69 37.19 -17.54 -34.29
C ILE A 69 38.02 -16.92 -33.18
N GLN A 70 38.60 -17.76 -32.30
CA GLN A 70 39.53 -17.26 -31.25
C GLN A 70 40.73 -16.40 -31.70
N ALA A 71 41.32 -16.68 -32.86
CA ALA A 71 42.35 -15.78 -33.45
C ALA A 71 41.79 -14.40 -33.86
N ALA A 72 40.57 -14.39 -34.40
CA ALA A 72 39.85 -13.14 -34.73
C ALA A 72 39.60 -12.28 -33.49
N ILE A 73 39.28 -12.92 -32.35
CA ILE A 73 39.16 -12.24 -31.03
C ILE A 73 40.51 -11.77 -30.47
N ASN A 74 41.52 -12.64 -30.61
CA ASN A 74 42.78 -12.53 -29.84
C ASN A 74 43.83 -11.63 -30.44
N ALA A 75 43.74 -11.47 -31.75
CA ALA A 75 44.74 -10.80 -32.61
C ALA A 75 45.07 -9.37 -32.17
N GLY A 76 46.37 -9.05 -32.25
CA GLY A 76 46.86 -7.69 -32.02
C GLY A 76 47.53 -7.52 -30.65
N GLY A 77 47.33 -8.53 -29.77
CA GLY A 77 47.86 -8.53 -28.43
C GLY A 77 46.88 -7.64 -27.72
N ARG A 78 45.86 -8.27 -27.13
CA ARG A 78 44.72 -7.62 -26.48
C ARG A 78 44.69 -7.87 -24.96
N CYS A 79 43.62 -7.44 -24.27
CA CYS A 79 43.57 -7.48 -22.79
C CYS A 79 43.04 -8.81 -22.24
N GLY A 80 43.97 -9.69 -21.81
CA GLY A 80 43.60 -11.04 -21.44
C GLY A 80 43.95 -11.28 -19.99
N GLN A 81 44.43 -12.49 -19.75
CA GLN A 81 44.91 -12.89 -18.46
C GLN A 81 45.95 -11.91 -17.92
N GLY A 82 45.79 -11.44 -16.69
CA GLY A 82 46.74 -10.44 -16.14
C GLY A 82 46.52 -9.00 -16.61
N CYS A 83 45.31 -8.71 -17.08
CA CYS A 83 44.97 -7.38 -17.48
C CYS A 83 43.61 -7.07 -16.87
N ASP A 84 43.54 -5.95 -16.14
CA ASP A 84 42.34 -5.57 -15.42
C ASP A 84 41.23 -5.07 -16.33
N SER A 85 41.61 -4.26 -17.33
CA SER A 85 40.67 -3.50 -18.20
C SER A 85 41.45 -2.78 -19.27
N THR A 86 40.73 -2.33 -20.29
CA THR A 86 41.32 -1.61 -21.41
C THR A 86 40.30 -0.77 -22.20
N THR A 87 40.75 0.37 -22.70
CA THR A 87 39.95 1.05 -23.70
C THR A 87 40.72 1.12 -25.00
N THR A 88 41.98 0.64 -24.96
CA THR A 88 42.91 0.77 -26.10
C THR A 88 43.15 -0.47 -26.98
N GLN A 89 42.46 -1.55 -26.68
CA GLN A 89 42.61 -2.78 -27.46
C GLN A 89 41.20 -3.30 -27.86
N PRO A 90 40.46 -2.52 -28.72
CA PRO A 90 39.09 -2.88 -29.23
C PRO A 90 39.08 -3.97 -30.31
N ALA A 91 37.95 -4.64 -30.49
CA ALA A 91 37.81 -5.63 -31.54
C ALA A 91 36.39 -5.71 -31.92
N LEU A 92 36.15 -5.58 -33.23
CA LEU A 92 34.86 -5.95 -33.82
C LEU A 92 35.08 -7.29 -34.58
N VAL A 93 34.58 -8.37 -33.96
CA VAL A 93 34.65 -9.74 -34.50
C VAL A 93 33.41 -10.04 -35.39
N TYR A 94 33.60 -10.00 -36.71
CA TYR A 94 32.51 -10.14 -37.65
C TYR A 94 32.33 -11.58 -38.26
N PHE A 95 31.09 -12.04 -38.27
CA PHE A 95 30.73 -13.39 -38.73
C PHE A 95 29.79 -13.31 -39.94
N PRO A 96 30.30 -13.62 -41.14
CA PRO A 96 29.37 -13.73 -42.25
C PRO A 96 28.44 -14.98 -42.09
N PRO A 97 27.39 -15.07 -42.93
CA PRO A 97 26.52 -16.22 -42.83
C PRO A 97 27.31 -17.55 -42.82
N GLY A 98 26.80 -18.57 -42.14
CA GLY A 98 27.49 -19.83 -42.02
C GLY A 98 27.06 -20.46 -40.74
N THR A 99 27.35 -21.76 -40.60
CA THR A 99 27.25 -22.49 -39.33
C THR A 99 28.69 -22.78 -38.87
N TYR A 100 29.05 -22.32 -37.68
CA TYR A 100 30.40 -22.38 -37.16
C TYR A 100 30.39 -23.33 -35.97
N LYS A 101 30.92 -24.51 -36.22
CA LYS A 101 31.01 -25.55 -35.20
C LYS A 101 32.08 -25.14 -34.17
N VAL A 102 31.73 -25.14 -32.90
CA VAL A 102 32.74 -24.86 -31.90
C VAL A 102 32.72 -25.91 -30.80
N SER A 103 33.87 -26.16 -30.20
CA SER A 103 34.00 -27.31 -29.30
C SER A 103 34.47 -26.95 -27.93
N SER A 104 34.85 -25.67 -27.72
CA SER A 104 35.22 -25.16 -26.39
C SER A 104 34.89 -23.64 -26.34
N PRO A 105 34.90 -23.05 -25.15
CA PRO A 105 34.40 -21.68 -25.10
C PRO A 105 35.16 -20.68 -25.97
N LEU A 106 34.42 -19.88 -26.72
CA LEU A 106 34.95 -18.66 -27.29
C LEU A 106 35.05 -17.63 -26.14
N VAL A 107 36.27 -17.21 -25.85
CA VAL A 107 36.54 -16.25 -24.76
C VAL A 107 36.41 -14.80 -25.32
N VAL A 108 35.36 -14.09 -24.89
CA VAL A 108 35.18 -12.76 -25.46
C VAL A 108 35.94 -11.75 -24.59
N LEU A 109 37.14 -11.42 -25.05
CA LEU A 109 38.05 -10.61 -24.28
C LEU A 109 37.47 -9.22 -23.99
N TYR A 110 37.95 -8.57 -22.93
CA TYR A 110 37.64 -7.14 -22.66
C TYR A 110 37.54 -6.30 -23.94
N GLN A 111 36.42 -5.56 -24.12
CA GLN A 111 36.24 -4.59 -25.26
C GLN A 111 36.07 -5.26 -26.65
N THR A 112 35.35 -6.36 -26.69
CA THR A 112 35.17 -7.12 -27.89
C THR A 112 33.69 -7.05 -28.21
N GLN A 113 33.37 -6.91 -29.50
CA GLN A 113 31.98 -7.08 -29.92
C GLN A 113 31.93 -8.27 -30.86
N LEU A 114 31.04 -9.25 -30.66
CA LEU A 114 30.84 -10.33 -31.64
C LEU A 114 29.66 -9.98 -32.52
N ILE A 115 29.82 -9.85 -33.84
CA ILE A 115 28.68 -9.40 -34.67
C ILE A 115 28.45 -10.29 -35.91
N GLY A 116 27.22 -10.80 -36.02
CA GLY A 116 26.77 -11.64 -37.09
C GLY A 116 26.10 -10.83 -38.16
N ASP A 117 26.10 -11.37 -39.37
CA ASP A 117 25.33 -10.82 -40.48
C ASP A 117 23.86 -10.72 -40.04
N ALA A 118 23.26 -9.54 -40.17
CA ALA A 118 21.95 -9.31 -39.56
C ALA A 118 20.78 -9.61 -40.50
N LYS A 119 21.08 -9.84 -41.78
CA LYS A 119 20.12 -10.29 -42.76
C LYS A 119 19.93 -11.83 -42.68
N ASN A 120 21.02 -12.52 -42.35
CA ASN A 120 21.13 -13.98 -42.36
C ASN A 120 21.89 -14.48 -41.14
N LEU A 121 21.25 -14.57 -39.98
CA LEU A 121 21.99 -14.81 -38.76
C LEU A 121 22.94 -16.01 -38.89
N PRO A 122 24.24 -15.82 -38.57
CA PRO A 122 25.10 -17.02 -38.43
C PRO A 122 24.73 -17.89 -37.23
N THR A 123 25.04 -19.19 -37.31
CA THR A 123 24.74 -20.09 -36.23
C THR A 123 26.06 -20.43 -35.55
N LEU A 124 26.08 -20.42 -34.21
CA LEU A 124 27.18 -21.02 -33.49
C LEU A 124 26.67 -22.39 -33.01
N LEU A 125 27.26 -23.43 -33.56
CA LEU A 125 26.81 -24.81 -33.35
C LEU A 125 27.72 -25.48 -32.32
N ALA A 126 27.22 -25.75 -31.10
CA ALA A 126 28.02 -26.55 -30.19
C ALA A 126 28.20 -27.97 -30.78
N ALA A 127 29.46 -28.38 -30.88
CA ALA A 127 29.82 -29.76 -31.26
C ALA A 127 29.33 -30.76 -30.18
N PRO A 128 29.03 -32.01 -30.58
CA PRO A 128 28.55 -32.91 -29.50
C PRO A 128 29.52 -33.12 -28.32
N ASN A 129 30.83 -33.06 -28.58
CA ASN A 129 31.79 -33.09 -27.48
C ASN A 129 32.14 -31.69 -26.89
N PHE A 130 31.29 -30.66 -27.09
CA PHE A 130 31.51 -29.40 -26.43
C PHE A 130 31.85 -29.55 -24.93
N SER A 131 32.92 -28.88 -24.53
CA SER A 131 33.34 -28.89 -23.15
C SER A 131 33.64 -27.43 -22.72
N GLY A 132 33.26 -27.06 -21.50
CA GLY A 132 33.50 -25.68 -21.03
C GLY A 132 32.26 -25.03 -20.47
N ILE A 133 32.45 -23.88 -19.87
CA ILE A 133 31.42 -23.26 -19.04
C ILE A 133 30.19 -22.84 -19.88
N ALA A 134 30.42 -22.40 -21.12
CA ALA A 134 29.39 -21.83 -22.00
C ALA A 134 30.08 -21.70 -23.31
N LEU A 135 29.32 -21.66 -24.40
CA LEU A 135 29.84 -21.43 -25.72
C LEU A 135 30.54 -20.03 -25.87
N ILE A 136 29.97 -18.99 -25.27
CA ILE A 136 30.61 -17.66 -25.26
C ILE A 136 30.90 -17.35 -23.84
N ASP A 137 32.15 -16.98 -23.56
CA ASP A 137 32.56 -16.77 -22.19
C ASP A 137 33.08 -15.35 -21.98
N ALA A 138 32.35 -14.52 -21.22
CA ALA A 138 32.77 -13.13 -21.03
C ALA A 138 33.75 -12.92 -19.88
N ASP A 139 33.87 -13.92 -18.99
CA ASP A 139 34.84 -13.87 -17.88
C ASP A 139 35.35 -15.27 -17.37
N PRO A 140 36.38 -15.83 -18.06
CA PRO A 140 36.96 -17.14 -17.75
C PRO A 140 37.50 -17.28 -16.35
N TYR A 141 37.23 -18.45 -15.78
CA TYR A 141 37.74 -18.88 -14.47
C TYR A 141 39.09 -19.57 -14.70
N LEU A 142 39.99 -19.31 -13.77
CA LEU A 142 41.35 -19.87 -13.74
C LEU A 142 41.48 -20.70 -12.47
N ALA A 143 42.42 -21.64 -12.43
CA ALA A 143 42.78 -22.38 -11.20
C ALA A 143 42.78 -21.46 -9.96
N GLY A 144 42.13 -21.89 -8.88
CA GLY A 144 42.13 -21.10 -7.65
C GLY A 144 40.91 -20.21 -7.52
N GLY A 145 40.06 -20.24 -8.56
CA GLY A 145 38.85 -19.40 -8.59
C GLY A 145 39.16 -17.91 -8.82
N ALA A 146 40.33 -17.65 -9.39
CA ALA A 146 40.63 -16.34 -9.99
C ALA A 146 39.89 -16.28 -11.33
N GLN A 147 39.67 -15.06 -11.82
CA GLN A 147 39.13 -14.86 -13.15
C GLN A 147 39.94 -13.80 -13.90
N TYR A 148 39.81 -13.77 -15.23
CA TYR A 148 40.39 -12.70 -16.00
C TYR A 148 40.06 -11.34 -15.43
N TYR A 149 38.77 -11.10 -15.12
CA TYR A 149 38.25 -9.77 -14.72
C TYR A 149 37.44 -9.79 -13.46
N VAL A 150 37.50 -8.68 -12.71
CA VAL A 150 36.57 -8.42 -11.61
C VAL A 150 35.17 -8.18 -12.20
N ASN A 151 34.16 -8.92 -11.71
CA ASN A 151 32.87 -8.97 -12.43
C ASN A 151 32.24 -7.56 -12.50
N GLN A 152 32.33 -6.83 -11.38
CA GLN A 152 31.83 -5.45 -11.26
C GLN A 152 32.57 -4.44 -12.10
N ASN A 153 33.67 -4.89 -12.72
CA ASN A 153 34.55 -4.13 -13.60
C ASN A 153 34.55 -4.58 -15.08
N ASN A 154 33.65 -5.51 -15.39
CA ASN A 154 33.66 -6.23 -16.64
C ASN A 154 32.68 -5.50 -17.59
N PHE A 155 33.16 -4.37 -18.10
CA PHE A 155 32.45 -3.49 -18.99
C PHE A 155 32.82 -3.80 -20.43
N PHE A 156 32.10 -3.16 -21.36
CA PHE A 156 32.37 -3.16 -22.83
C PHE A 156 32.40 -4.55 -23.56
N ARG A 157 31.22 -5.12 -23.77
CA ARG A 157 31.11 -6.45 -24.38
C ARG A 157 29.80 -6.48 -25.10
N SER A 158 29.76 -7.01 -26.31
CA SER A 158 28.47 -7.15 -27.00
C SER A 158 28.46 -8.40 -27.86
N VAL A 159 27.29 -9.05 -27.93
CA VAL A 159 27.07 -10.17 -28.82
C VAL A 159 25.79 -9.85 -29.56
N ARG A 160 25.86 -9.77 -30.89
CA ARG A 160 24.69 -9.41 -31.67
C ARG A 160 24.54 -10.31 -32.88
N ASN A 161 23.29 -10.77 -33.08
CA ASN A 161 22.85 -11.34 -34.33
C ASN A 161 23.36 -12.79 -34.51
N PHE A 162 22.99 -13.70 -33.60
CA PHE A 162 23.39 -15.11 -33.74
C PHE A 162 22.24 -16.05 -33.55
N VAL A 163 22.32 -17.25 -34.15
CA VAL A 163 21.62 -18.41 -33.62
C VAL A 163 22.63 -19.20 -32.80
N ILE A 164 22.33 -19.42 -31.51
CA ILE A 164 23.15 -20.30 -30.67
C ILE A 164 22.46 -21.68 -30.42
N ASP A 165 23.04 -22.72 -31.03
CA ASP A 165 22.43 -24.04 -31.18
C ASP A 165 23.18 -25.06 -30.37
N LEU A 166 22.55 -25.44 -29.26
CA LEU A 166 23.05 -26.39 -28.27
C LEU A 166 22.52 -27.78 -28.50
N ARG A 167 21.71 -27.96 -29.55
CA ARG A 167 20.88 -29.18 -29.72
C ARG A 167 21.68 -30.46 -30.05
N GLN A 168 22.92 -30.36 -30.45
CA GLN A 168 23.71 -31.57 -30.56
C GLN A 168 24.41 -32.03 -29.29
N VAL A 169 24.35 -31.24 -28.20
CA VAL A 169 25.02 -31.66 -26.98
C VAL A 169 24.03 -32.49 -26.21
N SER A 170 24.45 -33.69 -25.79
CA SER A 170 23.54 -34.59 -25.09
C SER A 170 23.57 -34.39 -23.59
N GLY A 171 24.65 -33.82 -23.04
CA GLY A 171 24.66 -33.45 -21.61
C GLY A 171 24.30 -31.98 -21.36
N SER A 172 24.79 -31.39 -20.26
CA SER A 172 24.65 -29.92 -20.08
C SER A 172 25.41 -29.11 -21.10
N ALA A 173 24.80 -27.99 -21.45
CA ALA A 173 25.43 -27.04 -22.33
C ALA A 173 24.85 -25.68 -21.98
N THR A 174 25.71 -24.65 -22.05
CA THR A 174 25.30 -23.26 -21.82
C THR A 174 25.70 -22.41 -23.02
N GLY A 175 24.76 -21.58 -23.46
CA GLY A 175 25.06 -20.65 -24.57
C GLY A 175 26.05 -19.55 -24.21
N ILE A 176 25.74 -18.74 -23.19
CA ILE A 176 26.63 -17.55 -22.94
C ILE A 176 26.85 -17.45 -21.48
N HIS A 177 28.12 -17.41 -21.05
CA HIS A 177 28.46 -17.05 -19.66
C HIS A 177 28.61 -15.51 -19.62
N TRP A 178 27.54 -14.85 -19.19
CA TRP A 178 27.37 -13.41 -19.39
C TRP A 178 27.53 -12.73 -18.05
N GLN A 179 28.73 -12.87 -17.47
CA GLN A 179 29.07 -12.34 -16.17
C GLN A 179 29.68 -10.96 -16.49
N VAL A 180 28.80 -9.95 -16.57
CA VAL A 180 29.14 -8.64 -17.05
C VAL A 180 28.54 -7.52 -16.19
N SER A 181 29.02 -6.32 -16.45
CA SER A 181 28.53 -5.10 -15.81
C SER A 181 28.03 -4.09 -16.87
N GLN A 182 28.25 -2.79 -16.69
CA GLN A 182 27.63 -1.80 -17.53
C GLN A 182 28.34 -1.73 -18.89
N ALA A 183 27.74 -0.98 -19.83
CA ALA A 183 28.17 -0.85 -21.22
C ALA A 183 28.38 -2.23 -21.88
N THR A 184 27.39 -3.08 -21.73
CA THR A 184 27.36 -4.40 -22.35
C THR A 184 25.96 -4.59 -22.87
N SER A 185 25.81 -5.32 -23.99
CA SER A 185 24.48 -5.71 -24.50
C SER A 185 24.54 -7.10 -25.16
N LEU A 186 23.43 -7.81 -25.12
CA LEU A 186 23.13 -8.96 -25.98
C LEU A 186 21.92 -8.44 -26.78
N ILE A 187 21.99 -8.60 -28.10
CA ILE A 187 21.02 -8.06 -29.03
C ILE A 187 20.73 -9.13 -30.08
N ASN A 188 19.45 -9.46 -30.31
CA ASN A 188 19.03 -10.25 -31.48
C ASN A 188 19.70 -11.65 -31.56
N ILE A 189 19.43 -12.49 -30.58
CA ILE A 189 20.01 -13.82 -30.49
C ILE A 189 18.90 -14.80 -30.29
N VAL A 190 18.93 -15.90 -31.03
CA VAL A 190 17.99 -17.05 -30.81
C VAL A 190 18.73 -18.24 -30.21
N PHE A 191 18.32 -18.72 -29.04
CA PHE A 191 18.93 -19.86 -28.40
C PHE A 191 18.08 -21.10 -28.75
N GLN A 192 18.71 -22.09 -29.40
CA GLN A 192 18.05 -23.36 -29.80
C GLN A 192 18.54 -24.44 -28.88
N MET A 193 17.63 -24.95 -28.07
CA MET A 193 17.99 -25.88 -27.04
C MET A 193 17.08 -27.10 -27.15
N SER A 194 17.54 -28.21 -26.59
CA SER A 194 16.77 -29.46 -26.55
C SER A 194 15.46 -29.27 -25.81
N THR A 195 14.38 -29.90 -26.25
CA THR A 195 13.19 -29.98 -25.39
C THR A 195 12.98 -31.41 -24.82
N ALA A 196 14.00 -32.24 -24.93
CA ALA A 196 13.95 -33.58 -24.41
C ALA A 196 13.76 -33.58 -22.90
N ALA A 197 12.91 -34.49 -22.39
CA ALA A 197 12.74 -34.67 -20.94
C ALA A 197 14.11 -34.81 -20.24
N GLY A 198 14.35 -33.97 -19.24
CA GLY A 198 15.54 -34.03 -18.45
C GLY A 198 16.77 -33.38 -19.03
N ASN A 199 16.67 -32.78 -20.22
CA ASN A 199 17.80 -32.08 -20.81
C ASN A 199 18.42 -31.05 -19.87
N GLN A 200 19.68 -30.74 -20.11
CA GLN A 200 20.36 -29.82 -19.21
C GLN A 200 20.88 -28.63 -20.01
N HIS A 201 20.08 -28.15 -20.97
CA HIS A 201 20.46 -26.96 -21.72
C HIS A 201 20.05 -25.68 -20.99
N GLN A 202 20.93 -24.69 -21.05
CA GLN A 202 20.76 -23.38 -20.40
C GLN A 202 21.21 -22.27 -21.36
N GLY A 203 20.34 -21.27 -21.57
CA GLY A 203 20.61 -20.20 -22.51
C GLY A 203 21.75 -19.32 -22.02
N ILE A 204 21.58 -18.72 -20.84
CA ILE A 204 22.55 -17.81 -20.30
C ILE A 204 22.81 -18.28 -18.91
N PHE A 205 24.07 -18.22 -18.49
CA PHE A 205 24.41 -18.41 -17.12
C PHE A 205 25.02 -17.10 -16.66
N MET A 206 24.46 -16.49 -15.60
CA MET A 206 24.98 -15.21 -15.10
C MET A 206 24.94 -15.27 -13.58
N GLU A 207 26.11 -15.36 -12.95
CA GLU A 207 26.18 -15.64 -11.53
C GLU A 207 26.35 -14.37 -10.71
N ASN A 208 26.95 -13.35 -11.29
CA ASN A 208 27.10 -12.06 -10.61
C ASN A 208 27.38 -10.94 -11.61
N GLY A 209 27.67 -9.74 -11.12
CA GLY A 209 28.01 -8.61 -11.97
C GLY A 209 27.25 -7.38 -11.50
N SER A 210 27.38 -6.28 -12.24
CA SER A 210 26.70 -5.04 -11.91
C SER A 210 26.22 -4.46 -13.24
N GLY A 211 25.10 -4.95 -13.76
CA GLY A 211 24.72 -4.59 -15.15
C GLY A 211 24.04 -3.20 -15.22
N GLY A 212 23.53 -2.83 -16.39
CA GLY A 212 23.49 -3.64 -17.58
C GLY A 212 22.15 -3.59 -18.27
N PHE A 213 22.20 -3.73 -19.58
CA PHE A 213 21.02 -3.88 -20.43
C PHE A 213 21.21 -5.12 -21.33
N LEU A 214 20.16 -5.89 -21.54
CA LEU A 214 20.11 -6.77 -22.70
C LEU A 214 18.64 -6.93 -23.19
N GLY A 215 18.44 -7.31 -24.43
CA GLY A 215 17.07 -7.44 -24.89
C GLY A 215 17.05 -8.04 -26.29
N ASP A 216 15.84 -8.31 -26.76
CA ASP A 216 15.59 -8.78 -28.14
C ASP A 216 16.15 -10.18 -28.41
N LEU A 217 15.94 -11.08 -27.47
CA LEU A 217 16.42 -12.46 -27.55
C LEU A 217 15.24 -13.43 -27.59
N VAL A 218 15.44 -14.59 -28.23
CA VAL A 218 14.40 -15.66 -28.25
C VAL A 218 15.06 -16.95 -27.76
N PHE A 219 14.49 -17.60 -26.76
CA PHE A 219 15.00 -18.82 -26.22
C PHE A 219 13.97 -19.90 -26.60
N ASN A 220 14.45 -20.92 -27.35
CA ASN A 220 13.62 -22.10 -27.72
C ASN A 220 14.11 -23.38 -27.07
N GLY A 221 13.38 -23.79 -26.04
CA GLY A 221 13.65 -25.05 -25.39
C GLY A 221 14.50 -24.89 -24.15
N GLY A 222 15.14 -25.96 -23.74
CA GLY A 222 16.06 -25.94 -22.62
C GLY A 222 15.45 -26.24 -21.27
N ASN A 223 16.29 -26.61 -20.32
CA ASN A 223 15.89 -26.71 -18.95
C ASN A 223 15.69 -25.28 -18.33
N ILE A 224 16.62 -24.36 -18.61
CA ILE A 224 16.62 -23.00 -18.04
C ILE A 224 16.93 -22.05 -19.18
N GLY A 225 16.05 -21.09 -19.45
CA GLY A 225 16.31 -20.11 -20.52
C GLY A 225 17.50 -19.25 -20.07
N ALA A 226 17.38 -18.63 -18.90
CA ALA A 226 18.46 -17.83 -18.34
C ALA A 226 18.56 -18.00 -16.82
N THR A 227 19.75 -18.34 -16.33
CA THR A 227 20.08 -18.13 -14.93
C THR A 227 20.68 -16.71 -14.85
N PHE A 228 20.06 -15.89 -14.01
CA PHE A 228 20.45 -14.48 -13.78
C PHE A 228 20.79 -14.24 -12.28
N GLY A 229 21.99 -13.78 -12.01
CA GLY A 229 22.38 -13.31 -10.72
C GLY A 229 23.28 -12.11 -10.99
N ASN A 230 22.89 -10.96 -10.47
CA ASN A 230 23.55 -9.70 -10.76
C ASN A 230 22.84 -8.67 -9.91
N GLN A 231 23.57 -7.63 -9.55
CA GLN A 231 23.07 -6.52 -8.79
C GLN A 231 21.77 -5.96 -9.36
N GLN A 232 21.80 -5.57 -10.65
CA GLN A 232 20.71 -4.89 -11.36
C GLN A 232 20.90 -5.06 -12.86
N PHE A 233 19.80 -5.04 -13.59
CA PHE A 233 19.84 -5.17 -15.01
C PHE A 233 18.46 -4.71 -15.46
N THR A 234 18.36 -4.27 -16.72
CA THR A 234 17.13 -4.03 -17.39
C THR A 234 17.18 -4.98 -18.58
N VAL A 235 16.03 -5.56 -18.90
CA VAL A 235 15.93 -6.61 -19.84
C VAL A 235 14.70 -6.27 -20.71
N ARG A 236 14.84 -6.15 -22.03
CA ARG A 236 13.68 -5.74 -22.87
C ARG A 236 13.40 -6.79 -23.94
N ASN A 237 12.14 -7.25 -24.01
CA ASN A 237 11.76 -8.03 -25.15
C ASN A 237 12.55 -9.34 -25.23
N LEU A 238 12.40 -10.15 -24.20
CA LEU A 238 12.84 -11.55 -24.27
C LEU A 238 11.61 -12.46 -24.42
N THR A 239 11.78 -13.55 -25.19
CA THR A 239 10.75 -14.56 -25.43
C THR A 239 11.29 -15.94 -25.08
N PHE A 240 10.55 -16.64 -24.25
CA PHE A 240 10.94 -17.97 -23.74
C PHE A 240 9.83 -18.88 -24.18
N ASN A 241 10.20 -19.90 -24.97
CA ASN A 241 9.25 -20.93 -25.49
C ASN A 241 9.73 -22.30 -25.05
N ASN A 242 8.84 -23.08 -24.42
CA ASN A 242 9.06 -24.55 -24.22
C ASN A 242 10.26 -24.84 -23.35
N ALA A 243 10.44 -23.99 -22.36
CA ALA A 243 11.46 -24.15 -21.34
C ALA A 243 10.88 -24.79 -20.09
N ASN A 244 11.76 -25.40 -19.33
CA ASN A 244 11.34 -25.75 -18.01
C ASN A 244 11.13 -24.51 -17.12
N THR A 245 12.23 -23.79 -16.88
CA THR A 245 12.17 -22.50 -16.23
C THR A 245 12.67 -21.53 -17.27
N ALA A 246 11.82 -20.57 -17.59
CA ALA A 246 12.24 -19.45 -18.39
C ALA A 246 13.45 -18.74 -17.71
N ILE A 247 13.26 -18.25 -16.50
CA ILE A 247 14.22 -17.41 -15.82
C ILE A 247 14.46 -17.95 -14.42
N ASN A 248 15.70 -18.36 -14.15
CA ASN A 248 16.11 -18.86 -12.84
C ASN A 248 16.92 -17.71 -12.21
N ALA A 249 16.20 -16.87 -11.50
CA ALA A 249 16.84 -15.71 -10.89
C ALA A 249 17.31 -16.09 -9.49
N ILE A 250 18.62 -16.10 -9.29
CA ILE A 250 19.25 -16.59 -8.07
C ILE A 250 19.52 -15.50 -7.03
N TRP A 251 19.89 -14.29 -7.45
CA TRP A 251 20.00 -13.19 -6.52
C TRP A 251 19.96 -11.85 -7.25
N ASN A 252 19.60 -10.77 -6.52
CA ASN A 252 19.79 -9.44 -7.05
C ASN A 252 19.49 -8.41 -5.99
N TRP A 253 19.76 -7.13 -6.30
CA TRP A 253 19.27 -6.05 -5.45
C TRP A 253 17.98 -5.57 -6.10
N GLY A 254 17.92 -5.48 -7.43
CA GLY A 254 16.66 -5.12 -8.13
C GLY A 254 16.86 -5.07 -9.64
N TRP A 255 15.91 -5.60 -10.42
CA TRP A 255 15.98 -5.63 -11.90
C TRP A 255 14.67 -5.11 -12.48
N THR A 256 14.66 -4.72 -13.76
CA THR A 256 13.40 -4.37 -14.46
C THR A 256 13.30 -5.26 -15.69
N PHE A 257 12.13 -5.87 -15.92
CA PHE A 257 11.88 -6.73 -17.12
C PHE A 257 10.76 -6.08 -17.90
N GLN A 258 10.99 -5.75 -19.16
CA GLN A 258 9.97 -5.06 -19.94
C GLN A 258 9.67 -5.90 -21.12
N ARG A 259 8.39 -6.02 -21.49
CA ARG A 259 8.00 -6.76 -22.66
C ARG A 259 8.51 -8.25 -22.68
N ILE A 260 8.10 -9.04 -21.71
CA ILE A 260 8.45 -10.45 -21.66
C ILE A 260 7.34 -11.36 -22.20
N THR A 261 7.72 -12.43 -22.88
CA THR A 261 6.74 -13.37 -23.38
C THR A 261 7.20 -14.74 -22.93
N ILE A 262 6.31 -15.48 -22.28
CA ILE A 262 6.66 -16.80 -21.78
C ILE A 262 5.57 -17.71 -22.33
N ASN A 263 5.95 -18.63 -23.23
CA ASN A 263 5.01 -19.63 -23.77
C ASN A 263 5.36 -21.06 -23.43
N ASN A 264 4.41 -21.83 -22.93
CA ASN A 264 4.58 -23.30 -22.73
C ASN A 264 5.76 -23.67 -21.85
N CYS A 265 5.90 -22.98 -20.70
CA CYS A 265 7.00 -23.19 -19.76
C CYS A 265 6.38 -23.77 -18.51
N GLN A 266 7.16 -24.46 -17.68
CA GLN A 266 6.64 -24.93 -16.37
C GLN A 266 6.56 -23.76 -15.38
N VAL A 267 7.68 -23.07 -15.22
CA VAL A 267 7.72 -21.87 -14.39
C VAL A 267 8.27 -20.75 -15.27
N GLY A 268 7.67 -19.57 -15.18
CA GLY A 268 8.23 -18.37 -15.80
C GLY A 268 9.45 -17.81 -15.06
N PHE A 269 9.21 -17.03 -14.01
CA PHE A 269 10.23 -16.52 -13.17
C PHE A 269 10.34 -17.41 -11.93
N ASP A 270 11.50 -18.04 -11.73
CA ASP A 270 11.74 -18.82 -10.49
C ASP A 270 12.63 -18.00 -9.57
N LEU A 271 12.05 -17.42 -8.54
CA LEU A 271 12.73 -16.39 -7.75
C LEU A 271 13.21 -16.97 -6.43
N THR A 272 14.51 -16.84 -6.19
CA THR A 272 15.09 -17.38 -4.98
C THR A 272 14.94 -16.32 -3.90
N GLN A 273 14.28 -16.70 -2.81
CA GLN A 273 14.11 -15.78 -1.72
C GLN A 273 15.28 -15.90 -0.74
N GLY A 274 15.74 -14.78 -0.17
CA GLY A 274 16.87 -14.79 0.77
C GLY A 274 16.48 -14.18 2.12
N GLY A 275 17.48 -13.78 2.90
CA GLY A 275 17.16 -13.08 4.14
C GLY A 275 17.04 -11.56 3.97
N THR A 276 16.69 -10.88 5.06
CA THR A 276 16.47 -9.44 5.06
C THR A 276 17.67 -8.63 5.59
N SER A 277 18.65 -9.30 6.18
CA SER A 277 19.78 -8.56 6.79
C SER A 277 20.95 -8.45 5.84
N ASN A 278 21.74 -7.39 6.02
CA ASN A 278 22.91 -7.21 5.11
C ASN A 278 24.05 -8.19 5.41
N THR A 279 23.93 -8.97 6.48
CA THR A 279 24.97 -9.94 6.84
C THR A 279 24.54 -11.38 6.58
N GLY A 280 23.28 -11.58 6.15
CA GLY A 280 22.76 -12.92 5.89
C GLY A 280 22.83 -13.33 4.43
N ALA A 281 22.15 -14.42 4.09
CA ALA A 281 21.96 -14.94 2.73
C ALA A 281 21.22 -13.93 1.85
N GLN A 282 21.80 -13.69 0.66
CA GLN A 282 21.22 -12.80 -0.34
C GLN A 282 20.47 -13.57 -1.39
N GLY A 283 19.19 -13.25 -1.53
CA GLY A 283 18.42 -13.78 -2.63
C GLY A 283 18.02 -12.70 -3.63
N VAL A 284 16.88 -12.90 -4.25
CA VAL A 284 16.33 -11.91 -5.18
C VAL A 284 15.68 -10.82 -4.35
N GLY A 285 16.29 -9.64 -4.32
CA GLY A 285 15.66 -8.55 -3.57
C GLY A 285 14.40 -7.99 -4.26
N ALA A 286 14.42 -7.78 -5.56
CA ALA A 286 13.36 -7.03 -6.22
C ALA A 286 13.27 -7.38 -7.68
N GLU A 287 12.03 -7.61 -8.16
CA GLU A 287 11.73 -7.72 -9.59
C GLU A 287 10.59 -6.78 -9.90
N ALA A 288 10.74 -6.02 -10.98
CA ALA A 288 9.66 -5.13 -11.42
C ALA A 288 9.43 -5.59 -12.87
N ILE A 289 8.20 -6.03 -13.18
CA ILE A 289 7.92 -6.62 -14.49
C ILE A 289 6.80 -5.83 -15.12
N ILE A 290 6.98 -5.37 -16.34
CA ILE A 290 6.01 -4.48 -16.94
C ILE A 290 5.79 -4.94 -18.35
N ASP A 291 4.52 -5.11 -18.75
CA ASP A 291 4.16 -5.61 -20.08
C ASP A 291 4.70 -7.06 -20.28
N ALA A 292 4.00 -8.04 -19.72
CA ALA A 292 4.35 -9.44 -19.97
C ALA A 292 3.16 -10.16 -20.64
N VAL A 293 3.47 -11.09 -21.55
CA VAL A 293 2.46 -12.01 -22.10
C VAL A 293 2.87 -13.44 -21.70
N VAL A 294 1.94 -14.19 -21.13
CA VAL A 294 2.25 -15.52 -20.60
C VAL A 294 1.12 -16.46 -21.03
N THR A 295 1.48 -17.53 -21.73
CA THR A 295 0.49 -18.50 -22.20
C THR A 295 0.95 -19.91 -21.81
N ASN A 296 -0.03 -20.76 -21.45
CA ASN A 296 0.14 -22.21 -21.14
C ASN A 296 1.38 -22.52 -20.30
N THR A 297 1.44 -21.84 -19.15
CA THR A 297 2.54 -21.90 -18.22
C THR A 297 1.91 -22.22 -16.86
N GLN A 298 2.50 -23.10 -16.08
CA GLN A 298 1.92 -23.47 -14.82
C GLN A 298 1.91 -22.34 -13.78
N THR A 299 3.09 -21.83 -13.45
CA THR A 299 3.28 -20.73 -12.53
C THR A 299 4.01 -19.60 -13.26
N PHE A 300 3.47 -18.38 -13.18
CA PHE A 300 4.12 -17.27 -13.86
C PHE A 300 5.37 -16.88 -13.05
N VAL A 301 5.18 -16.65 -11.75
CA VAL A 301 6.25 -16.27 -10.90
C VAL A 301 6.19 -17.12 -9.67
N ARG A 302 7.29 -17.76 -9.35
CA ARG A 302 7.32 -18.59 -8.15
C ARG A 302 8.42 -18.15 -7.21
N TRP A 303 8.10 -17.92 -5.93
CA TRP A 303 9.13 -17.62 -4.95
C TRP A 303 9.52 -18.88 -4.23
N SER A 304 10.80 -18.93 -3.79
CA SER A 304 11.36 -20.18 -3.22
C SER A 304 10.77 -20.40 -1.84
N GLY A 305 10.31 -19.33 -1.19
CA GLY A 305 9.82 -19.34 0.19
C GLY A 305 8.75 -18.30 0.38
N ALA A 306 7.94 -18.43 1.41
CA ALA A 306 6.83 -17.52 1.68
C ALA A 306 7.22 -16.26 2.46
N SER A 307 6.37 -15.25 2.36
CA SER A 307 6.55 -14.00 3.07
C SER A 307 5.51 -13.92 4.16
N SER A 308 5.99 -13.85 5.38
CA SER A 308 5.13 -13.83 6.56
C SER A 308 4.93 -12.41 7.10
N GLY A 309 4.18 -11.59 6.35
CA GLY A 309 3.69 -10.29 6.87
C GLY A 309 4.69 -9.15 6.99
N HIS A 310 5.89 -9.35 6.46
CA HIS A 310 6.88 -8.29 6.30
C HIS A 310 7.67 -8.57 5.02
N LEU A 311 8.34 -7.54 4.50
CA LEU A 311 9.11 -7.63 3.26
C LEU A 311 10.30 -8.59 3.36
N GLN A 312 10.36 -9.47 2.38
CA GLN A 312 11.43 -10.44 2.27
C GLN A 312 11.47 -10.89 0.80
N GLY A 313 11.82 -9.93 -0.07
CA GLY A 313 11.76 -10.15 -1.54
C GLY A 313 10.53 -9.49 -2.13
N SER A 314 10.75 -8.55 -3.05
CA SER A 314 9.73 -7.57 -3.49
C SER A 314 9.36 -7.92 -4.93
N LEU A 315 8.09 -7.75 -5.31
CA LEU A 315 7.67 -7.94 -6.71
C LEU A 315 6.66 -6.86 -7.12
N VAL A 316 6.80 -6.27 -8.32
CA VAL A 316 5.79 -5.38 -8.90
C VAL A 316 5.45 -5.92 -10.27
N LEU A 317 4.15 -6.04 -10.52
CA LEU A 317 3.63 -6.54 -11.79
C LEU A 317 2.77 -5.44 -12.38
N ASN A 318 3.00 -5.12 -13.64
CA ASN A 318 2.19 -4.15 -14.32
C ASN A 318 1.88 -4.62 -15.70
N ASN A 319 0.59 -4.78 -16.00
CA ASN A 319 0.11 -5.21 -17.31
C ASN A 319 0.57 -6.60 -17.74
N ILE A 320 0.17 -7.57 -16.93
CA ILE A 320 0.47 -8.96 -17.20
C ILE A 320 -0.76 -9.65 -17.83
N GLN A 321 -0.59 -10.07 -19.06
CA GLN A 321 -1.64 -10.79 -19.75
C GLN A 321 -1.41 -12.31 -19.69
N LEU A 322 -2.34 -12.98 -19.03
CA LEU A 322 -2.27 -14.44 -18.82
C LEU A 322 -3.39 -15.18 -19.57
N THR A 323 -3.00 -16.20 -20.33
CA THR A 323 -3.89 -17.15 -20.99
C THR A 323 -3.47 -18.53 -20.51
N ASN A 324 -4.37 -19.24 -19.83
CA ASN A 324 -4.09 -20.59 -19.26
C ASN A 324 -2.84 -20.60 -18.39
N VAL A 325 -2.82 -19.81 -17.32
CA VAL A 325 -1.72 -19.76 -16.35
C VAL A 325 -2.35 -19.90 -14.96
N PRO A 326 -2.48 -21.14 -14.45
CA PRO A 326 -3.15 -21.44 -13.19
C PRO A 326 -2.74 -20.58 -12.01
N VAL A 327 -1.43 -20.47 -11.78
CA VAL A 327 -0.88 -19.71 -10.67
C VAL A 327 -0.15 -18.47 -11.22
N ALA A 328 -0.63 -17.27 -10.91
CA ALA A 328 0.11 -16.02 -11.25
C ALA A 328 1.37 -15.79 -10.35
N VAL A 329 1.20 -15.80 -9.03
CA VAL A 329 2.32 -15.77 -8.09
C VAL A 329 2.11 -16.94 -7.09
N GLY A 330 3.15 -17.74 -6.85
CA GLY A 330 3.02 -18.87 -5.91
C GLY A 330 4.32 -19.16 -5.19
N VAL A 331 4.25 -19.87 -4.08
CA VAL A 331 5.46 -20.21 -3.33
C VAL A 331 5.79 -21.68 -3.74
N LYS A 332 7.08 -21.97 -3.95
CA LYS A 332 7.56 -23.32 -4.27
C LYS A 332 7.02 -24.30 -3.26
N GLY A 333 6.19 -25.23 -3.74
CA GLY A 333 5.57 -26.21 -2.87
C GLY A 333 4.94 -25.54 -1.67
N GLY A 334 4.24 -24.44 -1.89
CA GLY A 334 3.72 -23.61 -0.78
C GLY A 334 2.40 -23.16 -1.32
N PRO A 335 1.81 -22.10 -0.74
CA PRO A 335 0.49 -21.74 -1.27
C PRO A 335 0.52 -20.88 -2.54
N THR A 336 -0.55 -20.94 -3.32
CA THR A 336 -0.80 -19.90 -4.34
C THR A 336 -0.93 -18.53 -3.66
N VAL A 337 -0.21 -17.52 -4.14
CA VAL A 337 -0.33 -16.14 -3.67
C VAL A 337 -1.28 -15.31 -4.54
N LEU A 338 -1.20 -15.46 -5.85
CA LEU A 338 -2.19 -14.84 -6.70
C LEU A 338 -2.59 -15.86 -7.77
N ALA A 339 -3.88 -16.16 -7.79
CA ALA A 339 -4.42 -17.10 -8.74
C ALA A 339 -4.37 -16.42 -10.11
N GLY A 340 -4.23 -17.21 -11.16
CA GLY A 340 -4.13 -16.72 -12.54
C GLY A 340 -5.37 -17.15 -13.30
N GLY A 341 -5.18 -17.84 -14.43
CA GLY A 341 -6.31 -18.25 -15.27
C GLY A 341 -6.10 -17.59 -16.63
N THR A 342 -7.17 -17.06 -17.24
CA THR A 342 -7.07 -16.16 -18.38
C THR A 342 -7.58 -14.79 -17.93
N THR A 343 -6.64 -13.85 -17.71
CA THR A 343 -6.97 -12.55 -17.14
C THR A 343 -5.79 -11.61 -17.31
N THR A 344 -6.00 -10.33 -17.06
CA THR A 344 -4.94 -9.37 -17.19
C THR A 344 -4.67 -8.79 -15.84
N ILE A 345 -3.46 -8.95 -15.31
CA ILE A 345 -3.11 -8.26 -14.06
C ILE A 345 -2.74 -6.79 -14.42
N ASN A 346 -3.49 -5.83 -13.85
CA ASN A 346 -3.18 -4.41 -14.02
C ASN A 346 -1.98 -4.00 -13.14
N SER A 347 -2.13 -4.05 -11.81
CA SER A 347 -1.08 -3.63 -10.91
C SER A 347 -1.14 -4.40 -9.62
N TRP A 348 -0.03 -5.03 -9.25
CA TRP A 348 -0.04 -6.01 -8.18
C TRP A 348 1.35 -5.91 -7.54
N ALA A 349 1.42 -5.95 -6.23
CA ALA A 349 2.73 -5.89 -5.58
C ALA A 349 2.83 -6.77 -4.37
N GLN A 350 4.05 -7.24 -4.12
CA GLN A 350 4.41 -7.81 -2.82
C GLN A 350 5.61 -7.00 -2.22
N GLY A 351 5.45 -6.48 -1.01
CA GLY A 351 6.47 -5.65 -0.36
C GLY A 351 5.79 -4.42 0.22
N ASN A 352 6.57 -3.42 0.64
CA ASN A 352 6.06 -2.29 1.46
C ASN A 352 5.61 -1.12 0.60
N VAL A 353 4.36 -0.71 0.74
CA VAL A 353 3.74 0.34 -0.11
C VAL A 353 3.62 1.61 0.69
N TYR A 354 3.98 2.77 0.13
CA TYR A 354 4.03 4.04 0.88
C TYR A 354 3.20 5.10 0.21
N HIS A 355 2.65 5.99 1.01
CA HIS A 355 1.80 7.08 0.46
C HIS A 355 2.24 8.41 1.05
N GLY A 356 2.59 9.39 0.25
CA GLY A 356 2.84 10.74 0.81
C GLY A 356 4.05 10.88 1.76
N THR A 357 3.86 11.72 2.80
CA THR A 357 4.95 12.13 3.71
C THR A 357 4.89 11.33 5.02
N ASN A 358 3.92 10.44 5.06
CA ASN A 358 3.78 9.45 6.08
C ASN A 358 4.88 8.39 5.97
N GLY A 359 5.67 8.18 6.99
CA GLY A 359 6.71 7.15 6.76
C GLY A 359 6.27 5.71 7.03
N ASN A 360 4.95 5.48 7.10
CA ASN A 360 4.39 4.15 7.41
C ASN A 360 4.35 3.06 6.29
N PRO A 361 5.07 1.93 6.46
CA PRO A 361 4.98 0.79 5.51
C PRO A 361 3.63 0.09 5.52
N THR A 362 3.02 -0.16 4.37
CA THR A 362 1.94 -1.13 4.32
C THR A 362 2.43 -2.39 3.59
N PHE A 363 2.71 -3.44 4.35
CA PHE A 363 3.06 -4.73 3.73
C PHE A 363 1.88 -5.24 2.87
N THR A 364 2.16 -5.54 1.61
CA THR A 364 1.13 -5.76 0.61
C THR A 364 1.49 -7.08 -0.08
N GLN A 365 0.48 -7.90 -0.34
CA GLN A 365 0.50 -9.00 -1.31
C GLN A 365 -0.87 -9.01 -2.00
N GLY A 366 -1.05 -8.09 -2.93
CA GLY A 366 -2.37 -7.74 -3.39
C GLY A 366 -2.28 -6.70 -4.51
N ASN A 367 -3.42 -6.45 -5.16
CA ASN A 367 -3.56 -5.40 -6.12
C ASN A 367 -3.20 -4.09 -5.48
N ILE A 368 -2.67 -3.17 -6.27
CA ILE A 368 -2.35 -1.83 -5.80
C ILE A 368 -3.08 -0.89 -6.71
N ALA A 369 -3.18 0.40 -6.33
CA ALA A 369 -3.84 1.42 -7.16
C ALA A 369 -3.24 1.33 -8.54
N ASN A 370 -4.02 1.45 -9.60
CA ASN A 370 -3.49 1.22 -10.98
C ASN A 370 -2.32 2.14 -11.28
N ILE A 371 -1.18 1.59 -11.71
CA ILE A 371 -0.04 2.43 -12.09
C ILE A 371 -0.34 3.37 -13.27
N ASN A 372 -0.12 4.69 -13.13
CA ASN A 372 -0.33 5.63 -14.28
C ASN A 372 0.76 5.44 -15.31
N ARG A 373 0.32 5.21 -16.55
CA ARG A 373 1.22 5.12 -17.68
C ARG A 373 0.79 6.23 -18.66
N PRO A 374 1.46 7.42 -18.61
CA PRO A 374 1.07 8.53 -19.51
C PRO A 374 1.04 7.99 -20.94
N GLY A 375 -0.01 8.29 -21.71
CA GLY A 375 -0.20 7.76 -23.10
C GLY A 375 0.88 8.04 -24.11
N VAL A 376 1.51 9.24 -24.04
CA VAL A 376 2.68 9.56 -24.91
C VAL A 376 3.85 8.61 -24.79
N LEU A 377 3.91 7.88 -23.68
CA LEU A 377 5.02 6.95 -23.43
C LEU A 377 4.76 5.57 -24.00
N LEU A 378 3.54 5.37 -24.53
CA LEU A 378 2.98 4.04 -24.90
C LEU A 378 2.83 3.95 -26.39
N ASP A 379 3.09 2.76 -26.94
CA ASP A 379 3.02 2.60 -28.37
C ASP A 379 1.55 2.38 -28.74
N SER A 380 1.27 2.15 -30.02
CA SER A 380 -0.11 2.04 -30.51
C SER A 380 -0.80 0.70 -30.17
N THR A 381 -0.10 -0.20 -29.47
CA THR A 381 -0.74 -1.33 -28.80
C THR A 381 -0.89 -1.04 -27.26
N GLY A 382 -0.47 0.12 -26.78
CA GLY A 382 -0.68 0.54 -25.37
C GLY A 382 0.36 0.09 -24.34
N ARG A 383 1.58 -0.19 -24.82
CA ARG A 383 2.67 -0.77 -24.04
C ARG A 383 3.86 0.18 -24.09
N ILE A 384 4.69 0.15 -23.07
CA ILE A 384 5.88 1.00 -23.07
C ILE A 384 6.66 0.75 -24.38
N VAL A 385 7.09 1.84 -25.04
CA VAL A 385 7.75 1.70 -26.33
C VAL A 385 8.97 0.74 -26.20
N SER A 386 9.21 -0.01 -27.27
CA SER A 386 10.22 -1.08 -27.30
C SER A 386 10.90 -0.94 -28.63
N LYS A 387 12.12 -0.46 -28.58
CA LYS A 387 12.79 -0.14 -29.79
C LYS A 387 14.21 -0.65 -29.68
N SER A 388 14.56 -1.48 -30.67
CA SER A 388 15.81 -2.18 -30.66
C SER A 388 16.90 -1.32 -31.29
N HIS A 389 18.14 -1.59 -30.94
CA HIS A 389 19.31 -0.95 -31.58
C HIS A 389 19.22 -1.00 -33.11
N PRO A 390 19.15 0.17 -33.81
CA PRO A 390 19.06 0.16 -35.26
C PRO A 390 20.29 -0.35 -36.02
N GLN A 391 20.09 -1.36 -36.87
CA GLN A 391 21.26 -2.03 -37.55
C GLN A 391 21.33 -1.78 -39.04
N TYR A 392 20.31 -1.08 -39.56
CA TYR A 392 20.23 -0.70 -41.00
C TYR A 392 20.39 -1.93 -41.92
N THR A 393 19.61 -2.97 -41.66
CA THR A 393 19.80 -4.24 -42.39
C THR A 393 19.64 -4.14 -43.93
N GLY A 394 18.71 -3.32 -44.44
CA GLY A 394 18.52 -3.17 -45.89
C GLY A 394 19.33 -2.00 -46.48
N TYR A 395 20.33 -1.50 -45.75
CA TYR A 395 21.27 -0.46 -46.27
C TYR A 395 22.55 -1.11 -46.80
N ALA A 396 23.00 -0.59 -47.94
CA ALA A 396 24.20 -0.99 -48.66
C ALA A 396 25.34 -0.10 -48.18
N PRO A 397 26.60 -0.58 -48.25
CA PRO A 397 27.76 0.24 -47.81
C PRO A 397 27.79 1.63 -48.36
N SER A 398 27.32 1.86 -49.58
CA SER A 398 27.38 3.20 -50.22
C SER A 398 26.32 4.16 -49.65
N ASP A 399 25.45 3.65 -48.77
CA ASP A 399 24.48 4.49 -48.09
C ASP A 399 25.14 5.11 -46.87
N PHE A 400 26.38 4.71 -46.58
CA PHE A 400 27.13 5.20 -45.41
C PHE A 400 28.18 6.20 -45.90
N VAL A 401 28.55 7.15 -45.06
CA VAL A 401 29.78 7.92 -45.38
C VAL A 401 30.77 7.76 -44.20
N SER A 402 32.02 7.53 -44.55
CA SER A 402 33.08 7.30 -43.57
C SER A 402 33.74 8.65 -43.14
N VAL A 403 33.81 8.93 -41.86
CA VAL A 403 34.43 10.17 -41.38
C VAL A 403 35.92 10.16 -41.68
N ARG A 404 36.57 8.98 -41.65
CA ARG A 404 37.99 8.82 -42.04
C ARG A 404 38.21 9.22 -43.51
N SER A 405 37.34 8.75 -44.41
CA SER A 405 37.33 9.18 -45.82
C SER A 405 37.14 10.68 -46.05
N GLN A 406 36.53 11.38 -45.09
CA GLN A 406 36.22 12.81 -45.20
C GLN A 406 37.17 13.63 -44.36
N GLY A 407 38.29 13.04 -43.95
CA GLY A 407 39.36 13.81 -43.35
C GLY A 407 39.44 13.83 -41.85
N ALA A 408 38.56 13.09 -41.14
CA ALA A 408 38.67 13.01 -39.69
C ALA A 408 39.62 11.89 -39.31
N LYS A 409 40.69 12.30 -38.60
CA LYS A 409 41.85 11.44 -38.37
C LYS A 409 41.55 10.40 -37.30
N GLY A 410 40.88 10.75 -36.20
CA GLY A 410 40.55 9.76 -35.19
C GLY A 410 41.78 9.25 -34.45
N ASP A 411 42.86 10.02 -34.52
CA ASP A 411 44.15 9.59 -33.99
C ASP A 411 44.40 10.10 -32.57
N GLY A 412 43.36 10.71 -31.99
CA GLY A 412 43.41 11.26 -30.63
C GLY A 412 44.34 12.47 -30.42
N HIS A 413 44.80 13.12 -31.49
CA HIS A 413 45.80 14.22 -31.38
C HIS A 413 45.42 15.37 -32.29
N THR A 414 45.11 15.04 -33.55
CA THR A 414 44.68 16.01 -34.53
C THR A 414 43.32 16.56 -34.13
N ASP A 415 43.18 17.89 -34.24
CA ASP A 415 41.94 18.56 -34.03
C ASP A 415 41.01 18.23 -35.20
N ASP A 416 39.95 17.49 -34.90
CA ASP A 416 39.07 16.95 -35.94
C ASP A 416 37.80 17.72 -36.06
N THR A 417 37.70 18.85 -35.34
CA THR A 417 36.49 19.68 -35.29
C THR A 417 35.95 20.02 -36.70
N GLN A 418 36.78 20.69 -37.50
CA GLN A 418 36.37 21.12 -38.83
C GLN A 418 35.95 19.96 -39.75
N ALA A 419 36.76 18.89 -39.79
CA ALA A 419 36.45 17.75 -40.66
C ALA A 419 35.10 17.16 -40.30
N ILE A 420 34.80 17.04 -38.99
CA ILE A 420 33.56 16.50 -38.49
C ILE A 420 32.37 17.40 -38.76
N LYS A 421 32.54 18.70 -38.48
CA LYS A 421 31.53 19.72 -38.77
C LYS A 421 31.09 19.66 -40.20
N ASN A 422 32.09 19.52 -41.09
CA ASN A 422 31.92 19.45 -42.54
C ASN A 422 31.18 18.19 -42.93
N VAL A 423 31.47 17.06 -42.28
CA VAL A 423 30.71 15.80 -42.55
C VAL A 423 29.21 16.07 -42.32
N PHE A 424 28.86 16.73 -41.23
CA PHE A 424 27.47 17.02 -40.91
C PHE A 424 26.80 17.98 -41.88
N ALA A 425 27.52 19.06 -42.22
CA ALA A 425 27.06 20.02 -43.18
C ALA A 425 26.86 19.38 -44.57
N LYS A 426 27.71 18.46 -44.98
CA LYS A 426 27.53 17.81 -46.29
C LYS A 426 26.55 16.63 -46.32
N TYR A 427 26.44 15.87 -45.21
CA TYR A 427 25.82 14.53 -45.27
C TYR A 427 24.70 14.23 -44.31
N ALA A 428 24.43 15.11 -43.33
CA ALA A 428 23.37 14.84 -42.40
C ALA A 428 22.06 14.64 -43.17
N GLY A 429 21.51 13.44 -43.08
CA GLY A 429 20.19 13.15 -43.62
C GLY A 429 20.37 12.56 -44.99
N CYS A 430 21.62 12.54 -45.48
CA CYS A 430 21.92 12.14 -46.86
C CYS A 430 22.51 10.72 -46.93
N LYS A 431 23.33 10.42 -45.91
CA LYS A 431 24.05 9.16 -45.74
C LYS A 431 24.06 8.88 -44.26
N ILE A 432 24.14 7.61 -43.87
CA ILE A 432 24.38 7.23 -42.49
C ILE A 432 25.86 7.59 -42.24
N ILE A 433 26.14 8.29 -41.11
CA ILE A 433 27.48 8.81 -40.84
C ILE A 433 28.18 7.78 -39.98
N PHE A 434 29.20 7.17 -40.56
CA PHE A 434 29.94 6.08 -39.94
C PHE A 434 31.23 6.63 -39.28
N PHE A 435 31.23 6.69 -37.96
CA PHE A 435 32.46 7.01 -37.25
C PHE A 435 33.29 5.75 -37.11
N ASP A 436 34.24 5.59 -38.01
CA ASP A 436 35.26 4.55 -37.89
C ASP A 436 35.86 4.62 -36.49
N ALA A 437 36.21 3.47 -35.92
CA ALA A 437 36.85 3.49 -34.62
C ALA A 437 37.98 4.56 -34.53
N GLY A 438 38.12 5.20 -33.38
CA GLY A 438 39.18 6.17 -33.19
C GLY A 438 38.70 7.11 -32.15
N THR A 439 39.60 7.99 -31.73
CA THR A 439 39.29 9.06 -30.82
C THR A 439 39.46 10.39 -31.54
N TYR A 440 38.38 11.17 -31.57
CA TYR A 440 38.24 12.32 -32.42
C TYR A 440 38.23 13.57 -31.52
N ILE A 441 39.34 14.31 -31.50
CA ILE A 441 39.50 15.51 -30.67
C ILE A 441 38.72 16.69 -31.23
N VAL A 442 37.82 17.26 -30.43
CA VAL A 442 37.09 18.44 -30.87
C VAL A 442 37.29 19.59 -29.89
N THR A 443 37.33 20.81 -30.40
CA THR A 443 37.58 22.00 -29.57
C THR A 443 36.43 23.05 -29.63
N ASP A 444 35.37 22.70 -30.37
CA ASP A 444 34.15 23.50 -30.45
C ASP A 444 32.93 22.57 -30.49
N THR A 445 31.77 23.13 -30.19
CA THR A 445 30.49 22.40 -30.28
C THR A 445 30.31 21.62 -31.60
N ILE A 446 29.98 20.34 -31.47
CA ILE A 446 29.63 19.53 -32.63
C ILE A 446 28.11 19.40 -32.65
N GLN A 447 27.44 20.15 -33.51
CA GLN A 447 25.99 20.03 -33.69
C GLN A 447 25.60 18.87 -34.60
N ILE A 448 24.90 17.88 -34.05
CA ILE A 448 24.33 16.82 -34.89
C ILE A 448 22.93 17.28 -35.33
N PRO A 449 22.73 17.59 -36.63
CA PRO A 449 21.41 18.16 -37.02
C PRO A 449 20.29 17.12 -36.94
N ALA A 450 19.05 17.56 -36.63
CA ALA A 450 17.84 16.74 -36.79
C ALA A 450 17.88 16.01 -38.13
N GLY A 451 17.41 14.76 -38.18
CA GLY A 451 17.59 14.00 -39.45
C GLY A 451 18.77 13.05 -39.52
N THR A 452 19.71 13.12 -38.59
CA THR A 452 20.99 12.38 -38.73
C THR A 452 20.96 10.95 -38.18
N GLN A 453 21.55 10.00 -38.88
CA GLN A 453 21.82 8.72 -38.25
C GLN A 453 23.36 8.53 -38.16
N ILE A 454 23.84 8.23 -36.96
CA ILE A 454 25.28 8.06 -36.68
C ILE A 454 25.58 6.64 -36.20
N VAL A 455 26.64 6.02 -36.69
CA VAL A 455 26.98 4.66 -36.29
C VAL A 455 28.49 4.64 -36.04
N GLY A 456 28.91 4.22 -34.85
CA GLY A 456 30.32 3.93 -34.56
C GLY A 456 30.76 2.46 -34.79
N GLU A 457 32.00 2.15 -34.44
CA GLU A 457 32.62 0.86 -34.64
C GLU A 457 33.34 0.50 -33.34
N VAL A 458 32.60 -0.05 -32.39
CA VAL A 458 33.10 -0.54 -31.06
C VAL A 458 33.75 0.52 -30.15
N TRP A 459 34.66 1.34 -30.68
CA TRP A 459 35.27 2.41 -29.84
C TRP A 459 35.53 3.64 -30.71
N SER A 460 34.48 4.43 -30.90
CA SER A 460 34.48 5.60 -31.73
C SER A 460 34.15 6.73 -30.76
N VAL A 461 35.11 7.57 -30.39
CA VAL A 461 34.99 8.52 -29.29
C VAL A 461 35.07 9.95 -29.80
N ILE A 462 34.12 10.82 -29.43
CA ILE A 462 34.28 12.25 -29.61
C ILE A 462 34.65 12.86 -28.27
N MET A 463 35.83 13.45 -28.27
CA MET A 463 36.48 13.93 -27.06
C MET A 463 36.64 15.47 -27.15
N GLY A 464 35.79 16.20 -26.43
CA GLY A 464 35.89 17.67 -26.31
C GLY A 464 36.97 18.15 -25.37
N THR A 465 37.69 19.19 -25.74
CA THR A 465 38.81 19.67 -24.96
C THR A 465 39.06 21.15 -25.26
N GLY A 466 39.93 21.80 -24.48
CA GLY A 466 40.29 23.18 -24.72
C GLY A 466 39.33 24.24 -24.19
N SER A 467 39.75 25.50 -24.34
CA SER A 467 39.14 26.63 -23.64
C SER A 467 37.64 26.85 -23.82
N LYS A 468 37.03 26.34 -24.87
CA LYS A 468 35.56 26.44 -24.97
C LYS A 468 34.90 25.68 -23.82
N PHE A 469 35.63 24.76 -23.20
CA PHE A 469 35.01 23.83 -22.23
C PHE A 469 35.56 23.86 -20.78
N THR A 470 36.35 24.89 -20.42
CA THR A 470 37.08 24.85 -19.15
C THR A 470 36.45 25.73 -18.06
N ASP A 471 35.39 26.46 -18.40
CA ASP A 471 34.89 27.48 -17.51
C ASP A 471 33.52 27.08 -16.97
N TYR A 472 33.46 26.66 -15.70
CA TYR A 472 32.17 26.32 -15.08
C TYR A 472 31.14 27.46 -14.98
N ASN A 473 31.57 28.70 -15.17
CA ASN A 473 30.66 29.84 -15.04
C ASN A 473 29.97 30.03 -16.38
N ASN A 474 30.64 29.57 -17.44
CA ASN A 474 30.09 29.53 -18.79
C ASN A 474 29.99 28.11 -19.43
N PRO A 475 29.15 27.21 -18.87
CA PRO A 475 29.26 25.84 -19.44
C PRO A 475 28.82 25.77 -20.90
N GLN A 476 29.48 24.93 -21.71
CA GLN A 476 29.29 24.86 -23.18
C GLN A 476 29.16 23.42 -23.68
N PRO A 477 28.24 23.15 -24.66
CA PRO A 477 28.00 21.76 -25.09
C PRO A 477 29.08 21.21 -26.03
N VAL A 478 29.54 19.99 -25.75
CA VAL A 478 30.49 19.34 -26.62
C VAL A 478 29.74 18.78 -27.83
N ILE A 479 28.66 18.02 -27.57
CA ILE A 479 27.76 17.54 -28.61
C ILE A 479 26.37 18.22 -28.41
N GLN A 480 25.81 18.76 -29.49
CA GLN A 480 24.46 19.26 -29.46
C GLN A 480 23.59 18.35 -30.35
N VAL A 481 22.62 17.65 -29.78
CA VAL A 481 21.82 16.69 -30.61
C VAL A 481 20.55 17.42 -31.14
N GLY A 482 20.60 17.87 -32.39
CA GLY A 482 19.60 18.76 -33.01
C GLY A 482 19.75 20.22 -32.58
N ALA A 483 19.30 21.16 -33.41
CA ALA A 483 19.26 22.55 -32.95
C ALA A 483 18.10 22.74 -31.97
N PRO A 484 18.13 23.80 -31.15
CA PRO A 484 16.95 24.02 -30.30
C PRO A 484 15.68 24.16 -31.17
N GLY A 485 14.59 23.59 -30.69
CA GLY A 485 13.30 23.63 -31.44
C GLY A 485 13.14 22.61 -32.56
N SER A 486 14.18 21.81 -32.84
CA SER A 486 14.22 20.93 -34.00
C SER A 486 13.47 19.65 -33.72
N SER A 487 13.20 18.92 -34.79
CA SER A 487 12.29 17.80 -34.76
C SER A 487 12.77 16.81 -35.85
N GLY A 488 12.75 15.50 -35.64
CA GLY A 488 13.33 14.64 -36.71
C GLY A 488 13.90 13.34 -36.21
N VAL A 489 14.30 12.45 -37.11
CA VAL A 489 14.95 11.22 -36.74
C VAL A 489 16.39 11.62 -36.33
N VAL A 490 16.82 11.24 -35.12
CA VAL A 490 18.25 11.23 -34.76
C VAL A 490 18.57 9.90 -34.11
N GLU A 491 19.26 9.00 -34.80
CA GLU A 491 19.65 7.75 -34.15
C GLU A 491 21.14 7.69 -34.00
N ILE A 492 21.61 7.46 -32.76
CA ILE A 492 23.04 7.35 -32.47
C ILE A 492 23.32 5.94 -31.95
N THR A 493 24.20 5.20 -32.61
CA THR A 493 24.61 3.87 -32.12
C THR A 493 26.17 3.70 -32.06
N ASP A 494 26.62 2.97 -31.04
CA ASP A 494 28.02 2.66 -30.80
C ASP A 494 28.93 3.84 -30.76
N MET A 495 28.55 4.85 -29.97
CA MET A 495 29.37 6.08 -29.82
C MET A 495 29.74 6.29 -28.36
N ILE A 496 30.86 6.99 -28.13
CA ILE A 496 31.31 7.41 -26.79
C ILE A 496 31.48 8.90 -26.86
N PHE A 497 30.89 9.64 -25.93
CA PHE A 497 31.05 11.08 -25.84
C PHE A 497 31.77 11.45 -24.53
N THR A 498 32.86 12.18 -24.63
CA THR A 498 33.69 12.38 -23.49
C THR A 498 34.45 13.71 -23.56
N THR A 499 35.41 13.90 -22.67
CA THR A 499 36.26 15.10 -22.64
C THR A 499 37.73 14.71 -22.40
N ARG A 500 38.64 15.61 -22.77
CA ARG A 500 40.04 15.59 -22.31
C ARG A 500 40.18 16.78 -21.37
N GLY A 501 40.48 16.44 -20.10
CA GLY A 501 40.50 17.41 -19.02
C GLY A 501 41.72 18.31 -19.10
N PRO A 502 41.74 19.40 -18.31
CA PRO A 502 40.57 19.80 -17.57
C PRO A 502 39.44 20.27 -18.50
N ALA A 503 38.21 20.08 -18.05
CA ALA A 503 37.08 20.57 -18.80
C ALA A 503 35.89 20.91 -17.87
N ALA A 504 36.10 21.82 -16.91
CA ALA A 504 35.05 22.17 -15.93
C ALA A 504 33.70 22.75 -16.51
N GLY A 505 33.69 23.14 -17.78
CA GLY A 505 32.55 23.81 -18.41
C GLY A 505 31.86 22.92 -19.43
N ALA A 506 32.35 21.70 -19.63
CA ALA A 506 31.77 20.76 -20.58
C ALA A 506 30.37 20.25 -20.20
N ILE A 507 29.37 20.62 -20.98
CA ILE A 507 28.07 19.90 -21.01
C ILE A 507 28.28 18.86 -22.13
N ILE A 508 28.51 17.60 -21.78
CA ILE A 508 29.02 16.67 -22.83
C ILE A 508 27.96 16.46 -23.94
N VAL A 509 26.70 16.32 -23.59
CA VAL A 509 25.65 16.13 -24.61
C VAL A 509 24.44 17.01 -24.26
N GLU A 510 24.11 17.89 -25.18
CA GLU A 510 22.91 18.71 -25.01
C GLU A 510 21.86 18.18 -25.99
N TRP A 511 20.76 17.65 -25.50
CA TRP A 511 19.89 16.92 -26.44
C TRP A 511 18.64 17.77 -26.64
N ASN A 512 18.43 18.23 -27.88
CA ASN A 512 17.35 19.18 -28.18
C ASN A 512 16.27 18.61 -29.03
N VAL A 513 16.63 17.67 -29.89
CA VAL A 513 15.74 17.18 -30.93
C VAL A 513 14.49 16.50 -30.34
N HIS A 514 13.36 16.62 -31.04
CA HIS A 514 12.10 15.99 -30.63
C HIS A 514 11.68 14.99 -31.70
N ASP A 515 10.97 13.91 -31.34
CA ASP A 515 10.37 13.01 -32.37
C ASP A 515 9.62 13.79 -33.43
N PRO A 516 9.71 13.39 -34.71
CA PRO A 516 8.73 14.04 -35.59
C PRO A 516 7.30 13.57 -35.26
N SER A 517 6.31 14.41 -35.52
CA SER A 517 4.90 13.98 -35.53
C SER A 517 4.64 12.54 -35.98
N GLY A 518 4.08 11.71 -35.09
CA GLY A 518 3.80 10.31 -35.45
C GLY A 518 4.95 9.31 -35.68
N GLN A 519 6.14 9.58 -35.11
CA GLN A 519 7.19 8.56 -35.10
C GLN A 519 7.85 8.54 -33.76
N GLN A 520 7.44 7.59 -32.93
CA GLN A 520 7.90 7.46 -31.57
C GLN A 520 9.31 6.92 -31.47
N ALA A 521 10.16 7.51 -30.62
CA ALA A 521 11.56 7.04 -30.45
C ALA A 521 12.34 7.09 -31.73
N ALA A 522 11.96 7.98 -32.62
CA ALA A 522 12.73 8.27 -33.81
C ALA A 522 14.02 9.02 -33.44
N ALA A 523 14.06 9.62 -32.24
CA ALA A 523 15.26 10.26 -31.69
C ALA A 523 15.75 9.44 -30.45
N GLY A 524 16.95 8.86 -30.54
CA GLY A 524 17.41 7.99 -29.48
C GLY A 524 18.85 7.52 -29.59
N ALA A 525 19.37 6.89 -28.54
CA ALA A 525 20.74 6.36 -28.61
C ALA A 525 20.80 4.95 -28.06
N TRP A 526 21.64 4.09 -28.66
CA TRP A 526 21.79 2.67 -28.26
C TRP A 526 23.30 2.36 -28.19
N ASP A 527 23.73 1.60 -27.21
CA ASP A 527 25.16 1.28 -26.99
C ASP A 527 26.01 2.57 -27.08
N THR A 528 25.51 3.64 -26.46
CA THR A 528 26.13 4.93 -26.57
C THR A 528 26.29 5.43 -25.15
N HIS A 529 27.52 5.76 -24.77
CA HIS A 529 27.86 6.05 -23.38
C HIS A 529 28.70 7.34 -23.23
N LEU A 530 28.67 7.88 -22.03
CA LEU A 530 29.51 8.99 -21.69
C LEU A 530 30.51 8.46 -20.66
N ILE A 531 31.68 8.07 -21.16
CA ILE A 531 32.69 7.42 -20.33
C ILE A 531 33.66 8.55 -19.98
N ILE A 532 33.52 9.13 -18.79
CA ILE A 532 34.13 10.44 -18.44
C ILE A 532 35.35 10.24 -17.56
N GLY A 533 36.54 10.46 -18.14
CA GLY A 533 37.83 10.19 -17.52
C GLY A 533 38.16 8.71 -17.39
N GLY A 534 39.32 8.45 -16.79
CA GLY A 534 39.77 7.12 -16.40
C GLY A 534 40.30 6.33 -17.57
N THR A 535 40.53 7.02 -18.69
CA THR A 535 40.95 6.31 -19.90
C THR A 535 42.27 6.89 -20.44
N ALA A 536 42.95 6.09 -21.25
CA ALA A 536 44.25 6.46 -21.85
C ALA A 536 44.23 7.90 -22.44
N GLN A 537 45.26 8.68 -22.10
CA GLN A 537 45.44 10.00 -22.70
C GLN A 537 44.22 10.95 -22.65
N SER A 538 43.44 10.85 -21.56
CA SER A 538 42.29 11.71 -21.34
C SER A 538 42.61 12.93 -20.46
N GLY A 539 43.83 12.99 -19.92
CA GLY A 539 44.18 13.92 -18.83
C GLY A 539 43.47 13.69 -17.51
N LEU A 540 42.78 12.56 -17.37
CA LEU A 540 41.95 12.29 -16.20
C LEU A 540 42.18 10.88 -15.64
N GLN A 541 43.47 10.54 -15.51
CA GLN A 541 43.93 9.22 -15.10
C GLN A 541 44.62 9.33 -13.78
N VAL A 542 45.06 8.19 -13.22
CA VAL A 542 45.51 8.18 -11.81
C VAL A 542 46.77 9.07 -11.68
N GLY A 543 47.55 9.19 -12.75
CA GLY A 543 48.76 9.99 -12.75
C GLY A 543 48.53 11.50 -12.68
N GLN A 544 47.34 11.96 -13.07
CA GLN A 544 46.90 13.37 -12.91
C GLN A 544 46.00 13.61 -11.69
N CYS A 545 45.20 12.59 -11.31
CA CYS A 545 44.07 12.80 -10.35
C CYS A 545 44.01 11.78 -9.20
N PRO A 546 45.08 11.69 -8.40
CA PRO A 546 45.09 10.70 -7.27
C PRO A 546 43.96 10.96 -6.29
N THR A 547 43.60 9.93 -5.52
CA THR A 547 42.46 10.05 -4.60
C THR A 547 42.76 11.06 -3.47
N SER A 548 44.04 11.43 -3.31
CA SER A 548 44.48 12.49 -2.40
C SER A 548 43.89 13.84 -2.73
N GLY A 549 43.44 14.00 -3.97
CA GLY A 549 42.87 15.26 -4.47
C GLY A 549 43.97 16.24 -4.87
N ALA A 550 45.22 15.77 -4.93
CA ALA A 550 46.38 16.63 -5.17
C ALA A 550 46.36 17.31 -6.54
N GLY A 551 45.65 16.69 -7.50
CA GLY A 551 45.53 17.20 -8.88
C GLY A 551 44.65 18.43 -8.96
N GLY A 552 43.81 18.67 -7.96
CA GLY A 552 43.06 19.95 -7.85
C GLY A 552 42.26 20.31 -9.08
N ASN A 553 42.61 21.44 -9.71
CA ASN A 553 41.84 22.04 -10.81
C ASN A 553 42.09 21.39 -12.17
N ASN A 554 43.04 20.47 -12.22
CA ASN A 554 43.30 19.64 -13.34
C ASN A 554 42.27 18.51 -13.51
N CYS A 555 41.51 18.25 -12.49
CA CYS A 555 40.75 17.00 -12.37
C CYS A 555 39.28 17.25 -12.55
N PHE A 556 38.96 18.49 -12.97
CA PHE A 556 37.63 18.84 -13.47
C PHE A 556 37.39 18.13 -14.76
N ALA A 557 36.36 17.30 -14.82
CA ALA A 557 36.14 16.43 -15.95
C ALA A 557 34.98 16.98 -16.78
N ASP A 558 34.04 17.63 -16.11
CA ASP A 558 32.88 18.13 -16.83
C ASP A 558 31.94 18.94 -15.96
N PHE A 559 31.06 19.69 -16.61
CA PHE A 559 30.06 20.42 -15.90
C PHE A 559 28.80 19.56 -15.78
N LEU A 560 28.30 19.06 -16.90
CA LEU A 560 27.14 18.18 -16.86
C LEU A 560 27.39 17.08 -17.87
N GLY A 561 27.02 15.84 -17.53
CA GLY A 561 27.04 14.80 -18.61
C GLY A 561 25.96 14.98 -19.71
N LEU A 562 24.69 14.90 -19.34
CA LEU A 562 23.63 14.90 -20.36
C LEU A 562 22.55 15.91 -20.00
N HIS A 563 22.21 16.76 -20.96
CA HIS A 563 21.19 17.77 -20.70
C HIS A 563 20.06 17.53 -21.65
N LEU A 564 18.93 17.09 -21.15
CA LEU A 564 17.75 17.03 -21.99
C LEU A 564 16.96 18.36 -21.85
N THR A 565 16.84 19.07 -22.96
CA THR A 565 16.22 20.39 -22.91
C THR A 565 14.69 20.37 -23.05
N SER A 566 14.04 21.51 -22.82
CA SER A 566 12.55 21.56 -22.76
C SER A 566 11.80 20.89 -23.87
N GLY A 567 12.15 21.24 -25.11
CA GLY A 567 11.45 20.72 -26.31
C GLY A 567 11.90 19.37 -26.85
N SER A 568 12.77 18.65 -26.12
CA SER A 568 13.37 17.42 -26.61
C SER A 568 12.49 16.20 -26.34
N SER A 569 12.73 15.15 -27.11
CA SER A 569 12.35 13.80 -26.68
C SER A 569 13.61 12.92 -26.92
N ALA A 570 13.68 11.76 -26.29
CA ALA A 570 14.86 10.87 -26.37
C ALA A 570 14.41 9.48 -25.98
N TYR A 571 14.82 8.45 -26.71
CA TYR A 571 14.63 7.11 -26.25
C TYR A 571 16.07 6.68 -25.97
N LEU A 572 16.44 6.46 -24.68
CA LEU A 572 17.88 6.28 -24.33
C LEU A 572 18.05 4.87 -23.80
N GLU A 573 18.77 4.00 -24.52
CA GLU A 573 18.83 2.59 -24.09
C GLU A 573 20.24 2.13 -23.69
N GLY A 574 20.40 1.78 -22.41
CA GLY A 574 21.71 1.34 -21.92
C GLY A 574 22.77 2.43 -21.70
N MET A 575 22.40 3.70 -21.80
CA MET A 575 23.39 4.76 -21.70
C MET A 575 23.95 4.85 -20.30
N TRP A 576 25.30 4.82 -20.19
CA TRP A 576 26.02 4.89 -18.91
C TRP A 576 26.65 6.25 -18.87
N VAL A 577 26.26 7.07 -17.91
CA VAL A 577 26.89 8.42 -17.79
C VAL A 577 27.86 8.30 -16.63
N TRP A 578 29.09 7.92 -16.95
CA TRP A 578 30.00 7.42 -15.94
C TRP A 578 31.06 8.44 -15.63
N LEU A 579 30.98 9.10 -14.47
CA LEU A 579 32.15 9.85 -14.04
C LEU A 579 33.10 8.82 -13.44
N ALA A 580 34.30 8.70 -14.02
CA ALA A 580 35.21 7.60 -13.63
C ALA A 580 35.59 7.55 -12.14
N ASP A 581 35.31 6.42 -11.49
CA ASP A 581 35.75 6.25 -10.11
C ASP A 581 37.18 5.69 -10.07
N HIS A 582 37.58 5.07 -11.18
CA HIS A 582 38.88 4.45 -11.29
C HIS A 582 39.36 4.52 -12.72
N ASP A 583 40.65 4.27 -12.89
CA ASP A 583 41.39 4.39 -14.13
C ASP A 583 41.41 3.01 -14.84
N LEU A 584 40.85 2.96 -16.06
CA LEU A 584 40.68 1.74 -16.83
C LEU A 584 41.95 1.29 -17.54
N ASP A 585 42.93 2.20 -17.68
CA ASP A 585 44.03 2.01 -18.63
C ASP A 585 45.44 1.98 -18.03
N SER A 586 45.62 2.53 -16.85
CA SER A 586 46.95 2.56 -16.23
C SER A 586 47.35 1.21 -15.59
N GLY A 587 46.44 0.25 -15.49
CA GLY A 587 46.73 -1.04 -14.82
C GLY A 587 46.40 -0.93 -13.34
N GLY A 588 45.96 -2.00 -12.74
CA GLY A 588 45.70 -1.90 -11.30
C GLY A 588 44.33 -1.39 -10.91
N SER A 589 43.48 -1.00 -11.86
CA SER A 589 42.16 -0.37 -11.53
C SER A 589 42.28 0.68 -10.44
N GLN A 590 43.20 1.59 -10.57
CA GLN A 590 43.46 2.50 -9.46
C GLN A 590 42.38 3.55 -9.32
N GLN A 591 41.91 3.81 -8.10
CA GLN A 591 40.92 4.86 -7.93
C GLN A 591 41.46 6.28 -8.20
N ILE A 592 40.57 7.14 -8.66
CA ILE A 592 40.88 8.49 -9.02
C ILE A 592 39.75 9.39 -8.52
N SER A 593 40.08 10.66 -8.27
CA SER A 593 39.10 11.66 -7.91
C SER A 593 38.89 12.67 -9.00
N LEU A 594 37.73 12.59 -9.66
CA LEU A 594 37.35 13.51 -10.75
C LEU A 594 36.09 14.34 -10.45
N TRP A 595 36.01 15.57 -10.98
CA TRP A 595 34.92 16.50 -10.61
C TRP A 595 33.92 16.64 -11.74
N SER A 596 32.71 16.13 -11.56
CA SER A 596 31.54 16.40 -12.42
C SER A 596 30.44 17.07 -11.59
N ASN A 597 29.89 18.18 -12.07
CA ASN A 597 28.91 18.91 -11.28
C ASN A 597 27.62 18.15 -11.21
N GLY A 598 27.21 17.52 -12.33
CA GLY A 598 26.00 16.71 -12.31
C GLY A 598 25.94 15.70 -13.43
N GLY A 599 25.10 14.66 -13.29
CA GLY A 599 25.12 13.59 -14.36
C GLY A 599 24.16 13.84 -15.52
N ILE A 600 22.88 13.74 -15.19
CA ILE A 600 21.79 13.86 -16.11
C ILE A 600 20.81 14.88 -15.57
N MET A 601 20.62 15.93 -16.34
CA MET A 601 19.59 16.90 -16.01
C MET A 601 18.57 16.91 -17.15
N SER A 602 17.31 16.70 -16.78
CA SER A 602 16.27 16.75 -17.78
C SER A 602 15.27 17.82 -17.48
N GLU A 603 15.03 18.69 -18.46
CA GLU A 603 13.90 19.61 -18.42
C GLU A 603 12.87 19.33 -19.51
N SER A 604 12.93 18.15 -20.11
CA SER A 604 12.15 17.76 -21.28
C SER A 604 10.69 17.61 -20.96
N GLN A 605 9.81 18.03 -21.86
CA GLN A 605 8.35 17.85 -21.66
C GLN A 605 7.90 16.47 -22.09
N GLY A 606 8.85 15.67 -22.58
CA GLY A 606 8.64 14.30 -22.92
C GLY A 606 8.29 14.13 -24.39
N PRO A 607 8.04 12.90 -24.83
CA PRO A 607 8.29 11.66 -24.08
C PRO A 607 9.82 11.37 -23.95
N VAL A 608 10.23 10.88 -22.79
CA VAL A 608 11.61 10.46 -22.58
C VAL A 608 11.57 9.05 -22.04
N TRP A 609 12.22 8.09 -22.72
CA TRP A 609 12.28 6.73 -22.15
C TRP A 609 13.74 6.55 -21.70
N LEU A 610 13.97 6.28 -20.43
CA LEU A 610 15.35 5.96 -20.07
C LEU A 610 15.42 4.48 -19.68
N ILE A 611 15.92 3.63 -20.62
CA ILE A 611 15.82 2.16 -20.44
C ILE A 611 17.18 1.62 -20.03
N GLY A 612 17.36 1.29 -18.74
CA GLY A 612 18.60 0.71 -18.24
C GLY A 612 19.76 1.68 -18.44
N THR A 613 19.51 2.98 -18.20
CA THR A 613 20.54 4.00 -18.06
C THR A 613 21.13 4.02 -16.64
N ALA A 614 22.38 4.47 -16.54
CA ALA A 614 23.00 4.57 -15.24
C ALA A 614 23.74 5.95 -15.22
N SER A 615 23.74 6.61 -14.07
CA SER A 615 24.44 7.89 -13.93
C SER A 615 25.27 7.76 -12.67
N GLU A 616 26.59 7.92 -12.77
CA GLU A 616 27.43 7.60 -11.62
C GLU A 616 28.59 8.56 -11.33
N HIS A 617 28.75 8.92 -10.06
CA HIS A 617 29.90 9.68 -9.50
C HIS A 617 29.95 11.19 -9.76
N HIS A 618 28.77 11.81 -9.86
CA HIS A 618 28.70 13.24 -10.10
C HIS A 618 28.50 13.93 -8.78
N ILE A 619 28.87 15.21 -8.70
CA ILE A 619 28.91 15.85 -7.37
C ILE A 619 27.51 16.22 -6.85
N ASN A 620 26.66 16.78 -7.65
CA ASN A 620 25.43 17.31 -7.07
C ASN A 620 24.23 16.40 -7.18
N TYR A 621 24.22 15.57 -8.22
CA TYR A 621 23.10 14.65 -8.44
C TYR A 621 23.53 13.73 -9.55
N GLN A 622 23.00 12.50 -9.56
CA GLN A 622 23.16 11.65 -10.74
C GLN A 622 22.06 11.92 -11.79
N TYR A 623 20.82 12.06 -11.33
CA TYR A 623 19.65 12.54 -12.12
C TYR A 623 18.97 13.73 -11.47
N PHE A 624 18.73 14.79 -12.23
CA PHE A 624 17.94 15.96 -11.78
C PHE A 624 16.86 16.13 -12.83
N LEU A 625 15.62 15.97 -12.43
CA LEU A 625 14.48 16.34 -13.24
C LEU A 625 13.88 17.67 -12.72
N LYS A 626 13.88 18.68 -13.60
CA LYS A 626 13.47 20.05 -13.26
C LYS A 626 12.42 20.48 -14.24
N ASN A 627 11.17 20.69 -13.80
CA ASN A 627 10.08 21.06 -14.75
C ASN A 627 9.97 20.08 -15.94
N ALA A 628 10.16 18.80 -15.68
CA ALA A 628 10.08 17.77 -16.70
C ALA A 628 8.68 17.18 -16.79
N ALA A 629 8.37 16.44 -17.85
CA ALA A 629 7.08 15.73 -17.91
C ALA A 629 7.22 14.47 -18.74
N ASN A 630 6.38 13.46 -18.49
CA ASN A 630 6.26 12.30 -19.40
C ASN A 630 7.62 11.60 -19.64
N HIS A 631 8.18 11.08 -18.55
CA HIS A 631 9.37 10.26 -18.55
C HIS A 631 8.99 8.91 -18.06
N TYR A 632 9.44 7.87 -18.76
CA TYR A 632 9.43 6.51 -18.23
C TYR A 632 10.90 6.16 -17.96
N ILE A 633 11.21 5.80 -16.71
CA ILE A 633 12.59 5.52 -16.30
C ILE A 633 12.68 4.08 -15.73
N GLY A 634 13.35 3.15 -16.40
CA GLY A 634 13.45 1.84 -15.73
C GLY A 634 14.33 0.86 -16.41
N LEU A 635 15.26 0.21 -15.72
CA LEU A 635 15.70 0.54 -14.36
C LEU A 635 16.67 1.71 -14.44
N ALA A 636 16.80 2.54 -13.40
CA ALA A 636 17.84 3.57 -13.39
C ALA A 636 18.79 3.21 -12.24
N GLN A 637 20.11 3.29 -12.48
CA GLN A 637 21.07 2.94 -11.44
C GLN A 637 21.98 4.14 -11.13
N THR A 638 22.28 4.37 -9.84
CA THR A 638 23.23 5.45 -9.54
C THR A 638 24.30 4.97 -8.56
N GLU A 639 25.38 5.72 -8.50
CA GLU A 639 26.26 5.74 -7.31
C GLU A 639 26.76 7.18 -7.04
N THR A 640 27.01 7.45 -5.77
CA THR A 640 27.61 8.65 -5.27
C THR A 640 29.12 8.57 -5.51
N PRO A 641 29.77 9.74 -5.75
CA PRO A 641 31.22 9.83 -5.89
C PRO A 641 31.88 9.29 -4.65
N TYR A 642 32.96 8.53 -4.81
CA TYR A 642 33.66 7.89 -3.66
C TYR A 642 34.33 8.85 -2.63
N PHE A 643 34.67 10.06 -3.04
CA PHE A 643 35.40 11.01 -2.20
C PHE A 643 34.49 11.76 -1.24
N GLN A 644 33.19 11.78 -1.54
CA GLN A 644 32.26 12.54 -0.71
C GLN A 644 32.14 11.84 0.61
N PRO A 645 31.90 12.61 1.70
CA PRO A 645 31.70 14.07 1.86
C PRO A 645 32.97 14.92 1.92
N ASN A 646 34.10 14.43 1.41
CA ASN A 646 35.26 15.30 1.29
C ASN A 646 35.70 15.57 -0.17
N PRO A 647 35.19 16.65 -0.79
CA PRO A 647 34.34 17.67 -0.14
C PRO A 647 32.82 17.44 -0.28
N ASN A 648 32.04 18.28 0.40
CA ASN A 648 30.59 18.39 0.28
C ASN A 648 30.12 19.04 -1.03
N PRO A 649 28.97 18.59 -1.59
CA PRO A 649 28.37 19.30 -2.70
C PRO A 649 28.22 20.77 -2.29
N PRO A 650 28.37 21.70 -3.23
CA PRO A 650 28.70 21.59 -4.66
C PRO A 650 30.19 21.53 -4.97
N ALA A 651 31.07 21.71 -3.97
CA ALA A 651 32.53 21.84 -4.19
C ALA A 651 33.12 20.62 -4.90
N PRO A 652 34.17 20.85 -5.71
CA PRO A 652 34.85 22.16 -6.02
C PRO A 652 34.17 23.13 -7.04
N PHE A 653 32.94 22.83 -7.42
CA PHE A 653 32.10 23.78 -8.14
C PHE A 653 31.43 24.79 -7.19
N ILE A 654 30.79 25.78 -7.77
CA ILE A 654 30.02 26.67 -6.92
C ILE A 654 28.54 26.48 -7.23
N THR A 655 27.68 26.86 -6.29
CA THR A 655 26.24 26.90 -6.56
C THR A 655 25.94 27.62 -7.88
N ASN A 656 25.18 26.90 -8.70
CA ASN A 656 24.67 27.38 -9.97
C ASN A 656 23.12 27.22 -9.99
N SER A 657 22.39 28.30 -10.21
CA SER A 657 20.93 28.27 -10.02
C SER A 657 20.16 27.74 -11.21
N ASN A 658 20.78 27.73 -12.40
CA ASN A 658 20.21 27.08 -13.56
C ASN A 658 20.37 25.56 -13.55
N PHE A 659 21.52 25.04 -13.10
CA PHE A 659 21.78 23.63 -13.27
C PHE A 659 21.74 22.82 -12.00
N ASP A 660 21.65 23.47 -10.84
CA ASP A 660 21.60 22.76 -9.53
C ASP A 660 20.20 22.74 -8.93
N PRO A 661 19.88 21.70 -8.12
CA PRO A 661 18.60 21.73 -7.38
C PRO A 661 18.63 22.82 -6.31
N SER A 662 17.46 23.39 -5.99
CA SER A 662 17.28 24.30 -4.85
C SER A 662 17.80 23.76 -3.56
N GLN A 663 17.52 22.47 -3.27
CA GLN A 663 18.10 21.82 -2.09
C GLN A 663 19.31 20.96 -2.45
N LEU A 664 20.50 21.46 -2.12
CA LEU A 664 21.71 20.73 -2.44
C LEU A 664 21.83 19.52 -1.55
N GLY A 665 22.50 18.48 -2.03
CA GLY A 665 22.74 17.32 -1.17
C GLY A 665 23.44 17.73 0.13
N GLN A 666 23.06 17.12 1.23
CA GLN A 666 23.76 17.43 2.49
C GLN A 666 24.89 16.41 2.64
N GLY A 667 26.11 16.85 2.40
CA GLY A 667 27.26 15.95 2.47
C GLY A 667 27.48 15.05 1.25
N ASP A 668 26.39 14.65 0.59
CA ASP A 668 26.51 13.69 -0.55
C ASP A 668 25.49 13.98 -1.64
N ALA A 669 25.82 13.62 -2.87
CA ALA A 669 24.94 13.83 -4.00
C ALA A 669 23.60 13.07 -3.90
N TRP A 670 22.52 13.72 -4.32
CA TRP A 670 21.27 13.04 -4.63
C TRP A 670 21.48 11.97 -5.75
N ALA A 671 20.91 10.77 -5.61
CA ALA A 671 20.76 9.89 -6.78
C ALA A 671 19.77 10.55 -7.71
N MET A 672 18.68 11.07 -7.18
CA MET A 672 17.63 11.61 -8.01
C MET A 672 16.92 12.64 -7.22
N THR A 673 16.77 13.79 -7.87
CA THR A 673 16.04 14.89 -7.29
C THR A 673 15.08 15.49 -8.32
N VAL A 674 13.84 15.74 -7.88
CA VAL A 674 12.74 16.12 -8.75
C VAL A 674 12.04 17.42 -8.28
N GLN A 675 11.88 18.36 -9.21
CA GLN A 675 11.23 19.65 -8.94
C GLN A 675 10.16 19.90 -9.99
N ASN A 676 8.96 20.21 -9.56
CA ASN A 676 7.92 20.68 -10.46
C ASN A 676 7.69 19.85 -11.73
N SER A 677 7.64 18.51 -11.59
CA SER A 677 7.58 17.61 -12.79
C SER A 677 6.29 16.79 -12.72
N HIS A 678 5.79 16.28 -13.83
CA HIS A 678 4.58 15.44 -13.82
C HIS A 678 4.66 14.36 -14.88
N GLY A 679 3.91 13.30 -14.65
CA GLY A 679 3.91 12.20 -15.62
C GLY A 679 5.24 11.47 -15.55
N ILE A 680 5.86 11.43 -14.38
CA ILE A 680 7.13 10.69 -14.27
C ILE A 680 6.88 9.32 -13.63
N LEU A 681 7.30 8.29 -14.36
CA LEU A 681 7.16 6.91 -13.87
C LEU A 681 8.55 6.28 -13.69
N VAL A 682 8.97 5.99 -12.45
CA VAL A 682 10.23 5.33 -12.22
C VAL A 682 9.89 3.90 -11.86
N PHE A 683 10.19 2.97 -12.78
CA PHE A 683 9.77 1.58 -12.60
C PHE A 683 11.05 0.73 -12.46
N GLY A 684 11.51 0.55 -11.21
CA GLY A 684 12.85 0.00 -11.06
C GLY A 684 13.94 1.07 -10.94
N ALA A 685 14.61 1.06 -9.80
CA ALA A 685 15.71 1.95 -9.47
C ALA A 685 16.66 1.24 -8.52
N GLY A 686 17.95 1.44 -8.76
CA GLY A 686 19.00 1.10 -7.80
C GLY A 686 19.97 2.25 -7.53
N PHE A 687 19.77 2.92 -6.41
CA PHE A 687 20.47 4.17 -6.07
C PHE A 687 21.42 3.86 -4.89
N TYR A 688 22.73 3.88 -5.13
CA TYR A 688 23.68 3.36 -4.11
C TYR A 688 24.65 4.36 -3.51
N SER A 689 25.06 4.11 -2.26
CA SER A 689 26.16 4.85 -1.68
C SER A 689 27.08 3.90 -0.89
N PHE A 690 28.32 3.80 -1.29
CA PHE A 690 29.25 2.77 -0.81
C PHE A 690 30.40 3.32 0.07
N PHE A 691 30.57 4.67 0.11
CA PHE A 691 31.77 5.27 0.75
C PHE A 691 31.53 6.48 1.62
N SER A 692 32.51 6.73 2.48
CA SER A 692 32.57 8.04 3.14
C SER A 692 34.01 8.40 3.02
N ALA A 693 34.30 9.35 2.12
CA ALA A 693 35.66 9.76 1.87
C ALA A 693 36.63 8.54 1.68
N TYR A 694 36.31 7.66 0.72
CA TYR A 694 37.09 6.44 0.38
C TYR A 694 37.09 5.34 1.43
N ASN A 695 36.46 5.61 2.56
CA ASN A 695 36.35 4.64 3.61
C ASN A 695 35.09 3.80 3.42
N THR A 696 35.23 2.49 3.53
CA THR A 696 34.08 1.58 3.36
C THR A 696 33.36 1.23 4.66
N GLY A 697 33.85 1.75 5.78
CA GLY A 697 33.31 1.41 7.10
C GLY A 697 31.82 1.58 7.24
N CYS A 698 31.24 2.58 6.55
CA CYS A 698 29.80 2.87 6.60
C CYS A 698 28.89 1.84 5.94
N GLN A 699 29.45 0.97 5.11
CA GLN A 699 28.68 -0.10 4.48
C GLN A 699 27.98 -1.08 5.45
N SER A 700 28.65 -1.47 6.53
CA SER A 700 28.07 -2.41 7.51
C SER A 700 26.91 -1.83 8.31
N PRO A 701 27.09 -0.63 8.92
CA PRO A 701 26.02 0.03 9.60
C PRO A 701 25.01 0.70 8.67
N GLN A 702 25.23 0.60 7.35
CA GLN A 702 24.34 1.06 6.30
C GLN A 702 24.00 2.53 6.41
N ASN A 703 25.02 3.34 6.66
CA ASN A 703 24.83 4.79 6.79
C ASN A 703 25.85 5.65 6.06
N CYS A 704 26.26 5.22 4.88
CA CYS A 704 27.19 6.03 4.06
C CYS A 704 26.68 7.46 3.73
N GLN A 705 25.38 7.62 3.47
CA GLN A 705 24.80 8.96 3.38
C GLN A 705 23.41 8.96 4.01
N ASN A 706 22.88 10.15 4.26
CA ASN A 706 21.71 10.32 5.07
C ASN A 706 20.44 10.29 4.22
N GLN A 707 20.48 10.94 3.06
CA GLN A 707 19.32 11.08 2.15
C GLN A 707 19.84 10.81 0.73
N ILE A 708 18.97 10.48 -0.23
CA ILE A 708 19.39 10.07 -1.57
C ILE A 708 18.35 10.34 -2.70
N VAL A 709 17.08 10.41 -2.35
CA VAL A 709 16.03 10.70 -3.33
C VAL A 709 15.17 11.84 -2.81
N ASN A 710 15.05 12.92 -3.59
CA ASN A 710 14.27 14.06 -3.16
C ASN A 710 13.14 14.34 -4.11
N VAL A 711 11.94 14.60 -3.60
CA VAL A 711 10.88 15.17 -4.46
C VAL A 711 10.35 16.42 -3.75
N ASP A 712 9.88 17.38 -4.50
CA ASP A 712 9.22 18.49 -3.88
C ASP A 712 7.73 18.13 -3.53
N SER A 713 6.93 19.13 -3.17
CA SER A 713 5.51 18.95 -2.81
C SER A 713 4.58 18.70 -4.00
N SER A 714 4.85 19.34 -5.14
CA SER A 714 3.88 19.32 -6.25
C SER A 714 4.13 18.27 -7.34
N SER A 715 5.38 17.79 -7.50
CA SER A 715 5.68 16.89 -8.63
C SER A 715 4.73 15.67 -8.68
N ASP A 716 4.28 15.31 -9.87
CA ASP A 716 3.47 14.10 -10.04
C ASP A 716 4.41 12.97 -10.53
N ILE A 717 4.91 12.19 -9.59
CA ILE A 717 5.96 11.22 -9.84
C ILE A 717 5.56 9.97 -9.09
N ALA A 718 5.81 8.81 -9.68
CA ALA A 718 5.60 7.56 -8.92
C ALA A 718 6.84 6.67 -8.92
N PHE A 719 7.11 6.02 -7.77
CA PHE A 719 8.26 5.09 -7.65
C PHE A 719 7.77 3.73 -7.33
N TYR A 720 8.27 2.77 -8.10
CA TYR A 720 8.01 1.32 -7.91
C TYR A 720 9.35 0.58 -7.82
N SER A 721 9.47 -0.39 -6.92
CA SER A 721 10.73 -1.16 -6.80
C SER A 721 12.00 -0.28 -6.70
N LEU A 722 11.95 0.65 -5.74
CA LEU A 722 13.02 1.62 -5.50
C LEU A 722 13.99 1.00 -4.51
N THR A 723 15.14 0.55 -4.97
CA THR A 723 16.11 -0.10 -4.08
C THR A 723 17.26 0.92 -3.82
N THR A 724 17.63 1.10 -2.56
CA THR A 724 18.78 1.91 -2.23
C THR A 724 19.72 1.07 -1.38
N VAL A 725 20.99 1.45 -1.35
CA VAL A 725 22.05 0.82 -0.56
C VAL A 725 22.73 1.80 0.45
N ASP A 726 22.77 1.43 1.73
CA ASP A 726 23.57 2.13 2.72
C ASP A 726 23.23 3.60 2.90
N THR A 727 21.93 3.86 2.91
CA THR A 727 21.42 5.21 3.09
C THR A 727 20.31 5.14 4.11
N THR A 728 20.38 6.01 5.12
CA THR A 728 19.44 6.06 6.25
C THR A 728 18.02 6.36 5.77
N TRP A 729 17.83 7.51 5.10
CA TRP A 729 16.55 7.86 4.49
C TRP A 729 16.57 7.53 3.01
N GLN A 730 15.74 6.57 2.63
CA GLN A 730 15.66 6.12 1.27
C GLN A 730 14.93 7.09 0.33
N PHE A 731 14.02 7.85 0.89
CA PHE A 731 13.12 8.71 0.16
C PHE A 731 12.80 9.94 0.99
N SER A 732 12.96 11.12 0.39
CA SER A 732 12.71 12.41 1.08
C SER A 732 11.74 13.29 0.30
N VAL A 733 10.93 14.06 1.01
CA VAL A 733 10.15 15.16 0.46
C VAL A 733 10.71 16.46 1.05
N ASN A 734 11.06 17.40 0.18
CA ASN A 734 11.63 18.70 0.56
C ASN A 734 12.84 18.61 1.48
N ALA A 735 13.77 17.71 1.14
CA ALA A 735 15.01 17.39 1.89
C ALA A 735 14.82 16.96 3.36
N GLN A 736 13.67 16.42 3.67
CA GLN A 736 13.39 15.87 4.96
C GLN A 736 13.05 14.43 4.77
N GLY A 737 13.72 13.53 5.52
CA GLY A 737 13.59 12.07 5.28
C GLY A 737 12.17 11.65 5.57
N VAL A 738 11.61 10.81 4.72
CA VAL A 738 10.23 10.31 4.96
C VAL A 738 10.27 8.78 5.15
N ILE A 739 10.98 8.10 4.28
CA ILE A 739 11.04 6.63 4.35
C ILE A 739 12.40 6.21 4.84
N ASN A 740 12.42 5.64 6.07
CA ASN A 740 13.60 5.12 6.73
C ASN A 740 13.93 3.69 6.28
N ARG A 741 15.22 3.44 6.03
CA ARG A 741 15.72 2.14 5.60
C ARG A 741 15.35 1.00 6.54
N SER A 742 15.25 1.34 7.83
CA SER A 742 15.01 0.36 8.90
C SER A 742 13.64 -0.36 8.73
N ASN A 743 12.74 0.20 7.92
CA ASN A 743 11.44 -0.39 7.62
C ASN A 743 11.43 -1.37 6.44
N ASN A 744 12.51 -1.33 5.63
CA ASN A 744 12.61 -2.02 4.35
C ASN A 744 13.90 -2.84 4.14
N PRO A 745 14.47 -3.47 5.18
CA PRO A 745 15.71 -4.20 4.88
C PRO A 745 15.35 -5.46 4.05
N ASN A 746 16.18 -5.78 3.08
CA ASN A 746 15.80 -6.75 2.08
C ASN A 746 17.05 -7.52 1.59
N GLY A 747 17.97 -7.80 2.51
CA GLY A 747 19.28 -8.34 2.15
C GLY A 747 20.34 -7.27 2.25
N PHE A 748 21.25 -7.26 1.30
CA PHE A 748 22.26 -6.25 1.26
C PHE A 748 21.64 -4.87 1.01
N ALA A 749 20.58 -4.85 0.18
CA ALA A 749 19.93 -3.61 -0.17
C ALA A 749 18.57 -3.49 0.54
N ASP A 750 18.03 -2.27 0.46
CA ASP A 750 16.75 -1.95 1.11
C ASP A 750 15.80 -1.54 -0.02
N THR A 751 14.54 -1.96 0.03
CA THR A 751 13.62 -1.76 -1.07
C THR A 751 12.28 -1.16 -0.68
N ILE A 752 11.90 -0.08 -1.38
CA ILE A 752 10.51 0.46 -1.38
C ILE A 752 9.72 -0.19 -2.56
N THR A 753 8.64 -0.89 -2.32
CA THR A 753 7.99 -1.57 -3.43
C THR A 753 7.21 -0.54 -4.25
N ALA A 754 6.52 0.39 -3.58
CA ALA A 754 5.73 1.41 -4.25
C ALA A 754 5.76 2.72 -3.49
N TRP A 755 5.87 3.85 -4.17
CA TRP A 755 5.51 5.13 -3.49
C TRP A 755 4.67 5.93 -4.43
N THR A 756 3.59 6.48 -3.89
CA THR A 756 2.78 7.44 -4.63
C THR A 756 2.43 8.58 -3.68
N ARG A 757 2.14 9.76 -4.26
CA ARG A 757 1.79 10.98 -3.48
C ARG A 757 0.54 10.76 -2.60
N ASN A 758 -0.45 10.07 -3.16
CA ASN A 758 -1.68 9.82 -2.44
C ASN A 758 -1.85 8.35 -2.07
N LEU B 7 -24.74 -10.50 -9.56
CA LEU B 7 -25.51 -9.30 -10.05
C LEU B 7 -26.99 -9.54 -10.37
N GLY B 8 -27.86 -8.64 -9.92
CA GLY B 8 -29.29 -8.72 -10.17
C GLY B 8 -29.68 -8.70 -11.64
N SER B 9 -30.76 -9.39 -11.97
CA SER B 9 -31.22 -9.55 -13.37
C SER B 9 -31.50 -8.26 -14.11
N THR B 10 -31.93 -7.21 -13.41
CA THR B 10 -32.25 -5.92 -14.07
C THR B 10 -31.06 -5.12 -14.58
N CYS B 11 -29.82 -5.54 -14.33
CA CYS B 11 -28.70 -4.74 -14.85
C CYS B 11 -27.56 -5.60 -15.38
N SER B 12 -26.74 -4.99 -16.24
CA SER B 12 -25.60 -5.64 -16.87
C SER B 12 -24.30 -5.36 -16.13
N SER B 13 -24.22 -4.16 -15.53
CA SER B 13 -23.02 -3.79 -14.77
C SER B 13 -23.33 -3.16 -13.40
N PRO B 14 -22.48 -3.41 -12.39
CA PRO B 14 -22.87 -3.07 -11.05
C PRO B 14 -22.89 -1.57 -10.85
N LEU B 15 -23.85 -1.08 -10.10
CA LEU B 15 -23.87 0.30 -9.67
C LEU B 15 -22.65 0.56 -8.80
N THR B 16 -21.89 1.57 -9.15
CA THR B 16 -20.61 1.70 -8.48
C THR B 16 -20.36 3.10 -7.91
N HIS B 17 -21.00 4.12 -8.48
CA HIS B 17 -20.99 5.46 -7.89
C HIS B 17 -22.42 6.01 -7.97
N GLY B 18 -22.64 7.18 -7.38
CA GLY B 18 -23.98 7.73 -7.34
C GLY B 18 -24.23 8.58 -8.55
N SER B 19 -25.49 8.82 -8.88
CA SER B 19 -25.85 9.59 -10.06
C SER B 19 -26.74 10.83 -9.77
N ALA B 20 -26.45 11.55 -8.67
CA ALA B 20 -27.13 12.81 -8.39
C ALA B 20 -26.27 13.94 -8.90
N ALA B 21 -26.87 14.89 -9.60
CA ALA B 21 -26.27 16.23 -9.79
C ALA B 21 -25.95 16.87 -8.41
N PRO B 22 -24.77 17.57 -8.28
CA PRO B 22 -24.34 18.20 -7.01
C PRO B 22 -25.37 19.12 -6.29
N GLY B 23 -26.19 19.81 -7.06
CA GLY B 23 -27.19 20.72 -6.49
C GLY B 23 -28.44 20.02 -5.99
N ASP B 24 -28.53 18.70 -6.18
CA ASP B 24 -29.71 17.97 -5.71
C ASP B 24 -29.74 17.85 -4.16
N PRO B 25 -30.94 17.89 -3.55
CA PRO B 25 -30.93 17.59 -2.11
C PRO B 25 -30.46 16.12 -1.82
N PHE B 26 -29.95 15.89 -0.60
CA PHE B 26 -29.60 14.53 -0.13
C PHE B 26 -30.78 13.58 -0.49
N TRP B 27 -30.47 12.40 -1.05
CA TRP B 27 -31.52 11.44 -1.48
C TRP B 27 -32.67 11.26 -0.50
N LEU B 28 -32.34 11.26 0.78
CA LEU B 28 -33.33 10.91 1.80
C LEU B 28 -34.53 11.85 1.80
N GLN B 29 -34.35 13.08 1.33
CA GLN B 29 -35.44 14.04 1.36
C GLN B 29 -36.55 13.59 0.42
N ASN B 30 -36.18 13.18 -0.78
CA ASN B 30 -37.17 12.92 -1.82
C ASN B 30 -37.42 11.47 -2.12
N ILE B 31 -36.77 10.56 -1.39
CA ILE B 31 -37.07 9.16 -1.57
C ILE B 31 -38.57 8.98 -1.25
N GLN B 32 -39.25 8.07 -1.94
CA GLN B 32 -40.66 7.86 -1.66
C GLN B 32 -40.75 7.34 -0.18
N HIS B 33 -41.67 7.91 0.59
CA HIS B 33 -41.76 7.68 2.06
C HIS B 33 -42.87 6.71 2.44
N GLN B 34 -42.53 5.42 2.57
CA GLN B 34 -43.55 4.39 2.72
C GLN B 34 -43.44 3.58 3.99
N GLY B 35 -42.67 4.06 4.95
CA GLY B 35 -42.34 3.25 6.10
C GLY B 35 -43.61 3.01 6.88
N ILE B 36 -43.68 1.87 7.57
CA ILE B 36 -44.73 1.65 8.56
C ILE B 36 -44.19 1.20 9.91
N ALA B 37 -45.00 1.45 10.94
CA ALA B 37 -44.79 0.94 12.31
C ALA B 37 -45.81 -0.18 12.43
N ALA B 38 -45.37 -1.42 12.17
CA ALA B 38 -46.21 -2.63 12.10
C ALA B 38 -47.16 -2.86 13.25
N PHE B 39 -46.68 -2.67 14.47
CA PHE B 39 -47.41 -3.04 15.63
C PHE B 39 -47.81 -1.79 16.38
N ASN B 40 -47.79 -0.65 15.67
CA ASN B 40 -48.37 0.59 16.19
C ASN B 40 -49.89 0.39 16.26
N GLY B 41 -50.57 1.13 17.14
CA GLY B 41 -52.06 1.17 17.22
C GLY B 41 -52.76 1.54 15.93
N ASN B 42 -52.09 2.33 15.10
CA ASN B 42 -52.61 2.76 13.81
C ASN B 42 -51.61 2.69 12.61
N PRO B 43 -51.22 1.46 12.19
CA PRO B 43 -50.13 1.37 11.22
C PRO B 43 -50.40 2.23 9.99
N GLY B 44 -51.69 2.46 9.68
CA GLY B 44 -52.10 3.18 8.46
C GLY B 44 -52.08 4.70 8.54
N GLY B 45 -52.19 5.23 9.77
CA GLY B 45 -52.25 6.68 9.98
C GLY B 45 -51.00 7.22 10.63
N TYR B 46 -50.14 6.32 11.10
CA TYR B 46 -48.86 6.68 11.79
C TYR B 46 -47.68 6.96 10.85
N PRO B 47 -47.20 8.22 10.82
CA PRO B 47 -46.10 8.58 9.92
C PRO B 47 -44.70 8.26 10.51
N VAL B 48 -43.87 7.51 9.77
CA VAL B 48 -42.55 7.16 10.26
C VAL B 48 -41.57 8.33 10.04
N PHE B 49 -41.60 8.86 8.82
CA PHE B 49 -40.79 9.95 8.32
C PHE B 49 -41.49 11.32 8.42
N ARG B 50 -40.77 12.27 9.06
CA ARG B 50 -41.23 13.65 9.25
C ARG B 50 -40.17 14.63 8.85
N ASN B 51 -40.46 15.42 7.81
CA ASN B 51 -39.63 16.54 7.42
C ASN B 51 -40.06 17.75 8.25
N VAL B 52 -39.12 18.34 9.00
CA VAL B 52 -39.43 19.42 9.93
C VAL B 52 -40.10 20.65 9.26
N LYS B 53 -39.83 20.83 7.98
CA LYS B 53 -40.45 21.88 7.23
C LYS B 53 -41.95 21.65 6.92
N ASN B 54 -42.41 20.39 6.85
CA ASN B 54 -43.84 20.06 6.78
C ASN B 54 -44.56 20.29 8.11
N TYR B 55 -43.82 20.47 9.21
CA TYR B 55 -44.43 20.79 10.49
C TYR B 55 -44.19 22.28 10.87
N GLY B 56 -43.76 23.07 9.91
CA GLY B 56 -43.78 24.52 10.04
C GLY B 56 -42.44 25.19 10.28
N ALA B 57 -41.35 24.42 10.17
CA ALA B 57 -39.98 24.95 10.42
C ALA B 57 -39.49 25.78 9.24
N LYS B 58 -39.01 27.00 9.49
CA LYS B 58 -38.58 27.90 8.37
C LYS B 58 -37.12 27.65 7.90
N GLY B 59 -36.20 27.47 8.86
CA GLY B 59 -34.80 27.23 8.56
C GLY B 59 -34.13 28.50 8.06
N ASP B 60 -34.61 29.65 8.52
CA ASP B 60 -34.08 30.94 8.10
C ASP B 60 -33.19 31.61 9.16
N GLY B 61 -32.95 30.96 10.29
CA GLY B 61 -32.10 31.51 11.35
C GLY B 61 -32.69 32.64 12.18
N ASN B 62 -33.90 33.08 11.83
CA ASN B 62 -34.61 34.15 12.57
C ASN B 62 -35.97 33.74 13.17
N THR B 63 -36.75 32.93 12.47
CA THR B 63 -37.98 32.41 13.06
C THR B 63 -37.55 31.40 14.15
N ASP B 64 -38.21 31.44 15.30
CA ASP B 64 -38.01 30.39 16.24
C ASP B 64 -38.72 29.08 15.74
N ASP B 65 -37.89 28.09 15.40
CA ASP B 65 -38.32 26.83 14.85
C ASP B 65 -38.45 25.69 15.88
N THR B 66 -38.21 25.98 17.16
CA THR B 66 -38.25 24.99 18.23
C THR B 66 -39.52 24.14 18.20
N ALA B 67 -40.71 24.80 18.31
CA ALA B 67 -42.00 24.10 18.36
C ALA B 67 -42.31 23.26 17.11
N ALA B 68 -41.99 23.79 15.94
CA ALA B 68 -42.19 23.13 14.71
C ALA B 68 -41.34 21.84 14.63
N ILE B 69 -40.04 21.94 14.92
CA ILE B 69 -39.16 20.75 14.99
C ILE B 69 -39.72 19.67 15.94
N GLN B 70 -40.10 20.10 17.14
CA GLN B 70 -40.69 19.26 18.18
C GLN B 70 -42.06 18.60 17.84
N ALA B 71 -42.88 19.26 17.06
CA ALA B 71 -44.05 18.63 16.46
C ALA B 71 -43.59 17.52 15.44
N ALA B 72 -42.50 17.71 14.70
CA ALA B 72 -42.04 16.62 13.81
C ALA B 72 -41.58 15.42 14.60
N ILE B 73 -41.02 15.66 15.79
CA ILE B 73 -40.58 14.63 16.77
C ILE B 73 -41.80 13.98 17.38
N ASN B 74 -42.72 14.82 17.84
CA ASN B 74 -43.88 14.38 18.66
C ASN B 74 -45.07 13.75 17.97
N ALA B 75 -45.28 14.09 16.70
CA ALA B 75 -46.39 13.62 15.87
C ALA B 75 -46.68 12.12 15.99
N GLY B 76 -47.96 11.82 16.16
CA GLY B 76 -48.46 10.48 16.01
C GLY B 76 -48.80 9.79 17.29
N GLY B 77 -48.52 10.44 18.43
CA GLY B 77 -48.70 9.90 19.78
C GLY B 77 -47.55 8.94 20.04
N ARG B 78 -46.43 9.49 20.54
CA ARG B 78 -45.20 8.71 20.74
C ARG B 78 -44.91 8.40 22.23
N CYS B 79 -43.73 7.85 22.52
CA CYS B 79 -43.37 7.40 23.85
C CYS B 79 -42.63 8.51 24.62
N GLY B 80 -43.38 9.27 25.38
CA GLY B 80 -42.85 10.34 26.18
C GLY B 80 -43.11 10.03 27.66
N GLN B 81 -43.55 11.04 28.40
CA GLN B 81 -43.78 10.87 29.84
C GLN B 81 -44.78 9.79 30.13
N GLY B 82 -44.46 8.92 31.09
CA GLY B 82 -45.32 7.78 31.43
C GLY B 82 -45.09 6.51 30.64
N CYS B 83 -44.16 6.51 29.68
CA CYS B 83 -43.88 5.35 28.81
C CYS B 83 -42.41 4.99 29.14
N ASP B 84 -42.12 3.73 29.36
CA ASP B 84 -40.75 3.31 29.72
C ASP B 84 -39.81 3.19 28.51
N SER B 85 -40.39 2.78 27.39
CA SER B 85 -39.68 2.30 26.23
C SER B 85 -40.70 1.95 25.16
N THR B 86 -40.28 1.90 23.90
CA THR B 86 -41.11 1.45 22.80
C THR B 86 -40.26 0.92 21.65
N THR B 87 -40.86 0.03 20.84
CA THR B 87 -40.40 -0.30 19.47
C THR B 87 -41.49 -0.04 18.44
N THR B 88 -42.64 0.46 18.86
CA THR B 88 -43.81 0.72 17.95
C THR B 88 -44.10 2.16 17.54
N GLN B 89 -43.19 3.06 17.85
CA GLN B 89 -43.41 4.49 17.64
C GLN B 89 -42.11 5.18 17.20
N PRO B 90 -41.56 4.71 16.07
CA PRO B 90 -40.29 5.24 15.60
C PRO B 90 -40.55 6.54 14.86
N ALA B 91 -39.50 7.37 14.77
CA ALA B 91 -39.55 8.60 13.98
C ALA B 91 -38.16 8.84 13.43
N LEU B 92 -38.10 9.03 12.11
CA LEU B 92 -36.98 9.69 11.46
C LEU B 92 -37.43 11.17 11.26
N VAL B 93 -36.91 12.05 12.10
CA VAL B 93 -37.07 13.53 12.00
C VAL B 93 -35.98 14.11 11.09
N TYR B 94 -36.39 14.59 9.92
CA TYR B 94 -35.46 14.94 8.84
C TYR B 94 -35.35 16.45 8.61
N PHE B 95 -34.11 16.94 8.63
CA PHE B 95 -33.81 18.37 8.44
C PHE B 95 -33.15 18.70 7.07
N PRO B 96 -33.86 19.39 6.15
CA PRO B 96 -33.20 19.93 4.94
C PRO B 96 -32.22 21.09 5.30
N PRO B 97 -31.36 21.53 4.36
CA PRO B 97 -30.44 22.64 4.59
C PRO B 97 -31.13 23.88 5.12
N GLY B 98 -30.52 24.53 6.09
CA GLY B 98 -31.10 25.72 6.70
C GLY B 98 -30.46 25.86 8.04
N THR B 99 -30.81 26.96 8.70
CA THR B 99 -30.38 27.30 10.05
C THR B 99 -31.66 27.42 10.82
N TYR B 100 -31.82 26.57 11.84
CA TYR B 100 -33.04 26.43 12.62
C TYR B 100 -32.70 27.01 13.98
N LYS B 101 -33.22 28.21 14.25
CA LYS B 101 -33.08 28.85 15.56
C LYS B 101 -33.96 28.11 16.55
N VAL B 102 -33.35 27.65 17.66
CA VAL B 102 -34.06 26.94 18.71
C VAL B 102 -33.81 27.67 20.04
N SER B 103 -34.80 27.72 20.93
CA SER B 103 -34.66 28.50 22.20
C SER B 103 -34.88 27.71 23.48
N SER B 104 -35.31 26.46 23.34
CA SER B 104 -35.36 25.53 24.43
C SER B 104 -35.09 24.11 23.87
N PRO B 105 -34.88 23.11 24.75
CA PRO B 105 -34.44 21.79 24.26
C PRO B 105 -35.37 21.08 23.26
N LEU B 106 -34.79 20.58 22.18
CA LEU B 106 -35.49 19.61 21.35
C LEU B 106 -35.40 18.30 22.12
N VAL B 107 -36.55 17.88 22.66
CA VAL B 107 -36.66 16.58 23.37
C VAL B 107 -36.66 15.42 22.34
N VAL B 108 -35.60 14.60 22.33
CA VAL B 108 -35.51 13.52 21.34
C VAL B 108 -36.08 12.23 21.95
N LEU B 109 -37.37 11.97 21.70
CA LEU B 109 -38.12 10.88 22.35
C LEU B 109 -37.56 9.50 22.04
N TYR B 110 -37.84 8.54 22.92
CA TYR B 110 -37.52 7.11 22.68
C TYR B 110 -37.81 6.75 21.24
N GLN B 111 -36.80 6.20 20.56
CA GLN B 111 -36.91 5.60 19.22
C GLN B 111 -37.03 6.63 18.08
N THR B 112 -36.27 7.73 18.24
CA THR B 112 -36.22 8.85 17.32
C THR B 112 -34.78 8.95 16.85
N GLN B 113 -34.64 9.22 15.55
CA GLN B 113 -33.41 9.65 14.91
C GLN B 113 -33.62 11.05 14.32
N LEU B 114 -32.71 11.99 14.65
CA LEU B 114 -32.69 13.34 14.02
C LEU B 114 -31.69 13.24 12.89
N ILE B 115 -32.06 13.58 11.65
CA ILE B 115 -31.13 13.41 10.55
C ILE B 115 -31.12 14.62 9.65
N GLY B 116 -29.95 15.13 9.26
CA GLY B 116 -29.90 16.33 8.43
C GLY B 116 -29.43 15.95 7.05
N ASP B 117 -29.61 16.85 6.09
CA ASP B 117 -29.05 16.68 4.77
C ASP B 117 -27.51 16.46 4.96
N ALA B 118 -27.02 15.33 4.41
CA ALA B 118 -25.59 14.91 4.46
C ALA B 118 -24.66 15.65 3.50
N LYS B 119 -25.23 16.28 2.48
CA LYS B 119 -24.48 17.06 1.48
C LYS B 119 -24.25 18.49 1.95
N ASN B 120 -25.17 18.99 2.77
CA ASN B 120 -25.27 20.39 3.11
C ASN B 120 -25.82 20.53 4.50
N LEU B 121 -24.94 20.46 5.49
CA LEU B 121 -25.34 20.14 6.86
C LEU B 121 -26.22 21.22 7.48
N PRO B 122 -27.45 20.86 7.92
CA PRO B 122 -28.30 21.90 8.60
C PRO B 122 -27.64 22.43 9.85
N THR B 123 -27.89 23.68 10.21
CA THR B 123 -27.39 24.21 11.49
C THR B 123 -28.46 24.31 12.56
N LEU B 124 -28.25 23.71 13.75
CA LEU B 124 -29.12 24.02 14.87
C LEU B 124 -28.53 25.19 15.64
N LEU B 125 -29.20 26.33 15.56
CA LEU B 125 -28.69 27.58 16.13
C LEU B 125 -29.28 27.90 17.52
N ALA B 126 -28.48 27.88 18.58
CA ALA B 126 -29.03 28.26 19.87
C ALA B 126 -29.33 29.77 19.87
N ALA B 127 -30.59 30.13 20.14
CA ALA B 127 -30.99 31.52 20.40
C ALA B 127 -30.17 32.15 21.53
N PRO B 128 -29.88 33.47 21.47
CA PRO B 128 -29.11 34.09 22.56
C PRO B 128 -29.72 33.83 23.94
N ASN B 129 -31.05 33.81 23.99
CA ASN B 129 -31.77 33.54 25.22
C ASN B 129 -32.15 32.05 25.44
N PHE B 130 -31.50 31.12 24.70
CA PHE B 130 -31.67 29.69 24.93
C PHE B 130 -31.67 29.40 26.42
N SER B 131 -32.54 28.49 26.83
CA SER B 131 -32.70 28.08 28.20
C SER B 131 -33.02 26.58 28.24
N GLY B 132 -32.25 25.81 29.01
CA GLY B 132 -32.52 24.39 29.14
C GLY B 132 -31.26 23.59 29.24
N ILE B 133 -31.43 22.30 29.56
CA ILE B 133 -30.28 21.43 29.84
C ILE B 133 -29.30 21.48 28.72
N ALA B 134 -29.81 21.42 27.47
CA ALA B 134 -28.98 21.26 26.24
C ALA B 134 -29.89 21.49 25.07
N LEU B 135 -29.32 21.73 23.92
CA LEU B 135 -30.11 21.97 22.72
C LEU B 135 -30.89 20.70 22.26
N ILE B 136 -30.28 19.53 22.41
CA ILE B 136 -30.92 18.21 22.16
C ILE B 136 -30.92 17.47 23.49
N ASP B 137 -32.08 16.97 23.88
CA ASP B 137 -32.21 16.31 25.17
C ASP B 137 -32.82 14.91 25.03
N ALA B 138 -31.98 13.90 25.27
CA ALA B 138 -32.38 12.47 25.14
C ALA B 138 -33.09 11.90 26.37
N ASP B 139 -33.08 12.64 27.48
CA ASP B 139 -33.72 12.09 28.70
C ASP B 139 -34.05 13.16 29.71
N PRO B 140 -35.20 13.83 29.51
CA PRO B 140 -35.61 14.96 30.36
C PRO B 140 -35.85 14.62 31.82
N TYR B 141 -35.38 15.53 32.66
CA TYR B 141 -35.61 15.54 34.07
C TYR B 141 -36.96 16.24 34.30
N LEU B 142 -37.75 15.69 35.23
CA LEU B 142 -39.08 16.20 35.64
C LEU B 142 -38.94 16.75 37.08
N ALA B 143 -40.04 17.17 37.72
CA ALA B 143 -40.00 17.58 39.15
C ALA B 143 -39.51 16.44 40.03
N GLY B 144 -38.71 16.77 41.03
CA GLY B 144 -38.27 15.73 41.96
C GLY B 144 -37.11 14.89 41.44
N GLY B 145 -36.52 15.32 40.32
CA GLY B 145 -35.42 14.56 39.68
C GLY B 145 -35.84 13.20 39.09
N ALA B 146 -37.14 13.00 38.85
CA ALA B 146 -37.60 11.88 38.03
C ALA B 146 -37.21 12.27 36.59
N GLN B 147 -37.20 11.28 35.70
CA GLN B 147 -36.88 11.46 34.25
C GLN B 147 -37.90 10.73 33.36
N TYR B 148 -37.97 11.07 32.07
CA TYR B 148 -38.75 10.26 31.14
C TYR B 148 -38.36 8.78 31.19
N TYR B 149 -37.04 8.49 31.17
CA TYR B 149 -36.51 7.15 30.96
C TYR B 149 -35.38 6.81 31.89
N VAL B 150 -35.38 5.56 32.33
CA VAL B 150 -34.28 5.00 33.09
C VAL B 150 -33.05 5.02 32.15
N ASN B 151 -31.95 5.61 32.63
CA ASN B 151 -30.77 5.84 31.81
C ASN B 151 -30.23 4.53 31.23
N GLN B 152 -30.25 3.43 32.00
CA GLN B 152 -29.73 2.14 31.48
C GLN B 152 -30.66 1.49 30.49
N ASN B 153 -31.86 2.06 30.37
CA ASN B 153 -32.91 1.55 29.49
C ASN B 153 -33.12 2.48 28.32
N ASN B 154 -32.29 3.51 28.22
CA ASN B 154 -32.54 4.56 27.24
C ASN B 154 -31.88 4.24 25.88
N PHE B 155 -32.52 3.41 25.05
CA PHE B 155 -31.98 2.95 23.74
C PHE B 155 -32.61 3.63 22.52
N PHE B 156 -32.07 3.31 21.34
CA PHE B 156 -32.73 3.65 20.05
C PHE B 156 -32.82 5.20 19.84
N ARG B 157 -31.66 5.83 19.68
CA ARG B 157 -31.55 7.27 19.55
C ARG B 157 -30.37 7.54 18.64
N SER B 158 -30.57 8.37 17.62
CA SER B 158 -29.48 8.78 16.74
C SER B 158 -29.65 10.24 16.42
N VAL B 159 -28.51 10.96 16.43
CA VAL B 159 -28.38 12.29 15.87
C VAL B 159 -27.25 12.28 14.81
N ARG B 160 -27.58 12.62 13.54
CA ARG B 160 -26.66 12.58 12.39
C ARG B 160 -26.68 13.83 11.49
N ASN B 161 -25.50 14.39 11.20
CA ASN B 161 -25.35 15.35 10.11
C ASN B 161 -25.86 16.75 10.50
N PHE B 162 -25.29 17.34 11.53
CA PHE B 162 -25.69 18.71 11.95
C PHE B 162 -24.44 19.54 12.25
N VAL B 163 -24.52 20.86 12.02
CA VAL B 163 -23.71 21.84 12.76
C VAL B 163 -24.59 22.26 13.97
N ILE B 164 -24.01 22.20 15.17
CA ILE B 164 -24.69 22.67 16.40
C ILE B 164 -23.94 23.91 16.94
N ASP B 165 -24.59 25.07 16.88
CA ASP B 165 -23.89 26.34 17.06
C ASP B 165 -24.36 27.07 18.29
N LEU B 166 -23.47 27.06 19.30
CA LEU B 166 -23.74 27.65 20.64
C LEU B 166 -23.29 29.09 20.77
N ARG B 167 -22.66 29.63 19.73
CA ARG B 167 -21.84 30.83 19.83
C ARG B 167 -22.59 32.13 20.07
N GLN B 168 -23.88 32.16 19.79
CA GLN B 168 -24.73 33.30 20.11
C GLN B 168 -25.19 33.30 21.58
N VAL B 169 -24.91 32.25 22.36
CA VAL B 169 -25.31 32.18 23.78
C VAL B 169 -24.14 32.75 24.60
N SER B 170 -24.42 33.79 25.38
CA SER B 170 -23.38 34.48 26.16
C SER B 170 -23.10 33.74 27.49
N GLY B 171 -24.09 33.08 28.09
CA GLY B 171 -23.78 32.29 29.31
C GLY B 171 -23.44 30.81 29.08
N SER B 172 -23.79 29.98 30.05
CA SER B 172 -23.56 28.56 29.89
C SER B 172 -24.52 28.01 28.79
N ALA B 173 -24.04 27.02 28.02
CA ALA B 173 -24.79 26.34 26.95
C ALA B 173 -24.17 24.94 26.69
N THR B 174 -25.06 23.96 26.43
CA THR B 174 -24.73 22.57 26.08
C THR B 174 -25.39 22.17 24.75
N GLY B 175 -24.59 21.53 23.89
CA GLY B 175 -25.10 20.98 22.65
C GLY B 175 -26.10 19.81 22.78
N ILE B 176 -25.66 18.70 23.40
CA ILE B 176 -26.52 17.45 23.47
C ILE B 176 -26.47 16.85 24.86
N HIS B 177 -27.63 16.67 25.51
CA HIS B 177 -27.73 15.91 26.76
C HIS B 177 -27.85 14.43 26.33
N TRP B 178 -26.70 13.75 26.25
CA TRP B 178 -26.67 12.43 25.63
C TRP B 178 -26.60 11.36 26.70
N GLN B 179 -27.66 11.32 27.53
CA GLN B 179 -27.80 10.37 28.63
C GLN B 179 -28.46 9.10 28.05
N VAL B 180 -27.62 8.20 27.53
CA VAL B 180 -28.13 7.13 26.68
C VAL B 180 -27.40 5.86 26.95
N SER B 181 -27.90 4.81 26.31
CA SER B 181 -27.39 3.45 26.46
C SER B 181 -27.13 2.85 25.11
N GLN B 182 -27.40 1.55 24.94
CA GLN B 182 -27.03 0.79 23.72
C GLN B 182 -27.98 1.13 22.56
N ALA B 183 -27.62 0.70 21.35
CA ALA B 183 -28.30 1.05 20.10
C ALA B 183 -28.55 2.53 19.95
N THR B 184 -27.51 3.31 20.17
CA THR B 184 -27.61 4.75 20.00
C THR B 184 -26.36 5.17 19.25
N SER B 185 -26.46 6.25 18.44
CA SER B 185 -25.28 6.82 17.84
C SER B 185 -25.36 8.31 17.63
N LEU B 186 -24.19 8.97 17.67
CA LEU B 186 -24.02 10.30 17.08
C LEU B 186 -23.07 10.11 15.90
N ILE B 187 -23.35 10.76 14.77
CA ILE B 187 -22.59 10.62 13.55
C ILE B 187 -22.53 11.98 12.91
N ASN B 188 -21.32 12.37 12.47
CA ASN B 188 -21.11 13.55 11.59
C ASN B 188 -21.76 14.85 12.18
N ILE B 189 -21.33 15.24 13.37
CA ILE B 189 -21.77 16.50 13.97
C ILE B 189 -20.56 17.42 14.16
N VAL B 190 -20.73 18.68 13.77
CA VAL B 190 -19.77 19.76 14.17
C VAL B 190 -20.44 20.66 15.25
N PHE B 191 -19.77 20.74 16.42
CA PHE B 191 -20.08 21.65 17.54
C PHE B 191 -19.20 22.90 17.42
N GLN B 192 -19.90 24.02 17.22
CA GLN B 192 -19.28 25.36 17.13
C GLN B 192 -19.61 26.05 18.40
N MET B 193 -18.56 26.26 19.17
CA MET B 193 -18.68 26.85 20.48
C MET B 193 -17.78 28.11 20.61
N SER B 194 -18.04 28.90 21.65
CA SER B 194 -17.26 30.12 21.85
C SER B 194 -15.75 29.82 22.14
N THR B 195 -14.83 30.68 21.69
CA THR B 195 -13.45 30.62 22.20
C THR B 195 -13.07 31.81 23.11
N ALA B 196 -14.06 32.61 23.49
CA ALA B 196 -13.86 33.68 24.49
C ALA B 196 -13.33 33.17 25.86
N ALA B 197 -12.34 33.88 26.40
CA ALA B 197 -11.94 33.65 27.80
C ALA B 197 -13.12 33.53 28.77
N GLY B 198 -13.11 32.43 29.55
CA GLY B 198 -14.16 32.10 30.51
C GLY B 198 -15.53 31.67 29.97
N ASN B 199 -15.66 31.46 28.67
CA ASN B 199 -16.95 31.00 28.12
C ASN B 199 -17.29 29.67 28.81
N GLN B 200 -18.57 29.34 28.83
CA GLN B 200 -19.06 28.18 29.53
C GLN B 200 -19.80 27.24 28.55
N HIS B 201 -19.18 27.03 27.40
CA HIS B 201 -19.83 26.20 26.40
C HIS B 201 -19.33 24.77 26.50
N GLN B 202 -20.26 23.86 26.26
CA GLN B 202 -20.03 22.43 26.39
C GLN B 202 -20.73 21.69 25.25
N GLY B 203 -19.98 20.81 24.58
CA GLY B 203 -20.48 20.08 23.42
C GLY B 203 -21.54 19.07 23.81
N ILE B 204 -21.12 18.04 24.55
CA ILE B 204 -21.97 16.97 25.01
C ILE B 204 -21.94 17.05 26.53
N PHE B 205 -23.10 16.81 27.15
CA PHE B 205 -23.13 16.49 28.59
C PHE B 205 -23.76 15.09 28.76
N MET B 206 -23.02 14.14 29.32
CA MET B 206 -23.52 12.79 29.61
C MET B 206 -23.20 12.43 31.08
N GLU B 207 -24.22 12.25 31.95
CA GLU B 207 -23.93 12.04 33.38
C GLU B 207 -23.87 10.57 33.84
N ASN B 208 -24.66 9.71 33.18
CA ASN B 208 -24.67 8.26 33.45
C ASN B 208 -25.25 7.54 32.22
N GLY B 209 -25.49 6.24 32.34
CA GLY B 209 -26.00 5.45 31.23
C GLY B 209 -25.15 4.21 31.11
N SER B 210 -25.49 3.40 30.13
CA SER B 210 -24.77 2.20 29.87
C SER B 210 -24.68 2.05 28.36
N GLY B 211 -23.65 2.63 27.73
CA GLY B 211 -23.54 2.73 26.27
C GLY B 211 -22.94 1.48 25.65
N GLY B 212 -22.66 1.52 24.35
CA GLY B 212 -22.88 2.68 23.51
C GLY B 212 -21.75 2.87 22.52
N PHE B 213 -22.09 3.47 21.38
CA PHE B 213 -21.14 3.95 20.37
C PHE B 213 -21.51 5.38 19.89
N LEU B 214 -20.50 6.23 19.66
CA LEU B 214 -20.64 7.49 18.95
C LEU B 214 -19.33 7.80 18.23
N GLY B 215 -19.39 8.62 17.18
CA GLY B 215 -18.20 8.82 16.33
C GLY B 215 -18.32 9.87 15.26
N ASP B 216 -17.18 10.30 14.76
CA ASP B 216 -17.12 11.21 13.61
C ASP B 216 -17.67 12.60 13.96
N LEU B 217 -17.17 13.14 15.05
CA LEU B 217 -17.65 14.41 15.55
C LEU B 217 -16.48 15.36 15.58
N VAL B 218 -16.79 16.65 15.41
CA VAL B 218 -15.77 17.73 15.46
C VAL B 218 -16.27 18.79 16.44
N PHE B 219 -15.42 19.15 17.40
CA PHE B 219 -15.73 20.14 18.43
C PHE B 219 -14.76 21.30 18.28
N ASN B 220 -15.32 22.51 18.12
CA ASN B 220 -14.49 23.73 17.94
C ASN B 220 -14.75 24.72 19.04
N GLY B 221 -13.74 24.98 19.84
CA GLY B 221 -13.87 25.90 20.97
C GLY B 221 -14.60 25.30 22.16
N GLY B 222 -15.12 26.19 23.02
CA GLY B 222 -15.83 25.79 24.21
C GLY B 222 -14.94 25.54 25.43
N ASN B 223 -15.57 25.52 26.59
CA ASN B 223 -14.87 25.16 27.82
C ASN B 223 -14.56 23.62 27.93
N ILE B 224 -15.60 22.82 27.68
CA ILE B 224 -15.49 21.38 27.69
C ILE B 224 -16.09 20.88 26.38
N GLY B 225 -15.33 20.11 25.61
CA GLY B 225 -15.89 19.43 24.47
C GLY B 225 -17.04 18.50 24.91
N ALA B 226 -16.72 17.50 25.71
CA ALA B 226 -17.73 16.52 26.14
C ALA B 226 -17.43 16.20 27.58
N THR B 227 -18.46 16.31 28.44
CA THR B 227 -18.51 15.69 29.76
C THR B 227 -19.13 14.27 29.64
N PHE B 228 -18.33 13.26 29.94
CA PHE B 228 -18.71 11.81 29.83
C PHE B 228 -18.76 11.09 31.17
N GLY B 229 -19.96 10.62 31.55
CA GLY B 229 -20.15 9.68 32.63
C GLY B 229 -21.06 8.59 32.12
N ASN B 230 -20.62 7.33 32.16
CA ASN B 230 -21.37 6.22 31.64
C ASN B 230 -20.62 4.96 32.08
N GLN B 231 -21.33 3.88 32.41
CA GLN B 231 -20.66 2.57 32.66
C GLN B 231 -19.56 2.26 31.68
N GLN B 232 -19.92 2.22 30.41
CA GLN B 232 -18.99 1.90 29.34
C GLN B 232 -19.49 2.57 28.05
N PHE B 233 -18.58 2.84 27.11
CA PHE B 233 -18.89 3.41 25.80
C PHE B 233 -17.70 3.14 24.92
N THR B 234 -17.91 3.22 23.60
CA THR B 234 -16.78 3.22 22.60
C THR B 234 -16.94 4.47 21.75
N VAL B 235 -15.86 5.23 21.64
CA VAL B 235 -15.89 6.49 20.92
C VAL B 235 -14.88 6.44 19.74
N ARG B 236 -15.28 6.77 18.51
CA ARG B 236 -14.32 6.74 17.37
C ARG B 236 -14.28 8.01 16.50
N ASN B 237 -13.08 8.51 16.24
CA ASN B 237 -12.83 9.65 15.39
C ASN B 237 -13.53 10.91 15.92
N LEU B 238 -13.15 11.31 17.10
CA LEU B 238 -13.55 12.58 17.70
C LEU B 238 -12.38 13.55 17.59
N THR B 239 -12.66 14.74 17.07
CA THR B 239 -11.68 15.84 17.00
C THR B 239 -12.07 17.06 17.87
N PHE B 240 -11.14 17.48 18.72
CA PHE B 240 -11.32 18.61 19.64
C PHE B 240 -10.24 19.64 19.27
N ASN B 241 -10.73 20.84 18.94
CA ASN B 241 -9.95 22.05 18.64
C ASN B 241 -10.28 23.17 19.64
N ASN B 242 -9.25 23.66 20.35
CA ASN B 242 -9.37 24.96 21.09
C ASN B 242 -10.31 24.94 22.24
N ALA B 243 -10.46 23.77 22.86
CA ALA B 243 -11.28 23.59 24.05
C ALA B 243 -10.40 23.89 25.24
N ASN B 244 -10.96 24.32 26.35
CA ASN B 244 -10.17 24.32 27.58
C ASN B 244 -9.83 22.84 28.00
N THR B 245 -10.87 22.03 28.25
CA THR B 245 -10.77 20.59 28.38
C THR B 245 -11.48 19.91 27.24
N ALA B 246 -10.75 19.07 26.48
CA ALA B 246 -11.39 18.23 25.45
C ALA B 246 -12.46 17.31 26.06
N ILE B 247 -12.05 16.44 26.97
CA ILE B 247 -12.94 15.41 27.51
C ILE B 247 -12.91 15.50 29.01
N ASN B 248 -14.08 15.70 29.63
CA ASN B 248 -14.17 15.73 31.09
C ASN B 248 -14.85 14.44 31.48
N ALA B 249 -14.04 13.49 31.94
CA ALA B 249 -14.55 12.14 32.18
C ALA B 249 -14.74 12.02 33.69
N ILE B 250 -15.99 11.96 34.15
CA ILE B 250 -16.32 12.06 35.56
C ILE B 250 -16.47 10.68 36.29
N TRP B 251 -16.97 9.67 35.58
CA TRP B 251 -16.99 8.28 36.02
C TRP B 251 -17.10 7.29 34.86
N ASN B 252 -16.71 6.05 35.12
CA ASN B 252 -17.00 4.92 34.21
C ASN B 252 -16.61 3.61 34.84
N TRP B 253 -16.96 2.50 34.19
CA TRP B 253 -16.30 1.22 34.53
C TRP B 253 -15.15 1.08 33.53
N GLY B 254 -15.43 1.39 32.27
CA GLY B 254 -14.37 1.36 31.24
C GLY B 254 -14.84 1.76 29.88
N TRP B 255 -14.03 2.58 29.19
CA TRP B 255 -14.32 2.99 27.80
C TRP B 255 -13.14 2.70 26.92
N THR B 256 -13.37 2.69 25.62
CA THR B 256 -12.33 2.69 24.58
C THR B 256 -12.48 3.95 23.71
N PHE B 257 -11.35 4.63 23.45
CA PHE B 257 -11.32 5.79 22.55
C PHE B 257 -10.43 5.48 21.39
N GLN B 258 -10.96 5.55 20.17
CA GLN B 258 -10.18 5.24 19.00
C GLN B 258 -10.22 6.43 18.06
N ARG B 259 -9.03 6.77 17.54
CA ARG B 259 -8.81 7.82 16.56
C ARG B 259 -9.27 9.21 17.10
N ILE B 260 -8.72 9.57 18.25
CA ILE B 260 -8.94 10.88 18.85
C ILE B 260 -7.88 11.88 18.38
N THR B 261 -8.32 13.12 18.12
CA THR B 261 -7.42 14.22 17.77
C THR B 261 -7.69 15.38 18.71
N ILE B 262 -6.63 15.89 19.32
CA ILE B 262 -6.75 17.01 20.26
C ILE B 262 -5.74 18.05 19.80
N ASN B 263 -6.26 19.26 19.51
CA ASN B 263 -5.46 20.41 18.97
C ASN B 263 -5.70 21.63 19.84
N ASN B 264 -4.63 22.10 20.51
CA ASN B 264 -4.66 23.40 21.13
C ASN B 264 -5.65 23.45 22.25
N CYS B 265 -5.59 22.48 23.14
CA CYS B 265 -6.42 22.42 24.33
C CYS B 265 -5.50 22.54 25.53
N GLN B 266 -6.05 22.95 26.65
CA GLN B 266 -5.29 22.95 27.88
C GLN B 266 -5.07 21.52 28.40
N VAL B 267 -6.15 20.76 28.46
CA VAL B 267 -6.11 19.40 28.95
C VAL B 267 -6.89 18.58 27.92
N GLY B 268 -6.33 17.45 27.48
CA GLY B 268 -7.07 16.47 26.66
C GLY B 268 -8.14 15.65 27.44
N PHE B 269 -7.67 14.70 28.26
CA PHE B 269 -8.54 13.85 29.02
C PHE B 269 -8.39 14.27 30.47
N ASP B 270 -9.47 14.76 31.10
CA ASP B 270 -9.44 15.10 32.48
C ASP B 270 -10.23 14.02 33.22
N LEU B 271 -9.48 13.09 33.82
CA LEU B 271 -10.04 11.89 34.40
C LEU B 271 -10.17 12.03 35.89
N THR B 272 -11.36 11.78 36.38
CA THR B 272 -11.60 11.82 37.82
C THR B 272 -11.22 10.46 38.45
N GLN B 273 -10.28 10.49 39.39
CA GLN B 273 -9.90 9.29 40.11
C GLN B 273 -10.90 9.06 41.27
N GLY B 274 -11.51 7.87 41.39
CA GLY B 274 -12.26 7.59 42.64
C GLY B 274 -11.52 6.65 43.59
N GLY B 275 -12.27 5.97 44.43
CA GLY B 275 -11.68 4.95 45.26
C GLY B 275 -11.79 3.57 44.62
N THR B 276 -11.21 2.60 45.29
CA THR B 276 -11.09 1.24 44.80
C THR B 276 -12.19 0.35 45.36
N SER B 277 -12.93 0.88 46.33
CA SER B 277 -13.91 0.10 47.11
C SER B 277 -15.26 0.12 46.40
N ASN B 278 -16.04 -0.96 46.50
CA ASN B 278 -17.31 -1.02 45.74
C ASN B 278 -18.48 -0.29 46.41
N THR B 279 -18.24 0.21 47.63
CA THR B 279 -19.22 1.00 48.37
C THR B 279 -18.74 2.47 48.46
N GLY B 280 -17.62 2.78 47.81
CA GLY B 280 -16.99 4.10 47.90
C GLY B 280 -17.42 4.99 46.77
N ALA B 281 -16.73 6.16 46.67
CA ALA B 281 -16.88 7.13 45.58
C ALA B 281 -16.41 6.50 44.28
N GLN B 282 -17.21 6.63 43.23
CA GLN B 282 -16.90 6.07 41.90
C GLN B 282 -16.26 7.08 40.97
N GLY B 283 -15.06 6.77 40.50
CA GLY B 283 -14.43 7.66 39.54
C GLY B 283 -14.39 7.03 38.17
N VAL B 284 -13.43 7.48 37.37
CA VAL B 284 -13.09 6.78 36.13
C VAL B 284 -12.24 5.53 36.41
N GLY B 285 -12.84 4.36 36.21
CA GLY B 285 -12.17 3.09 36.47
C GLY B 285 -11.12 2.77 35.43
N ALA B 286 -11.48 2.92 34.15
CA ALA B 286 -10.61 2.46 33.05
C ALA B 286 -10.79 3.27 31.75
N GLU B 287 -9.68 3.74 31.21
CA GLU B 287 -9.64 4.28 29.84
C GLU B 287 -8.69 3.46 29.01
N ALA B 288 -9.11 3.07 27.82
CA ALA B 288 -8.19 2.51 26.84
C ALA B 288 -8.23 3.43 25.60
N ILE B 289 -7.06 3.95 25.19
CA ILE B 289 -6.98 4.92 24.08
C ILE B 289 -5.99 4.46 23.04
N ILE B 290 -6.45 4.32 21.80
CA ILE B 290 -5.64 3.76 20.74
C ILE B 290 -5.67 4.70 19.52
N ASP B 291 -4.50 4.98 18.95
CA ASP B 291 -4.38 5.93 17.83
C ASP B 291 -4.91 7.37 18.17
N ALA B 292 -4.15 8.08 18.97
CA ALA B 292 -4.49 9.47 19.22
C ALA B 292 -3.46 10.33 18.49
N VAL B 293 -3.89 11.52 18.07
CA VAL B 293 -2.99 12.59 17.62
C VAL B 293 -3.26 13.83 18.46
N VAL B 294 -2.19 14.30 19.13
CA VAL B 294 -2.28 15.38 20.09
C VAL B 294 -1.24 16.44 19.79
N THR B 295 -1.73 17.67 19.77
CA THR B 295 -1.02 18.80 19.21
C THR B 295 -1.22 20.01 20.10
N ASN B 296 -0.11 20.67 20.44
CA ASN B 296 -0.06 21.98 21.10
C ASN B 296 -1.02 22.01 22.26
N THR B 297 -0.86 21.01 23.11
CA THR B 297 -1.71 20.78 24.29
C THR B 297 -0.83 20.68 25.53
N GLN B 298 -1.19 21.38 26.59
CA GLN B 298 -0.39 21.34 27.81
C GLN B 298 -0.28 19.89 28.44
N THR B 299 -1.42 19.24 28.74
CA THR B 299 -1.44 17.88 29.30
C THR B 299 -2.38 17.04 28.47
N PHE B 300 -1.89 15.89 28.04
CA PHE B 300 -2.70 14.98 27.24
C PHE B 300 -3.70 14.29 28.15
N VAL B 301 -3.21 13.57 29.16
CA VAL B 301 -4.12 12.91 30.11
C VAL B 301 -3.80 13.38 31.54
N ARG B 302 -4.82 13.85 32.22
CA ARG B 302 -4.67 14.32 33.58
C ARG B 302 -5.57 13.55 34.52
N TRP B 303 -4.98 12.94 35.57
CA TRP B 303 -5.74 12.32 36.65
C TRP B 303 -5.94 13.26 37.83
N SER B 304 -7.15 13.29 38.37
CA SER B 304 -7.45 14.17 39.52
C SER B 304 -6.64 13.85 40.81
N GLY B 305 -6.13 12.63 40.94
CA GLY B 305 -5.38 12.20 42.14
C GLY B 305 -4.28 11.23 41.70
N ALA B 306 -3.30 10.98 42.58
CA ALA B 306 -2.16 10.13 42.25
C ALA B 306 -2.44 8.70 42.65
N SER B 307 -1.78 7.77 41.99
CA SER B 307 -1.83 6.36 42.38
C SER B 307 -0.64 6.16 43.32
N SER B 308 -0.79 5.40 44.38
CA SER B 308 0.31 5.18 45.30
C SER B 308 0.70 3.68 45.32
N GLY B 309 1.20 3.16 44.20
CA GLY B 309 1.71 1.82 44.15
C GLY B 309 0.70 0.68 44.03
N HIS B 310 -0.57 1.03 43.86
CA HIS B 310 -1.62 0.05 43.56
C HIS B 310 -2.67 0.69 42.62
N LEU B 311 -3.39 -0.18 41.90
CA LEU B 311 -4.40 0.21 40.93
C LEU B 311 -5.46 1.09 41.61
N GLN B 312 -5.67 2.27 41.04
CA GLN B 312 -6.77 3.11 41.40
C GLN B 312 -7.00 4.00 40.16
N GLY B 313 -7.63 3.39 39.16
CA GLY B 313 -7.81 4.04 37.86
C GLY B 313 -6.82 3.56 36.83
N SER B 314 -7.34 2.87 35.81
CA SER B 314 -6.48 2.22 34.81
C SER B 314 -6.40 3.07 33.56
N LEU B 315 -5.21 3.16 32.98
CA LEU B 315 -5.06 3.74 31.66
C LEU B 315 -4.17 2.83 30.82
N VAL B 316 -4.53 2.62 29.55
CA VAL B 316 -3.67 2.04 28.55
C VAL B 316 -3.65 2.98 27.35
N LEU B 317 -2.45 3.21 26.81
CA LEU B 317 -2.18 4.11 25.68
C LEU B 317 -1.53 3.32 24.56
N ASN B 318 -2.09 3.37 23.35
CA ASN B 318 -1.49 2.69 22.20
C ASN B 318 -1.43 3.62 21.02
N ASN B 319 -0.19 3.89 20.60
CA ASN B 319 0.13 4.68 19.42
C ASN B 319 -0.36 6.16 19.53
N ILE B 320 0.26 6.87 20.45
CA ILE B 320 -0.14 8.21 20.76
C ILE B 320 0.96 9.10 20.17
N GLN B 321 0.63 9.79 19.10
CA GLN B 321 1.48 10.79 18.51
C GLN B 321 1.34 12.16 19.16
N LEU B 322 2.43 12.63 19.76
CA LEU B 322 2.45 13.95 20.37
C LEU B 322 3.36 14.93 19.63
N THR B 323 2.80 16.10 19.31
CA THR B 323 3.55 17.24 18.81
C THR B 323 3.28 18.35 19.79
N ASN B 324 4.29 18.66 20.62
CA ASN B 324 4.21 19.79 21.51
C ASN B 324 3.25 19.61 22.65
N VAL B 325 3.34 18.45 23.30
CA VAL B 325 2.58 18.16 24.48
C VAL B 325 3.57 17.97 25.65
N PRO B 326 3.78 19.03 26.46
CA PRO B 326 4.72 18.88 27.60
C PRO B 326 4.46 17.67 28.53
N VAL B 327 3.23 17.52 28.99
CA VAL B 327 2.88 16.39 29.85
C VAL B 327 1.98 15.37 29.12
N ALA B 328 2.53 14.19 28.84
CA ALA B 328 1.72 13.04 28.32
C ALA B 328 0.69 12.55 29.36
N VAL B 329 1.15 12.21 30.57
CA VAL B 329 0.27 11.72 31.64
C VAL B 329 0.65 12.45 32.91
N GLY B 330 -0.29 13.15 33.56
CA GLY B 330 0.04 13.87 34.80
C GLY B 330 -1.07 13.88 35.83
N VAL B 331 -0.75 14.31 37.05
CA VAL B 331 -1.70 14.36 38.15
C VAL B 331 -2.06 15.83 38.39
N LYS B 332 -3.33 16.13 38.66
CA LYS B 332 -3.75 17.53 38.83
C LYS B 332 -3.09 18.05 40.09
N GLY B 333 -2.34 19.15 39.97
CA GLY B 333 -1.53 19.72 41.08
C GLY B 333 -0.55 18.75 41.74
N GLY B 334 0.08 17.90 40.93
CA GLY B 334 0.83 16.75 41.43
C GLY B 334 1.81 16.55 40.32
N PRO B 335 2.54 15.42 40.31
CA PRO B 335 3.66 15.24 39.36
C PRO B 335 3.29 14.91 37.92
N THR B 336 4.27 15.01 37.03
CA THR B 336 4.21 14.41 35.72
C THR B 336 4.44 12.91 35.94
N VAL B 337 3.62 12.08 35.30
CA VAL B 337 3.76 10.63 35.40
C VAL B 337 4.50 10.18 34.17
N LEU B 338 4.18 10.80 33.02
CA LEU B 338 4.84 10.49 31.77
C LEU B 338 5.07 11.80 31.02
N ALA B 339 6.33 12.06 30.70
CA ALA B 339 6.71 13.25 29.99
C ALA B 339 6.35 13.14 28.51
N GLY B 340 5.97 14.27 27.91
CA GLY B 340 5.60 14.30 26.49
C GLY B 340 6.70 14.98 25.71
N GLY B 341 6.32 15.93 24.86
CA GLY B 341 7.25 16.58 23.96
C GLY B 341 6.69 16.36 22.58
N THR B 342 7.60 16.00 21.65
CA THR B 342 7.29 15.57 20.31
C THR B 342 7.86 14.15 20.20
N THR B 343 6.96 13.17 20.20
CA THR B 343 7.31 11.78 20.36
C THR B 343 6.02 10.98 20.08
N THR B 344 6.14 9.66 19.99
CA THR B 344 5.01 8.75 19.84
C THR B 344 5.06 7.75 20.98
N ILE B 345 3.99 7.61 21.73
CA ILE B 345 3.91 6.59 22.74
C ILE B 345 3.44 5.27 22.03
N ASN B 346 4.24 4.19 22.12
CA ASN B 346 3.85 2.95 21.50
C ASN B 346 2.80 2.28 22.39
N SER B 347 3.22 1.83 23.58
CA SER B 347 2.37 1.10 24.50
C SER B 347 2.79 1.41 25.94
N TRP B 348 1.86 1.95 26.70
CA TRP B 348 2.13 2.45 28.02
C TRP B 348 0.90 2.17 28.86
N ALA B 349 1.10 1.82 30.14
CA ALA B 349 -0.03 1.48 31.00
C ALA B 349 0.18 2.00 32.37
N GLN B 350 -0.94 2.25 33.03
CA GLN B 350 -1.05 2.44 34.45
C GLN B 350 -2.10 1.46 34.92
N GLY B 351 -1.71 0.58 35.83
CA GLY B 351 -2.59 -0.43 36.41
C GLY B 351 -1.89 -1.80 36.48
N ASN B 352 -2.65 -2.84 36.83
CA ASN B 352 -2.06 -4.16 37.09
C ASN B 352 -1.85 -4.99 35.81
N VAL B 353 -0.59 -5.34 35.55
CA VAL B 353 -0.19 -6.07 34.35
C VAL B 353 0.06 -7.57 34.68
N TYR B 354 -0.44 -8.47 33.82
CA TYR B 354 -0.43 -9.91 34.06
C TYR B 354 0.14 -10.64 32.86
N HIS B 355 0.67 -11.83 33.13
CA HIS B 355 1.34 -12.71 32.17
C HIS B 355 0.95 -14.19 32.38
N GLY B 356 0.52 -14.85 31.30
CA GLY B 356 0.20 -16.30 31.32
C GLY B 356 -0.61 -16.74 32.53
N THR B 357 -0.05 -17.67 33.30
CA THR B 357 -0.76 -18.20 34.46
C THR B 357 -0.26 -17.63 35.81
N ASN B 358 0.53 -16.56 35.78
CA ASN B 358 0.91 -15.88 36.95
C ASN B 358 -0.28 -15.05 37.42
N GLY B 359 -0.87 -15.44 38.55
CA GLY B 359 -1.98 -14.74 39.17
C GLY B 359 -1.65 -13.45 39.89
N ASN B 360 -0.37 -13.17 40.07
CA ASN B 360 0.10 -12.01 40.82
C ASN B 360 0.36 -10.78 39.93
N PRO B 361 -0.24 -9.64 40.27
CA PRO B 361 -0.02 -8.45 39.39
C PRO B 361 1.35 -7.80 39.52
N THR B 362 1.74 -7.15 38.41
CA THR B 362 2.84 -6.18 38.37
C THR B 362 2.17 -4.80 38.21
N PHE B 363 1.98 -4.08 39.32
CA PHE B 363 1.54 -2.67 39.20
C PHE B 363 2.56 -1.89 38.35
N THR B 364 2.10 -1.35 37.22
CA THR B 364 2.88 -0.64 36.23
C THR B 364 2.38 0.85 36.14
N GLN B 365 3.33 1.78 35.95
CA GLN B 365 3.07 3.10 35.32
C GLN B 365 4.25 3.34 34.43
N GLY B 366 4.20 2.73 33.26
CA GLY B 366 5.36 2.71 32.36
C GLY B 366 5.07 2.01 31.07
N ASN B 367 6.07 1.94 30.22
CA ASN B 367 5.94 1.27 28.93
C ASN B 367 5.66 -0.17 29.19
N ILE B 368 4.95 -0.80 28.24
CA ILE B 368 4.68 -2.22 28.31
C ILE B 368 5.15 -2.76 26.99
N ALA B 369 5.28 -4.09 26.86
CA ALA B 369 5.61 -4.72 25.59
C ALA B 369 4.67 -4.20 24.51
N ASN B 370 5.21 -3.96 23.29
CA ASN B 370 4.44 -3.37 22.21
C ASN B 370 3.20 -4.18 21.88
N ILE B 371 2.04 -3.50 21.87
CA ILE B 371 0.78 -4.16 21.60
C ILE B 371 0.82 -4.56 20.13
N ASN B 372 0.56 -5.84 19.82
CA ASN B 372 0.60 -6.41 18.46
C ASN B 372 -0.73 -6.05 17.79
N ARG B 373 -0.65 -5.39 16.64
CA ARG B 373 -1.81 -5.05 15.83
C ARG B 373 -1.57 -5.74 14.48
N PRO B 374 -2.21 -6.93 14.20
CA PRO B 374 -2.05 -7.58 12.89
C PRO B 374 -2.26 -6.54 11.78
N GLY B 375 -1.46 -6.60 10.73
CA GLY B 375 -1.44 -5.62 9.69
C GLY B 375 -2.74 -5.46 8.93
N VAL B 376 -3.47 -6.58 8.70
CA VAL B 376 -4.77 -6.57 7.99
C VAL B 376 -5.87 -5.72 8.64
N LEU B 377 -5.65 -5.37 9.89
CA LEU B 377 -6.57 -4.61 10.73
C LEU B 377 -6.27 -3.10 10.65
N LEU B 378 -5.14 -2.76 10.02
CA LEU B 378 -4.65 -1.39 9.97
C LEU B 378 -4.85 -0.79 8.61
N ASP B 379 -5.18 0.50 8.53
CA ASP B 379 -5.27 1.21 7.25
C ASP B 379 -3.85 1.60 6.81
N SER B 380 -3.71 2.20 5.62
CA SER B 380 -2.42 2.58 5.07
C SER B 380 -1.58 3.57 5.92
N THR B 381 -2.23 4.23 6.88
CA THR B 381 -1.52 5.07 7.87
C THR B 381 -1.04 4.29 9.10
N GLY B 382 -1.40 3.01 9.24
CA GLY B 382 -0.89 2.15 10.33
C GLY B 382 -1.72 2.25 11.59
N ARG B 383 -2.99 2.67 11.42
CA ARG B 383 -3.94 2.78 12.53
C ARG B 383 -5.12 1.87 12.32
N ILE B 384 -5.78 1.47 13.39
CA ILE B 384 -7.00 0.67 13.22
C ILE B 384 -7.99 1.33 12.23
N VAL B 385 -8.52 0.53 11.31
CA VAL B 385 -9.52 1.04 10.32
C VAL B 385 -10.64 1.85 11.02
N SER B 386 -10.94 3.03 10.48
CA SER B 386 -11.98 3.93 10.98
C SER B 386 -12.93 4.19 9.82
N LYS B 387 -14.08 3.53 9.79
CA LYS B 387 -15.03 3.63 8.70
C LYS B 387 -16.43 4.02 9.21
N SER B 388 -16.90 5.15 8.71
CA SER B 388 -18.16 5.73 9.17
C SER B 388 -19.33 5.12 8.42
N HIS B 389 -20.46 5.13 9.09
CA HIS B 389 -21.76 4.71 8.57
C HIS B 389 -21.90 5.25 7.16
N PRO B 390 -21.99 4.37 6.15
CA PRO B 390 -22.16 4.82 4.74
C PRO B 390 -23.51 5.54 4.46
N GLN B 391 -23.47 6.72 3.81
CA GLN B 391 -24.66 7.58 3.67
C GLN B 391 -25.09 7.86 2.24
N TYR B 392 -24.26 7.44 1.29
CA TYR B 392 -24.58 7.51 -0.14
C TYR B 392 -24.90 8.95 -0.54
N THR B 393 -24.02 9.88 -0.19
CA THR B 393 -24.36 11.31 -0.28
C THR B 393 -24.56 11.76 -1.76
N GLY B 394 -23.76 11.22 -2.67
CA GLY B 394 -23.88 11.50 -4.09
C GLY B 394 -24.85 10.58 -4.87
N TYR B 395 -25.70 9.82 -4.17
CA TYR B 395 -26.71 8.99 -4.83
C TYR B 395 -28.05 9.69 -4.94
N ALA B 396 -28.74 9.44 -6.04
CA ALA B 396 -30.10 9.94 -6.25
C ALA B 396 -31.12 8.93 -5.75
N PRO B 397 -32.33 9.41 -5.38
CA PRO B 397 -33.45 8.50 -5.07
C PRO B 397 -33.66 7.32 -6.06
N SER B 398 -33.51 7.59 -7.34
CA SER B 398 -33.58 6.54 -8.37
C SER B 398 -32.45 5.45 -8.36
N ASP B 399 -31.39 5.66 -7.56
CA ASP B 399 -30.34 4.65 -7.33
C ASP B 399 -30.75 3.62 -6.26
N PHE B 400 -31.90 3.86 -5.62
CA PHE B 400 -32.49 3.04 -4.57
C PHE B 400 -33.72 2.25 -5.11
N VAL B 401 -34.01 1.09 -4.53
CA VAL B 401 -35.25 0.38 -4.89
C VAL B 401 -35.92 0.10 -3.56
N SER B 402 -37.16 0.53 -3.44
CA SER B 402 -37.97 0.33 -2.25
C SER B 402 -38.48 -1.10 -2.24
N VAL B 403 -38.28 -1.82 -1.13
CA VAL B 403 -38.83 -3.15 -1.00
C VAL B 403 -40.37 -3.07 -0.95
N ARG B 404 -40.93 -1.98 -0.41
CA ARG B 404 -42.40 -1.79 -0.40
C ARG B 404 -43.02 -1.74 -1.81
N SER B 405 -42.45 -0.89 -2.67
CA SER B 405 -42.76 -0.84 -4.10
C SER B 405 -42.57 -2.18 -4.83
N GLN B 406 -41.70 -3.06 -4.33
CA GLN B 406 -41.48 -4.40 -4.94
C GLN B 406 -42.29 -5.56 -4.33
N GLY B 407 -43.21 -5.25 -3.42
CA GLY B 407 -44.16 -6.24 -2.88
C GLY B 407 -44.03 -6.69 -1.42
N ALA B 408 -42.96 -6.25 -0.73
CA ALA B 408 -42.74 -6.57 0.67
C ALA B 408 -43.55 -5.60 1.50
N LYS B 409 -44.47 -6.15 2.29
CA LYS B 409 -45.54 -5.37 2.94
C LYS B 409 -45.10 -4.74 4.26
N GLY B 410 -44.23 -5.44 5.00
CA GLY B 410 -43.67 -4.85 6.20
C GLY B 410 -44.65 -4.73 7.37
N ASP B 411 -45.71 -5.55 7.31
CA ASP B 411 -46.88 -5.38 8.18
C ASP B 411 -46.78 -6.30 9.38
N GLY B 412 -45.72 -7.11 9.46
CA GLY B 412 -45.51 -7.93 10.63
C GLY B 412 -46.38 -9.20 10.61
N HIS B 413 -47.11 -9.41 9.51
CA HIS B 413 -48.06 -10.52 9.37
C HIS B 413 -47.88 -11.24 8.00
N THR B 414 -47.81 -10.51 6.92
CA THR B 414 -47.65 -11.11 5.59
C THR B 414 -46.27 -11.79 5.42
N ASP B 415 -46.26 -12.99 4.88
CA ASP B 415 -45.02 -13.67 4.70
C ASP B 415 -44.29 -12.96 3.53
N ASP B 416 -43.17 -12.27 3.82
CA ASP B 416 -42.49 -11.47 2.78
C ASP B 416 -41.24 -12.15 2.23
N THR B 417 -41.01 -13.43 2.56
CA THR B 417 -39.84 -14.15 2.06
C THR B 417 -39.70 -14.02 0.52
N GLN B 418 -40.80 -14.33 -0.19
CA GLN B 418 -40.70 -14.33 -1.66
C GLN B 418 -40.48 -12.91 -2.25
N ALA B 419 -41.24 -11.92 -1.77
CA ALA B 419 -41.00 -10.52 -2.19
C ALA B 419 -39.53 -10.08 -1.94
N ILE B 420 -38.96 -10.37 -0.75
CA ILE B 420 -37.54 -10.00 -0.44
C ILE B 420 -36.53 -10.80 -1.29
N LYS B 421 -36.78 -12.11 -1.44
CA LYS B 421 -35.91 -12.92 -2.29
C LYS B 421 -35.84 -12.37 -3.74
N ASN B 422 -37.00 -12.02 -4.33
CA ASN B 422 -37.08 -11.40 -5.68
C ASN B 422 -36.40 -10.05 -5.83
N VAL B 423 -36.51 -9.16 -4.82
CA VAL B 423 -35.75 -7.92 -4.85
C VAL B 423 -34.25 -8.13 -5.06
N PHE B 424 -33.59 -9.00 -4.28
CA PHE B 424 -32.15 -9.31 -4.47
C PHE B 424 -31.90 -10.02 -5.79
N ALA B 425 -32.81 -10.93 -6.18
CA ALA B 425 -32.63 -11.64 -7.46
C ALA B 425 -32.67 -10.66 -8.62
N LYS B 426 -33.53 -9.64 -8.53
CA LYS B 426 -33.58 -8.55 -9.53
C LYS B 426 -32.63 -7.34 -9.34
N TYR B 427 -32.38 -6.92 -8.10
CA TYR B 427 -31.61 -5.67 -7.89
C TYR B 427 -30.24 -5.69 -7.21
N ALA B 428 -29.81 -6.85 -6.69
CA ALA B 428 -28.51 -6.96 -6.02
C ALA B 428 -27.40 -6.37 -6.88
N GLY B 429 -26.65 -5.42 -6.31
CA GLY B 429 -25.59 -4.76 -7.04
C GLY B 429 -26.04 -3.77 -8.09
N CYS B 430 -27.36 -3.67 -8.33
CA CYS B 430 -27.93 -2.77 -9.38
C CYS B 430 -28.39 -1.44 -8.79
N LYS B 431 -28.94 -1.53 -7.59
CA LYS B 431 -29.63 -0.44 -6.90
C LYS B 431 -29.26 -0.63 -5.46
N ILE B 432 -29.32 0.45 -4.69
CA ILE B 432 -29.26 0.32 -3.24
C ILE B 432 -30.63 -0.17 -2.77
N ILE B 433 -30.63 -1.23 -1.95
CA ILE B 433 -31.89 -1.84 -1.53
C ILE B 433 -32.39 -1.14 -0.26
N PHE B 434 -33.54 -0.49 -0.40
CA PHE B 434 -34.07 0.36 0.67
C PHE B 434 -35.19 -0.32 1.43
N PHE B 435 -34.91 -0.82 2.63
CA PHE B 435 -35.94 -1.41 3.45
C PHE B 435 -36.68 -0.32 4.21
N ASP B 436 -37.83 0.09 3.65
CA ASP B 436 -38.75 1.06 4.30
C ASP B 436 -39.03 0.56 5.70
N ALA B 437 -39.35 1.44 6.62
CA ALA B 437 -39.71 0.97 7.95
C ALA B 437 -40.84 -0.06 7.86
N GLY B 438 -40.76 -1.04 8.77
CA GLY B 438 -41.70 -2.16 8.86
C GLY B 438 -41.05 -3.39 9.47
N THR B 439 -41.87 -4.41 9.69
CA THR B 439 -41.42 -5.72 10.15
C THR B 439 -41.76 -6.75 9.09
N TYR B 440 -40.74 -7.46 8.61
CA TYR B 440 -40.85 -8.25 7.41
C TYR B 440 -40.72 -9.67 7.89
N ILE B 441 -41.86 -10.37 7.95
CA ILE B 441 -41.90 -11.77 8.42
C ILE B 441 -41.25 -12.67 7.34
N VAL B 442 -40.24 -13.46 7.71
CA VAL B 442 -39.60 -14.39 6.70
C VAL B 442 -39.64 -15.79 7.25
N THR B 443 -39.73 -16.78 6.38
CA THR B 443 -39.88 -18.20 6.79
C THR B 443 -38.86 -19.09 6.13
N ASP B 444 -38.00 -18.44 5.37
CA ASP B 444 -36.82 -19.08 4.79
C ASP B 444 -35.60 -18.12 4.82
N THR B 445 -34.40 -18.71 4.65
CA THR B 445 -33.16 -17.97 4.60
C THR B 445 -33.24 -16.89 3.54
N ILE B 446 -32.86 -15.66 3.93
CA ILE B 446 -32.67 -14.56 3.01
C ILE B 446 -31.17 -14.39 2.76
N GLN B 447 -30.71 -14.70 1.54
CA GLN B 447 -29.33 -14.48 1.23
C GLN B 447 -29.16 -13.13 0.55
N ILE B 448 -28.34 -12.32 1.21
CA ILE B 448 -27.84 -11.06 0.68
C ILE B 448 -26.57 -11.38 -0.16
N PRO B 449 -26.66 -11.19 -1.49
CA PRO B 449 -25.54 -11.43 -2.36
C PRO B 449 -24.37 -10.48 -2.08
N ALA B 450 -23.14 -11.01 -2.17
CA ALA B 450 -21.96 -10.19 -2.17
C ALA B 450 -22.10 -9.11 -3.26
N GLY B 451 -21.70 -7.88 -2.94
CA GLY B 451 -21.95 -6.73 -3.81
C GLY B 451 -23.26 -5.99 -3.52
N THR B 452 -23.96 -6.26 -2.44
CA THR B 452 -25.25 -5.60 -2.26
C THR B 452 -25.18 -4.51 -1.20
N GLN B 453 -25.88 -3.40 -1.41
CA GLN B 453 -25.99 -2.42 -0.36
C GLN B 453 -27.45 -2.24 0.10
N ILE B 454 -27.66 -2.37 1.39
CA ILE B 454 -29.00 -2.34 1.91
C ILE B 454 -29.06 -1.25 3.02
N VAL B 455 -30.16 -0.48 3.02
CA VAL B 455 -30.38 0.66 3.95
C VAL B 455 -31.77 0.51 4.56
N GLY B 456 -31.89 0.60 5.86
CA GLY B 456 -33.20 0.72 6.52
C GLY B 456 -33.63 2.12 6.93
N GLU B 457 -34.69 2.18 7.72
CA GLU B 457 -35.38 3.42 8.04
C GLU B 457 -35.88 3.36 9.49
N VAL B 458 -35.02 3.84 10.40
CA VAL B 458 -35.23 3.82 11.81
C VAL B 458 -35.58 2.48 12.46
N TRP B 459 -36.64 1.78 12.00
CA TRP B 459 -37.01 0.46 12.50
C TRP B 459 -37.46 -0.39 11.29
N SER B 460 -36.48 -0.98 10.60
CA SER B 460 -36.71 -1.91 9.49
C SER B 460 -36.20 -3.28 10.00
N VAL B 461 -37.13 -4.21 10.16
CA VAL B 461 -36.87 -5.47 10.87
C VAL B 461 -37.14 -6.65 9.96
N ILE B 462 -36.15 -7.53 9.82
CA ILE B 462 -36.39 -8.82 9.13
C ILE B 462 -36.56 -9.83 10.22
N MET B 463 -37.75 -10.42 10.29
CA MET B 463 -38.11 -11.29 11.42
C MET B 463 -38.28 -12.77 11.00
N GLY B 464 -37.34 -13.63 11.42
CA GLY B 464 -37.34 -15.01 10.99
C GLY B 464 -38.28 -15.88 11.81
N THR B 465 -39.07 -16.74 11.18
CA THR B 465 -40.01 -17.54 11.95
C THR B 465 -40.39 -18.86 11.26
N GLY B 466 -41.15 -19.70 11.99
CA GLY B 466 -41.66 -20.95 11.44
C GLY B 466 -40.69 -22.13 11.50
N SER B 467 -41.11 -23.23 10.88
CA SER B 467 -40.46 -24.55 11.10
C SER B 467 -39.03 -24.67 10.58
N LYS B 468 -38.61 -23.71 9.77
CA LYS B 468 -37.23 -23.70 9.30
C LYS B 468 -36.24 -23.37 10.47
N PHE B 469 -36.76 -22.75 11.53
CA PHE B 469 -35.94 -22.15 12.62
C PHE B 469 -36.24 -22.58 14.04
N THR B 470 -36.95 -23.70 14.19
CA THR B 470 -37.42 -24.14 15.48
C THR B 470 -36.64 -25.35 16.03
N ASP B 471 -35.75 -25.87 15.21
CA ASP B 471 -35.05 -27.11 15.56
C ASP B 471 -33.64 -26.83 16.05
N TYR B 472 -33.38 -26.96 17.34
CA TYR B 472 -32.01 -26.74 17.77
C TYR B 472 -30.97 -27.81 17.37
N ASN B 473 -31.40 -29.03 16.97
CA ASN B 473 -30.43 -29.99 16.36
C ASN B 473 -30.12 -29.73 14.89
N ASN B 474 -30.91 -28.86 14.26
CA ASN B 474 -30.62 -28.50 12.88
C ASN B 474 -30.75 -26.98 12.66
N PRO B 475 -29.86 -26.21 13.29
CA PRO B 475 -30.00 -24.75 13.21
C PRO B 475 -29.77 -24.18 11.78
N GLN B 476 -30.49 -23.12 11.43
CA GLN B 476 -30.48 -22.59 10.06
C GLN B 476 -30.41 -21.09 10.11
N PRO B 477 -29.73 -20.50 9.10
CA PRO B 477 -29.58 -19.03 9.00
C PRO B 477 -30.86 -18.31 8.62
N VAL B 478 -31.24 -17.30 9.41
CA VAL B 478 -32.31 -16.36 8.97
C VAL B 478 -31.79 -15.46 7.82
N ILE B 479 -30.65 -14.80 8.07
CA ILE B 479 -30.00 -13.93 7.09
C ILE B 479 -28.64 -14.56 6.76
N GLN B 480 -28.22 -14.53 5.49
CA GLN B 480 -26.92 -15.01 5.11
C GLN B 480 -26.23 -13.89 4.35
N VAL B 481 -25.20 -13.30 4.95
CA VAL B 481 -24.54 -12.17 4.31
C VAL B 481 -23.44 -12.72 3.37
N GLY B 482 -23.73 -12.72 2.07
CA GLY B 482 -22.87 -13.33 1.07
C GLY B 482 -23.09 -14.84 1.05
N ALA B 483 -22.76 -15.48 -0.08
CA ALA B 483 -22.69 -16.93 -0.11
C ALA B 483 -21.35 -17.33 0.48
N PRO B 484 -21.26 -18.59 0.94
CA PRO B 484 -19.94 -19.13 1.38
C PRO B 484 -18.84 -18.85 0.34
N GLY B 485 -17.67 -18.43 0.80
CA GLY B 485 -16.52 -18.10 -0.08
C GLY B 485 -16.63 -16.85 -0.98
N SER B 486 -17.68 -16.03 -0.81
CA SER B 486 -17.89 -14.88 -1.70
C SER B 486 -17.07 -13.70 -1.17
N SER B 487 -16.83 -12.72 -2.01
CA SER B 487 -16.17 -11.50 -1.59
C SER B 487 -16.73 -10.38 -2.43
N GLY B 488 -16.74 -9.17 -1.89
CA GLY B 488 -17.45 -8.05 -2.49
C GLY B 488 -17.81 -7.04 -1.41
N VAL B 489 -18.28 -5.87 -1.84
CA VAL B 489 -18.89 -4.88 -0.96
C VAL B 489 -20.23 -5.42 -0.46
N VAL B 490 -20.42 -5.52 0.85
CA VAL B 490 -21.77 -5.60 1.42
C VAL B 490 -21.88 -4.60 2.57
N GLU B 491 -22.76 -3.61 2.45
CA GLU B 491 -22.97 -2.66 3.53
C GLU B 491 -24.40 -2.69 3.99
N ILE B 492 -24.58 -2.80 5.30
CA ILE B 492 -25.89 -2.88 5.88
C ILE B 492 -25.91 -1.74 6.90
N THR B 493 -26.87 -0.81 6.74
CA THR B 493 -27.08 0.29 7.70
C THR B 493 -28.54 0.31 8.12
N ASP B 494 -28.80 0.53 9.40
CA ASP B 494 -30.15 0.73 9.93
C ASP B 494 -31.13 -0.45 9.78
N MET B 495 -30.63 -1.65 10.04
CA MET B 495 -31.45 -2.85 10.00
C MET B 495 -31.54 -3.52 11.40
N ILE B 496 -32.66 -4.20 11.63
CA ILE B 496 -32.88 -5.04 12.81
C ILE B 496 -33.17 -6.46 12.31
N PHE B 497 -32.37 -7.41 12.81
CA PHE B 497 -32.45 -8.84 12.43
C PHE B 497 -32.87 -9.58 13.72
N THR B 498 -33.97 -10.34 13.62
CA THR B 498 -34.56 -10.92 14.79
C THR B 498 -35.42 -12.17 14.44
N THR B 499 -36.13 -12.67 15.45
CA THR B 499 -37.05 -13.81 15.30
C THR B 499 -38.44 -13.53 15.93
N ARG B 500 -39.41 -14.34 15.50
CA ARG B 500 -40.65 -14.49 16.26
C ARG B 500 -40.61 -15.92 16.83
N GLY B 501 -40.74 -16.04 18.15
CA GLY B 501 -40.57 -17.30 18.83
C GLY B 501 -41.77 -18.22 18.67
N PRO B 502 -41.59 -19.51 18.98
CA PRO B 502 -40.27 -20.10 19.35
C PRO B 502 -39.36 -20.26 18.12
N ALA B 503 -38.04 -20.09 18.28
CA ALA B 503 -37.07 -20.23 17.16
C ALA B 503 -35.72 -20.80 17.65
N ALA B 504 -35.80 -21.94 18.33
CA ALA B 504 -34.66 -22.63 18.98
C ALA B 504 -33.51 -23.01 18.06
N GLY B 505 -33.78 -22.96 16.77
CA GLY B 505 -32.82 -23.26 15.74
C GLY B 505 -32.43 -22.09 14.85
N ALA B 506 -32.82 -20.86 15.21
CA ALA B 506 -32.39 -19.67 14.42
C ALA B 506 -30.93 -19.29 14.64
N ILE B 507 -30.19 -19.17 13.55
CA ILE B 507 -28.92 -18.49 13.53
C ILE B 507 -29.28 -17.16 12.83
N ILE B 508 -29.43 -16.07 13.61
CA ILE B 508 -30.06 -14.86 13.06
C ILE B 508 -29.30 -14.32 11.89
N VAL B 509 -27.98 -14.24 11.99
CA VAL B 509 -27.16 -13.75 10.90
C VAL B 509 -25.95 -14.69 10.75
N GLU B 510 -25.74 -15.19 9.53
CA GLU B 510 -24.56 -15.95 9.18
C GLU B 510 -23.77 -15.05 8.25
N TRP B 511 -22.59 -14.63 8.67
CA TRP B 511 -21.83 -13.69 7.91
C TRP B 511 -20.71 -14.43 7.12
N ASN B 512 -20.78 -14.45 5.79
CA ASN B 512 -19.81 -15.15 4.92
C ASN B 512 -18.83 -14.30 4.08
N VAL B 513 -19.30 -13.16 3.59
CA VAL B 513 -18.62 -12.37 2.56
C VAL B 513 -17.31 -11.85 3.13
N HIS B 514 -16.32 -11.62 2.26
CA HIS B 514 -15.03 -11.07 2.63
C HIS B 514 -14.81 -9.81 1.80
N ASP B 515 -14.05 -8.85 2.32
CA ASP B 515 -13.57 -7.75 1.48
C ASP B 515 -12.93 -8.15 0.15
N PRO B 516 -13.19 -7.36 -0.90
CA PRO B 516 -12.42 -7.44 -2.16
C PRO B 516 -10.99 -6.95 -1.95
N SER B 517 -10.04 -7.43 -2.77
CA SER B 517 -8.63 -6.96 -2.70
C SER B 517 -8.59 -5.42 -2.82
N GLY B 518 -7.90 -4.76 -1.87
CA GLY B 518 -7.87 -3.27 -1.78
C GLY B 518 -9.13 -2.47 -1.38
N GLN B 519 -10.10 -3.11 -0.73
CA GLN B 519 -11.16 -2.33 -0.08
C GLN B 519 -11.39 -2.81 1.35
N GLN B 520 -10.66 -2.26 2.31
CA GLN B 520 -10.86 -2.61 3.72
C GLN B 520 -12.22 -2.17 4.20
N ALA B 521 -12.90 -3.08 4.88
CA ALA B 521 -14.18 -2.75 5.55
C ALA B 521 -15.26 -2.44 4.51
N ALA B 522 -15.11 -3.00 3.32
CA ALA B 522 -16.14 -2.97 2.30
C ALA B 522 -17.29 -3.88 2.74
N ALA B 523 -16.99 -4.89 3.57
CA ALA B 523 -18.05 -5.74 4.15
C ALA B 523 -18.26 -5.28 5.61
N GLY B 524 -19.46 -4.74 5.88
CA GLY B 524 -19.70 -4.11 7.15
C GLY B 524 -21.16 -3.81 7.45
N ALA B 525 -21.43 -3.54 8.72
CA ALA B 525 -22.73 -3.09 9.16
C ALA B 525 -22.58 -1.89 10.18
N TRP B 526 -23.54 -0.95 10.14
CA TRP B 526 -23.61 0.18 11.04
C TRP B 526 -25.06 0.39 11.47
N ASP B 527 -25.28 0.72 12.76
CA ASP B 527 -26.60 0.98 13.34
C ASP B 527 -27.55 -0.15 13.01
N THR B 528 -26.97 -1.35 13.00
CA THR B 528 -27.64 -2.62 12.73
C THR B 528 -27.47 -3.52 13.94
N HIS B 529 -28.61 -4.01 14.44
CA HIS B 529 -28.71 -4.71 15.69
C HIS B 529 -29.56 -5.98 15.56
N LEU B 530 -29.33 -6.85 16.51
CA LEU B 530 -30.12 -8.03 16.63
C LEU B 530 -30.82 -7.91 17.99
N ILE B 531 -32.09 -7.46 17.96
CA ILE B 531 -32.87 -7.21 19.15
C ILE B 531 -33.73 -8.44 19.25
N ILE B 532 -33.39 -9.34 20.18
CA ILE B 532 -33.96 -10.72 20.15
C ILE B 532 -34.98 -10.90 21.29
N GLY B 533 -36.26 -10.98 20.93
CA GLY B 533 -37.34 -10.98 21.92
C GLY B 533 -37.66 -9.63 22.53
N GLY B 534 -38.49 -9.65 23.55
CA GLY B 534 -38.89 -8.46 24.26
C GLY B 534 -39.57 -7.34 23.46
N THR B 535 -39.98 -7.59 22.21
CA THR B 535 -40.65 -6.55 21.41
C THR B 535 -42.10 -6.98 21.06
N ALA B 536 -42.96 -6.02 20.70
CA ALA B 536 -44.38 -6.29 20.32
C ALA B 536 -44.58 -7.44 19.29
N GLN B 537 -45.53 -8.32 19.56
CA GLN B 537 -45.79 -9.45 18.63
C GLN B 537 -44.56 -10.25 18.15
N SER B 538 -43.60 -10.44 19.05
CA SER B 538 -42.46 -11.30 18.80
C SER B 538 -42.67 -12.73 19.28
N GLY B 539 -43.73 -12.99 20.06
CA GLY B 539 -43.84 -14.25 20.78
C GLY B 539 -42.93 -14.41 22.01
N LEU B 540 -42.06 -13.43 22.24
CA LEU B 540 -41.04 -13.51 23.30
C LEU B 540 -41.19 -12.31 24.29
N GLN B 541 -42.42 -12.08 24.68
CA GLN B 541 -42.75 -11.06 25.68
C GLN B 541 -43.13 -11.62 27.06
N VAL B 542 -43.44 -10.74 28.02
CA VAL B 542 -43.76 -11.18 29.38
C VAL B 542 -45.04 -12.06 29.49
N GLY B 543 -45.94 -11.88 28.52
CA GLY B 543 -47.17 -12.65 28.43
C GLY B 543 -46.90 -14.09 28.02
N GLN B 544 -45.80 -14.34 27.33
CA GLN B 544 -45.42 -15.68 26.92
C GLN B 544 -44.29 -16.24 27.80
N CYS B 545 -43.46 -15.35 28.40
CA CYS B 545 -42.13 -15.75 28.92
C CYS B 545 -41.75 -15.14 30.25
N PRO B 546 -42.58 -15.35 31.27
CA PRO B 546 -42.29 -14.76 32.57
C PRO B 546 -41.02 -15.35 33.22
N THR B 547 -40.45 -14.64 34.19
CA THR B 547 -39.23 -15.10 34.82
C THR B 547 -39.44 -16.38 35.64
N SER B 548 -40.70 -16.81 35.79
CA SER B 548 -41.03 -18.08 36.43
C SER B 548 -40.48 -19.25 35.64
N GLY B 549 -40.29 -19.09 34.34
CA GLY B 549 -39.90 -20.20 33.49
C GLY B 549 -41.13 -20.97 32.98
N ALA B 550 -42.32 -20.56 33.40
CA ALA B 550 -43.58 -21.18 32.96
C ALA B 550 -43.76 -21.27 31.45
N GLY B 551 -43.16 -20.37 30.68
CA GLY B 551 -43.32 -20.47 29.22
C GLY B 551 -42.55 -21.61 28.56
N GLY B 552 -41.54 -22.14 29.25
CA GLY B 552 -40.80 -23.33 28.81
C GLY B 552 -40.34 -23.29 27.37
N ASN B 553 -40.86 -24.22 26.57
CA ASN B 553 -40.42 -24.39 25.20
C ASN B 553 -40.88 -23.31 24.21
N ASN B 554 -41.81 -22.47 24.65
CA ASN B 554 -42.21 -21.32 23.85
C ASN B 554 -41.15 -20.20 23.83
N CYS B 555 -40.22 -20.28 24.77
CA CYS B 555 -39.37 -19.15 25.06
C CYS B 555 -37.99 -19.24 24.45
N PHE B 556 -37.80 -20.25 23.59
CA PHE B 556 -36.64 -20.35 22.71
C PHE B 556 -36.64 -19.21 21.69
N ALA B 557 -35.58 -18.37 21.72
CA ALA B 557 -35.56 -17.14 20.92
C ALA B 557 -34.65 -17.30 19.74
N ASP B 558 -33.56 -18.06 19.93
CA ASP B 558 -32.61 -18.33 18.85
C ASP B 558 -31.60 -19.43 19.25
N PHE B 559 -30.87 -19.92 18.26
CA PHE B 559 -29.73 -20.76 18.51
C PHE B 559 -28.47 -19.90 18.67
N LEU B 560 -28.18 -19.06 17.68
CA LEU B 560 -27.00 -18.19 17.68
C LEU B 560 -27.38 -16.83 17.10
N GLY B 561 -26.91 -15.74 17.67
CA GLY B 561 -27.25 -14.44 17.05
C GLY B 561 -26.42 -14.26 15.77
N LEU B 562 -25.11 -14.26 15.90
CA LEU B 562 -24.30 -13.96 14.75
C LEU B 562 -23.24 -14.99 14.61
N HIS B 563 -23.10 -15.49 13.39
CA HIS B 563 -22.04 -16.46 13.09
C HIS B 563 -21.12 -15.92 12.02
N LEU B 564 -19.88 -15.62 12.38
CA LEU B 564 -18.87 -15.23 11.39
C LEU B 564 -18.09 -16.49 10.98
N THR B 565 -18.23 -16.86 9.70
CA THR B 565 -17.75 -18.13 9.25
C THR B 565 -16.28 -17.96 8.88
N SER B 566 -15.62 -19.08 8.73
CA SER B 566 -14.20 -19.16 8.35
C SER B 566 -13.63 -18.13 7.31
N GLY B 567 -14.29 -17.97 6.15
CA GLY B 567 -13.77 -17.07 5.11
C GLY B 567 -14.31 -15.63 5.10
N SER B 568 -15.03 -15.22 6.17
CA SER B 568 -15.60 -13.85 6.30
C SER B 568 -14.54 -12.81 6.70
N SER B 569 -14.87 -11.56 6.40
CA SER B 569 -14.36 -10.39 7.10
C SER B 569 -15.58 -9.46 7.39
N ALA B 570 -15.50 -8.67 8.43
CA ALA B 570 -16.64 -7.84 8.84
C ALA B 570 -16.09 -6.67 9.60
N TYR B 571 -16.64 -5.49 9.29
CA TYR B 571 -16.47 -4.33 10.15
C TYR B 571 -17.85 -4.04 10.77
N LEU B 572 -17.99 -4.31 12.07
CA LEU B 572 -19.27 -4.18 12.74
C LEU B 572 -19.15 -3.12 13.81
N GLU B 573 -19.96 -2.09 13.63
CA GLU B 573 -19.85 -0.89 14.45
C GLU B 573 -21.14 -0.65 15.23
N GLY B 574 -21.02 -0.72 16.57
CA GLY B 574 -22.14 -0.49 17.42
C GLY B 574 -23.12 -1.65 17.50
N MET B 575 -22.82 -2.79 16.87
CA MET B 575 -23.79 -3.91 16.86
C MET B 575 -24.14 -4.46 18.26
N TRP B 576 -25.42 -4.41 18.60
CA TRP B 576 -25.87 -5.00 19.87
C TRP B 576 -26.56 -6.33 19.57
N VAL B 577 -26.02 -7.45 20.06
CA VAL B 577 -26.66 -8.78 19.87
C VAL B 577 -27.27 -9.02 21.25
N TRP B 578 -28.52 -8.60 21.41
CA TRP B 578 -29.20 -8.50 22.71
C TRP B 578 -30.30 -9.57 22.78
N LEU B 579 -30.16 -10.52 23.71
CA LEU B 579 -31.23 -11.43 24.01
C LEU B 579 -31.96 -10.74 25.13
N ALA B 580 -33.22 -10.39 24.92
CA ALA B 580 -33.88 -9.43 25.81
C ALA B 580 -33.98 -9.94 27.23
N ASP B 581 -33.57 -9.13 28.20
CA ASP B 581 -33.75 -9.45 29.61
C ASP B 581 -35.12 -8.93 30.13
N HIS B 582 -35.72 -7.97 29.41
CA HIS B 582 -37.00 -7.42 29.81
C HIS B 582 -37.81 -7.09 28.59
N ASP B 583 -39.10 -6.78 28.79
CA ASP B 583 -40.03 -6.55 27.71
C ASP B 583 -40.06 -5.06 27.41
N LEU B 584 -39.73 -4.65 26.17
CA LEU B 584 -39.70 -3.21 25.78
C LEU B 584 -41.09 -2.58 25.48
N ASP B 585 -42.07 -3.42 25.19
CA ASP B 585 -43.31 -2.92 24.64
C ASP B 585 -44.53 -3.14 25.52
N SER B 586 -44.42 -4.01 26.54
CA SER B 586 -45.61 -4.34 27.35
C SER B 586 -45.92 -3.32 28.41
N GLY B 587 -44.98 -2.42 28.71
CA GLY B 587 -45.13 -1.46 29.82
C GLY B 587 -44.41 -1.97 31.07
N GLY B 588 -43.77 -1.07 31.79
CA GLY B 588 -43.28 -1.48 33.10
C GLY B 588 -41.95 -2.19 33.09
N SER B 589 -41.30 -2.32 31.92
CA SER B 589 -39.96 -2.96 31.82
C SER B 589 -39.86 -4.32 32.53
N GLN B 590 -40.79 -5.17 32.22
CA GLN B 590 -40.93 -6.40 32.93
C GLN B 590 -39.91 -7.40 32.52
N GLN B 591 -39.22 -7.99 33.50
CA GLN B 591 -38.26 -9.06 33.16
C GLN B 591 -38.89 -10.33 32.59
N ILE B 592 -38.18 -10.93 31.64
CA ILE B 592 -38.59 -12.12 30.90
C ILE B 592 -37.36 -13.05 30.83
N SER B 593 -37.62 -14.35 30.68
CA SER B 593 -36.57 -15.35 30.53
C SER B 593 -36.69 -15.97 29.16
N LEU B 594 -35.72 -15.68 28.29
CA LEU B 594 -35.71 -16.25 26.94
C LEU B 594 -34.43 -17.08 26.80
N TRP B 595 -34.47 -18.07 25.90
CA TRP B 595 -33.40 -19.04 25.68
C TRP B 595 -32.71 -18.72 24.37
N SER B 596 -31.45 -18.29 24.45
CA SER B 596 -30.55 -18.22 23.27
C SER B 596 -29.29 -19.06 23.55
N ASN B 597 -28.78 -19.81 22.59
CA ASN B 597 -27.69 -20.72 22.95
C ASN B 597 -26.31 -20.01 23.03
N GLY B 598 -26.04 -19.03 22.16
CA GLY B 598 -24.85 -18.23 22.30
C GLY B 598 -25.07 -16.99 21.49
N GLY B 599 -24.23 -15.98 21.74
CA GLY B 599 -24.46 -14.67 21.13
C GLY B 599 -23.78 -14.52 19.80
N ILE B 600 -22.46 -14.47 19.85
CA ILE B 600 -21.64 -14.21 18.66
C ILE B 600 -20.58 -15.31 18.65
N MET B 601 -20.48 -16.05 17.54
CA MET B 601 -19.42 -17.03 17.39
C MET B 601 -18.66 -16.58 16.19
N SER B 602 -17.34 -16.46 16.33
CA SER B 602 -16.52 -16.22 15.13
C SER B 602 -15.47 -17.33 14.84
N GLU B 603 -15.47 -17.79 13.59
CA GLU B 603 -14.41 -18.65 13.07
C GLU B 603 -13.64 -17.96 11.96
N SER B 604 -13.92 -16.67 11.75
CA SER B 604 -13.32 -15.89 10.68
C SER B 604 -11.80 -15.85 10.82
N GLN B 605 -11.11 -15.87 9.68
CA GLN B 605 -9.68 -15.71 9.59
C GLN B 605 -9.34 -14.21 9.50
N GLY B 606 -10.37 -13.37 9.50
CA GLY B 606 -10.19 -11.92 9.51
C GLY B 606 -10.05 -11.28 8.14
N PRO B 607 -9.88 -9.95 8.11
CA PRO B 607 -9.92 -9.06 9.29
C PRO B 607 -11.32 -8.94 9.86
N VAL B 608 -11.43 -8.95 11.18
CA VAL B 608 -12.70 -8.66 11.78
C VAL B 608 -12.50 -7.47 12.73
N TRP B 609 -13.27 -6.39 12.54
CA TRP B 609 -13.31 -5.24 13.49
C TRP B 609 -14.67 -5.23 14.19
N LEU B 610 -14.64 -5.41 15.50
CA LEU B 610 -15.82 -5.28 16.34
C LEU B 610 -15.74 -3.99 17.20
N ILE B 611 -16.27 -2.88 16.66
CA ILE B 611 -16.11 -1.51 17.25
C ILE B 611 -17.36 -1.20 18.04
N GLY B 612 -17.31 -1.37 19.38
CA GLY B 612 -18.46 -1.05 20.25
C GLY B 612 -19.68 -2.01 20.18
N THR B 613 -19.37 -3.30 19.97
CA THR B 613 -20.37 -4.35 19.90
C THR B 613 -20.73 -4.78 21.30
N ALA B 614 -21.94 -5.30 21.48
CA ALA B 614 -22.28 -5.93 22.77
C ALA B 614 -23.02 -7.22 22.47
N SER B 615 -22.87 -8.17 23.37
CA SER B 615 -23.54 -9.43 23.29
C SER B 615 -24.02 -9.76 24.72
N GLU B 616 -25.34 -9.84 24.92
CA GLU B 616 -25.88 -9.97 26.25
C GLU B 616 -26.95 -11.05 26.39
N HIS B 617 -26.91 -11.81 27.51
CA HIS B 617 -27.99 -12.73 27.93
C HIS B 617 -28.14 -14.07 27.15
N HIS B 618 -27.04 -14.51 26.55
CA HIS B 618 -27.03 -15.80 25.89
C HIS B 618 -26.52 -16.91 26.83
N ILE B 619 -26.99 -18.13 26.61
CA ILE B 619 -26.77 -19.21 27.60
C ILE B 619 -25.30 -19.70 27.73
N ASN B 620 -24.59 -19.98 26.63
CA ASN B 620 -23.31 -20.65 26.81
C ASN B 620 -22.10 -19.71 26.78
N TYR B 621 -22.28 -18.60 26.05
CA TYR B 621 -21.26 -17.60 25.79
C TYR B 621 -21.89 -16.37 25.20
N GLN B 622 -21.28 -15.22 25.50
CA GLN B 622 -21.61 -13.99 24.81
C GLN B 622 -20.82 -13.84 23.49
N TYR B 623 -19.51 -14.06 23.56
CA TYR B 623 -18.57 -14.15 22.40
C TYR B 623 -17.81 -15.50 22.43
N PHE B 624 -17.64 -16.13 21.27
CA PHE B 624 -16.89 -17.42 21.16
C PHE B 624 -16.02 -17.30 19.92
N LEU B 625 -14.69 -17.28 20.11
CA LEU B 625 -13.79 -17.22 18.97
C LEU B 625 -13.25 -18.63 18.82
N LYS B 626 -13.48 -19.26 17.67
CA LYS B 626 -13.10 -20.65 17.46
C LYS B 626 -12.26 -20.72 16.21
N ASN B 627 -10.97 -21.06 16.34
CA ASN B 627 -10.08 -21.10 15.22
C ASN B 627 -10.12 -19.78 14.41
N ALA B 628 -10.25 -18.65 15.10
CA ALA B 628 -10.27 -17.33 14.43
C ALA B 628 -8.88 -16.70 14.36
N ALA B 629 -8.74 -15.71 13.49
CA ALA B 629 -7.50 -14.95 13.33
C ALA B 629 -7.79 -13.49 13.00
N ASN B 630 -6.93 -12.60 13.52
CA ASN B 630 -6.90 -11.17 13.10
C ASN B 630 -8.20 -10.43 13.44
N HIS B 631 -8.49 -10.34 14.73
CA HIS B 631 -9.68 -9.66 15.16
C HIS B 631 -9.23 -8.44 15.96
N TYR B 632 -9.79 -7.27 15.65
CA TYR B 632 -9.68 -6.13 16.61
C TYR B 632 -11.05 -5.98 17.22
N ILE B 633 -11.10 -6.02 18.55
CA ILE B 633 -12.32 -5.99 19.32
C ILE B 633 -12.19 -4.92 20.41
N GLY B 634 -12.98 -3.83 20.33
CA GLY B 634 -12.85 -2.76 21.36
C GLY B 634 -13.87 -1.65 21.17
N LEU B 635 -14.61 -1.27 22.22
CA LEU B 635 -14.79 -2.04 23.41
C LEU B 635 -15.79 -3.23 23.17
N ALA B 636 -15.69 -4.30 23.97
CA ALA B 636 -16.72 -5.34 23.88
C ALA B 636 -17.43 -5.40 25.24
N GLN B 637 -18.76 -5.47 25.25
CA GLN B 637 -19.55 -5.46 26.48
C GLN B 637 -20.46 -6.73 26.54
N THR B 638 -20.65 -7.32 27.73
CA THR B 638 -21.49 -8.51 27.86
C THR B 638 -22.17 -8.47 29.20
N GLU B 639 -23.33 -9.15 29.34
CA GLU B 639 -23.92 -9.52 30.62
C GLU B 639 -24.37 -10.95 30.45
N THR B 640 -24.33 -11.67 31.57
CA THR B 640 -24.79 -13.03 31.64
C THR B 640 -26.35 -12.99 31.66
N PRO B 641 -27.03 -14.05 31.18
CA PRO B 641 -28.50 -13.99 31.36
C PRO B 641 -28.89 -14.02 32.84
N TYR B 642 -30.00 -13.37 33.17
CA TYR B 642 -30.33 -13.15 34.58
C TYR B 642 -30.85 -14.39 35.31
N PHE B 643 -31.32 -15.39 34.58
CA PHE B 643 -31.86 -16.58 35.22
C PHE B 643 -30.77 -17.52 35.72
N GLN B 644 -29.59 -17.45 35.14
CA GLN B 644 -28.56 -18.40 35.62
C GLN B 644 -28.20 -18.11 37.08
N PRO B 645 -27.85 -19.17 37.88
CA PRO B 645 -27.61 -20.52 37.43
C PRO B 645 -28.84 -21.43 37.30
N ASN B 646 -30.04 -20.86 37.16
CA ASN B 646 -31.26 -21.66 37.05
C ASN B 646 -32.01 -21.55 35.71
N PRO B 647 -31.67 -22.39 34.71
CA PRO B 647 -30.77 -23.58 34.73
C PRO B 647 -29.31 -23.24 34.42
N ASN B 648 -28.38 -24.20 34.67
CA ASN B 648 -26.94 -24.06 34.32
C ASN B 648 -26.80 -24.22 32.82
N PRO B 649 -25.74 -23.66 32.20
CA PRO B 649 -25.45 -23.97 30.80
C PRO B 649 -25.21 -25.48 30.66
N PRO B 650 -25.58 -26.10 29.51
CA PRO B 650 -26.14 -25.50 28.29
C PRO B 650 -27.66 -25.39 28.31
N ALA B 651 -28.30 -25.77 29.42
CA ALA B 651 -29.77 -25.93 29.44
C ALA B 651 -30.50 -24.56 29.25
N PRO B 652 -31.68 -24.55 28.58
CA PRO B 652 -32.42 -25.72 28.05
C PRO B 652 -31.99 -26.26 26.69
N PHE B 653 -30.81 -25.90 26.23
CA PHE B 653 -30.31 -26.46 25.00
C PHE B 653 -29.55 -27.76 25.31
N ILE B 654 -29.07 -28.46 24.30
CA ILE B 654 -28.17 -29.57 24.60
C ILE B 654 -26.78 -29.25 24.05
N THR B 655 -25.74 -29.90 24.58
CA THR B 655 -24.39 -29.72 24.07
C THR B 655 -24.34 -29.95 22.57
N ASN B 656 -23.73 -28.99 21.89
CA ASN B 656 -23.45 -29.02 20.46
C ASN B 656 -21.96 -28.75 20.29
N SER B 657 -21.24 -29.73 19.77
CA SER B 657 -19.79 -29.64 19.72
C SER B 657 -19.28 -28.86 18.51
N ASN B 658 -20.16 -28.52 17.55
CA ASN B 658 -19.82 -27.55 16.51
C ASN B 658 -19.91 -26.10 17.04
N PHE B 659 -20.92 -25.79 17.84
CA PHE B 659 -21.24 -24.41 18.21
C PHE B 659 -20.94 -24.03 19.66
N ASP B 660 -20.65 -25.01 20.52
CA ASP B 660 -20.34 -24.75 21.93
C ASP B 660 -18.83 -24.91 22.15
N PRO B 661 -18.25 -24.14 23.10
CA PRO B 661 -16.86 -24.38 23.46
C PRO B 661 -16.69 -25.78 24.15
N SER B 662 -15.47 -26.35 24.11
CA SER B 662 -15.17 -27.65 24.73
C SER B 662 -15.50 -27.53 26.19
N GLN B 663 -15.21 -26.37 26.76
CA GLN B 663 -15.42 -26.20 28.20
C GLN B 663 -16.60 -25.26 28.47
N LEU B 664 -17.71 -25.87 28.90
CA LEU B 664 -18.97 -25.16 29.13
C LEU B 664 -18.79 -24.30 30.42
N GLY B 665 -19.45 -23.13 30.59
CA GLY B 665 -19.50 -22.46 31.95
C GLY B 665 -20.02 -23.55 32.88
N GLN B 666 -19.45 -23.84 34.04
CA GLN B 666 -19.81 -23.40 35.39
C GLN B 666 -20.93 -22.50 35.85
N GLY B 667 -22.15 -22.99 35.72
CA GLY B 667 -23.32 -22.29 36.25
C GLY B 667 -23.70 -21.07 35.45
N ASP B 668 -22.69 -20.39 34.90
CA ASP B 668 -22.91 -19.16 34.17
C ASP B 668 -22.24 -19.14 32.78
N ALA B 669 -22.89 -18.48 31.81
CA ALA B 669 -22.29 -18.18 30.50
C ALA B 669 -20.88 -17.53 30.60
N TRP B 670 -19.97 -17.93 29.70
CA TRP B 670 -18.71 -17.20 29.44
C TRP B 670 -19.06 -15.85 28.79
N ALA B 671 -18.35 -14.78 29.15
CA ALA B 671 -18.47 -13.51 28.41
C ALA B 671 -17.76 -13.72 27.08
N MET B 672 -16.50 -14.15 27.15
CA MET B 672 -15.73 -14.45 26.02
C MET B 672 -14.93 -15.73 26.26
N THR B 673 -14.99 -16.65 25.29
CA THR B 673 -14.14 -17.86 25.36
C THR B 673 -13.45 -18.09 24.04
N VAL B 674 -12.13 -18.35 24.10
CA VAL B 674 -11.27 -18.34 22.91
C VAL B 674 -10.60 -19.73 22.68
N GLN B 675 -10.71 -20.30 21.48
CA GLN B 675 -10.04 -21.58 21.14
C GLN B 675 -9.23 -21.44 19.90
N ASN B 676 -7.98 -21.88 19.97
CA ASN B 676 -7.15 -22.03 18.81
C ASN B 676 -7.18 -20.81 17.90
N SER B 677 -7.09 -19.62 18.51
CA SER B 677 -7.17 -18.39 17.75
C SER B 677 -5.87 -17.58 17.84
N HIS B 678 -5.58 -16.73 16.83
CA HIS B 678 -4.34 -15.94 16.83
C HIS B 678 -4.55 -14.54 16.23
N GLY B 679 -3.74 -13.59 16.69
CA GLY B 679 -3.93 -12.23 16.29
C GLY B 679 -5.26 -11.68 16.77
N ILE B 680 -5.66 -12.00 18.00
CA ILE B 680 -6.86 -11.41 18.60
C ILE B 680 -6.44 -10.27 19.53
N LEU B 681 -6.87 -9.05 19.19
CA LEU B 681 -6.60 -7.90 20.04
C LEU B 681 -7.92 -7.46 20.73
N VAL B 682 -8.06 -7.74 22.03
CA VAL B 682 -9.17 -7.17 22.75
C VAL B 682 -8.72 -5.92 23.47
N PHE B 683 -9.29 -4.79 23.05
CA PHE B 683 -8.84 -3.46 23.52
C PHE B 683 -10.01 -2.68 24.17
N GLY B 684 -10.17 -2.94 25.46
CA GLY B 684 -11.34 -2.55 26.22
C GLY B 684 -12.43 -3.63 26.17
N ALA B 685 -12.87 -4.06 27.33
CA ALA B 685 -13.93 -5.02 27.50
C ALA B 685 -14.63 -4.68 28.82
N GLY B 686 -15.94 -4.86 28.82
CA GLY B 686 -16.78 -4.69 29.99
C GLY B 686 -17.67 -5.91 30.12
N PHE B 687 -17.21 -6.87 30.90
CA PHE B 687 -17.86 -8.22 31.02
C PHE B 687 -18.50 -8.37 32.40
N TYR B 688 -19.83 -8.47 32.50
CA TYR B 688 -20.55 -8.26 33.79
C TYR B 688 -21.43 -9.40 34.27
N SER B 689 -21.49 -9.58 35.59
CA SER B 689 -22.46 -10.55 36.11
C SER B 689 -23.16 -9.93 37.26
N PHE B 690 -24.48 -9.82 37.21
CA PHE B 690 -25.23 -9.07 38.25
C PHE B 690 -26.24 -9.85 39.10
N PHE B 691 -26.50 -11.13 38.76
CA PHE B 691 -27.59 -11.90 39.32
C PHE B 691 -27.16 -13.33 39.59
N SER B 692 -27.80 -13.93 40.59
CA SER B 692 -27.92 -15.38 40.71
C SER B 692 -29.41 -15.75 40.73
N ALA B 693 -29.89 -16.35 39.63
CA ALA B 693 -31.31 -16.69 39.46
C ALA B 693 -32.25 -15.53 39.87
N TYR B 694 -32.13 -14.37 39.21
CA TYR B 694 -32.89 -13.14 39.53
C TYR B 694 -32.62 -12.49 40.89
N ASN B 695 -31.72 -13.09 41.67
CA ASN B 695 -31.39 -12.59 42.98
C ASN B 695 -30.11 -11.74 42.98
N THR B 696 -30.11 -10.62 43.68
CA THR B 696 -28.98 -9.68 43.63
C THR B 696 -28.13 -9.75 44.91
N GLY B 697 -28.29 -10.80 45.72
CA GLY B 697 -27.49 -10.93 46.91
C GLY B 697 -26.00 -11.02 46.62
N CYS B 698 -25.64 -11.62 45.49
CA CYS B 698 -24.24 -11.85 45.11
C CYS B 698 -23.47 -10.56 44.77
N GLN B 699 -24.18 -9.43 44.72
CA GLN B 699 -23.54 -8.17 44.35
C GLN B 699 -22.60 -7.68 45.46
N SER B 700 -22.99 -7.88 46.74
CA SER B 700 -22.18 -7.44 47.86
C SER B 700 -20.88 -8.18 47.98
N PRO B 701 -20.93 -9.53 48.12
CA PRO B 701 -19.67 -10.28 48.11
C PRO B 701 -18.95 -10.33 46.75
N GLN B 702 -19.60 -9.79 45.70
CA GLN B 702 -19.00 -9.71 44.34
C GLN B 702 -18.62 -11.08 43.80
N ASN B 703 -19.61 -11.98 43.78
CA ASN B 703 -19.42 -13.36 43.34
C ASN B 703 -20.65 -13.94 42.69
N CYS B 704 -21.36 -13.15 41.88
CA CYS B 704 -22.47 -13.70 41.08
C CYS B 704 -22.09 -14.88 40.16
N GLN B 705 -20.88 -14.85 39.59
CA GLN B 705 -20.36 -16.07 38.98
C GLN B 705 -18.88 -16.26 39.31
N ASN B 706 -18.43 -17.46 39.04
CA ASN B 706 -17.13 -17.85 39.49
C ASN B 706 -16.04 -17.47 38.51
N GLN B 707 -16.33 -17.60 37.20
CA GLN B 707 -15.37 -17.41 36.10
C GLN B 707 -16.09 -16.72 34.94
N ILE B 708 -15.36 -16.10 34.00
CA ILE B 708 -16.07 -15.29 32.96
C ILE B 708 -15.34 -15.16 31.63
N VAL B 709 -14.02 -15.33 31.64
CA VAL B 709 -13.26 -15.21 30.40
C VAL B 709 -12.33 -16.41 30.39
N ASN B 710 -12.30 -17.16 29.27
CA ASN B 710 -11.49 -18.39 29.14
C ASN B 710 -10.68 -18.34 27.85
N VAL B 711 -9.38 -18.66 27.96
CA VAL B 711 -8.52 -18.88 26.82
C VAL B 711 -7.99 -20.31 26.93
N ASP B 712 -7.67 -20.97 25.80
CA ASP B 712 -7.02 -22.26 25.90
C ASP B 712 -5.52 -22.01 26.13
N SER B 713 -4.64 -22.98 25.92
CA SER B 713 -3.21 -22.63 26.13
C SER B 713 -2.47 -22.19 24.89
N SER B 714 -2.94 -22.55 23.69
CA SER B 714 -2.20 -22.14 22.50
C SER B 714 -2.58 -20.78 21.86
N SER B 715 -3.76 -20.24 22.16
CA SER B 715 -4.29 -19.03 21.50
C SER B 715 -3.39 -17.78 21.64
N ASP B 716 -3.15 -17.08 20.53
CA ASP B 716 -2.39 -15.83 20.52
C ASP B 716 -3.39 -14.66 20.63
N ILE B 717 -3.74 -14.32 21.87
CA ILE B 717 -4.74 -13.29 22.17
C ILE B 717 -4.13 -12.35 23.21
N ALA B 718 -4.50 -11.07 23.18
CA ALA B 718 -4.14 -10.21 24.30
C ALA B 718 -5.32 -9.32 24.69
N PHE B 719 -5.45 -9.10 26.02
CA PHE B 719 -6.49 -8.27 26.62
C PHE B 719 -5.93 -7.02 27.28
N TYR B 720 -6.54 -5.87 26.95
CA TYR B 720 -6.17 -4.55 27.56
C TYR B 720 -7.45 -3.99 28.20
N SER B 721 -7.33 -3.40 29.37
CA SER B 721 -8.44 -2.71 30.03
C SER B 721 -9.64 -3.65 30.09
N LEU B 722 -9.42 -4.83 30.64
CA LEU B 722 -10.44 -5.87 30.79
C LEU B 722 -11.16 -5.69 32.12
N THR B 723 -12.40 -5.18 32.08
CA THR B 723 -13.11 -4.89 33.32
C THR B 723 -14.18 -5.94 33.53
N THR B 724 -14.31 -6.43 34.76
CA THR B 724 -15.41 -7.35 35.03
C THR B 724 -16.19 -6.84 36.23
N VAL B 725 -17.44 -7.28 36.33
CA VAL B 725 -18.22 -6.96 37.51
C VAL B 725 -18.66 -8.25 38.17
N ASP B 726 -18.48 -8.31 39.51
CA ASP B 726 -19.02 -9.33 40.44
C ASP B 726 -18.74 -10.77 40.08
N THR B 727 -17.48 -11.05 39.75
CA THR B 727 -17.04 -12.35 39.30
C THR B 727 -15.70 -12.62 39.99
N THR B 728 -15.54 -13.83 40.55
CA THR B 728 -14.42 -14.13 41.42
C THR B 728 -13.08 -14.16 40.67
N TRP B 729 -13.07 -14.92 39.58
CA TRP B 729 -11.92 -15.05 38.70
C TRP B 729 -12.19 -14.28 37.44
N GLN B 730 -11.63 -13.07 37.34
CA GLN B 730 -11.81 -12.25 36.17
C GLN B 730 -11.28 -12.90 34.88
N PHE B 731 -10.40 -13.90 35.00
CA PHE B 731 -9.70 -14.43 33.85
C PHE B 731 -9.21 -15.86 34.11
N SER B 732 -9.42 -16.74 33.15
CA SER B 732 -9.18 -18.17 33.33
C SER B 732 -8.43 -18.71 32.16
N VAL B 733 -7.62 -19.74 32.39
CA VAL B 733 -6.93 -20.44 31.29
C VAL B 733 -7.40 -21.91 31.43
N ASN B 734 -7.89 -22.54 30.34
CA ASN B 734 -8.53 -23.90 30.38
C ASN B 734 -9.52 -24.10 31.53
N ALA B 735 -10.31 -23.07 31.85
CA ALA B 735 -11.37 -23.15 32.83
C ALA B 735 -10.91 -23.32 34.26
N GLN B 736 -9.64 -22.98 34.50
CA GLN B 736 -9.12 -22.82 35.82
C GLN B 736 -8.92 -21.29 35.98
N GLY B 737 -9.48 -20.67 37.01
CA GLY B 737 -9.17 -19.27 37.28
C GLY B 737 -7.70 -18.91 37.51
N VAL B 738 -7.25 -17.81 36.91
CA VAL B 738 -5.86 -17.39 37.04
C VAL B 738 -5.80 -16.07 37.81
N ILE B 739 -6.64 -15.12 37.40
CA ILE B 739 -6.62 -13.77 37.98
C ILE B 739 -7.89 -13.58 38.81
N ASN B 740 -7.68 -13.39 40.11
CA ASN B 740 -8.76 -13.18 41.07
C ASN B 740 -9.15 -11.68 41.20
N ARG B 741 -10.44 -11.39 41.23
CA ARG B 741 -10.87 -9.98 41.37
C ARG B 741 -10.26 -9.25 42.59
N SER B 742 -9.96 -10.02 43.64
CA SER B 742 -9.37 -9.53 44.87
C SER B 742 -8.04 -8.77 44.65
N ASN B 743 -7.34 -9.07 43.54
CA ASN B 743 -6.12 -8.34 43.17
C ASN B 743 -6.36 -7.02 42.39
N ASN B 744 -7.60 -6.80 41.88
CA ASN B 744 -7.85 -5.64 41.04
C ASN B 744 -9.06 -4.79 41.43
N PRO B 745 -9.28 -4.55 42.74
CA PRO B 745 -10.49 -3.78 43.02
C PRO B 745 -10.31 -2.32 42.50
N ASN B 746 -11.35 -1.73 41.93
CA ASN B 746 -11.18 -0.50 41.18
C ASN B 746 -12.44 0.35 41.21
N GLY B 747 -13.14 0.26 42.33
CA GLY B 747 -14.42 0.95 42.52
C GLY B 747 -15.50 -0.11 42.49
N PHE B 748 -16.55 0.13 41.71
CA PHE B 748 -17.63 -0.81 41.54
C PHE B 748 -17.19 -2.04 40.80
N ALA B 749 -16.32 -1.83 39.79
CA ALA B 749 -15.86 -2.91 38.93
C ALA B 749 -14.37 -3.21 39.23
N ASP B 750 -13.87 -4.31 38.65
CA ASP B 750 -12.53 -4.79 38.93
C ASP B 750 -11.81 -4.79 37.56
N THR B 751 -10.59 -4.25 37.46
CA THR B 751 -9.96 -4.12 36.11
C THR B 751 -8.57 -4.78 35.99
N ILE B 752 -8.41 -5.59 34.93
CA ILE B 752 -7.11 -6.05 34.48
C ILE B 752 -6.57 -5.08 33.40
N THR B 753 -5.49 -4.34 33.71
CA THR B 753 -4.95 -3.39 32.72
C THR B 753 -4.37 -4.05 31.45
N ALA B 754 -3.61 -5.15 31.60
CA ALA B 754 -3.05 -5.89 30.45
C ALA B 754 -2.94 -7.34 30.84
N TRP B 755 -3.21 -8.24 29.92
CA TRP B 755 -2.85 -9.66 30.06
C TRP B 755 -2.30 -10.07 28.71
N THR B 756 -1.09 -10.62 28.73
CA THR B 756 -0.55 -11.33 27.58
C THR B 756 -0.08 -12.76 27.95
N ARG B 757 0.06 -13.61 26.92
CA ARG B 757 0.54 -14.98 27.10
C ARG B 757 1.92 -15.06 27.84
N ASN B 758 2.86 -14.24 27.42
CA ASN B 758 4.23 -14.32 27.91
C ASN B 758 4.65 -13.03 28.60
C1 NAG C . 11.96 -8.45 -29.97
C2 NAG C . 11.37 -7.54 -31.06
C3 NAG C . 11.25 -8.23 -32.45
C4 NAG C . 12.46 -9.10 -32.83
C5 NAG C . 12.99 -9.90 -31.63
C6 NAG C . 14.34 -10.59 -31.88
C7 NAG C . 10.08 -5.77 -30.09
C8 NAG C . 8.73 -5.31 -29.64
N2 NAG C . 10.10 -6.99 -30.63
O3 NAG C . 11.19 -7.20 -33.42
O4 NAG C . 12.02 -9.97 -33.87
O5 NAG C . 13.13 -9.04 -30.50
O6 NAG C . 15.20 -9.65 -32.51
O7 NAG C . 11.08 -5.05 -29.96
C1 NAG C . 12.66 -9.63 -35.12
C2 NAG C . 12.67 -10.88 -36.00
C3 NAG C . 12.96 -10.58 -37.48
C4 NAG C . 12.28 -9.30 -38.02
C5 NAG C . 12.66 -8.17 -37.05
C6 NAG C . 12.23 -6.75 -37.47
C7 NAG C . 13.28 -12.88 -34.82
C8 NAG C . 14.28 -13.94 -34.45
N2 NAG C . 13.68 -11.80 -35.48
O3 NAG C . 12.62 -11.71 -38.27
O4 NAG C . 12.72 -9.06 -39.37
O5 NAG C . 12.10 -8.50 -35.79
O6 NAG C . 10.83 -6.74 -37.65
O7 NAG C . 12.11 -12.99 -34.54
C1 BMA C . 11.68 -8.96 -40.41
C2 BMA C . 12.06 -7.76 -41.31
C3 BMA C . 11.16 -7.55 -42.56
C4 BMA C . 10.63 -8.87 -43.19
C5 BMA C . 10.35 -9.99 -42.13
C6 BMA C . 9.97 -11.33 -42.74
O2 BMA C . 13.47 -7.85 -41.65
O3 BMA C . 11.78 -6.63 -43.51
O4 BMA C . 9.40 -8.58 -43.88
O5 BMA C . 11.44 -10.14 -41.19
O6 BMA C . 10.20 -12.35 -41.74
C1 NAG D . -13.83 11.71 11.11
C2 NAG D . -13.48 11.16 9.72
C3 NAG D . -13.56 12.30 8.67
C4 NAG D . -14.83 13.17 8.82
C5 NAG D . -15.13 13.52 10.29
C6 NAG D . -16.45 14.25 10.47
C7 NAG D . -12.01 9.12 9.86
C8 NAG D . -10.55 8.71 10.09
N2 NAG D . -12.20 10.46 9.73
O3 NAG D . -13.56 11.71 7.40
O4 NAG D . -14.68 14.40 8.10
O5 NAG D . -15.12 12.30 11.02
O6 NAG D . -17.45 13.39 9.92
O7 NAG D . -12.90 8.26 9.80
C1 NAG D . -15.52 14.51 6.94
C2 NAG D . -15.50 15.98 6.57
C3 NAG D . -16.10 16.24 5.19
C4 NAG D . -15.54 15.31 4.12
C5 NAG D . -15.60 13.86 4.62
C6 NAG D . -14.80 12.90 3.73
C7 NAG D . -15.89 17.56 8.38
C8 NAG D . -16.95 18.13 9.27
N2 NAG D . -16.33 16.66 7.53
O3 NAG D . -15.91 17.59 4.84
O4 NAG D . -16.34 15.46 2.95
O5 NAG D . -14.99 13.75 5.89
O6 NAG D . -15.63 11.77 3.56
O7 NAG D . -14.71 17.87 8.43
C1 BMA D . -15.56 15.90 1.80
C2 BMA D . -16.05 15.20 0.52
C3 BMA D . -15.25 15.71 -0.68
C4 BMA D . -15.28 17.26 -0.69
C5 BMA D . -14.60 17.75 0.60
C6 BMA D . -14.29 19.25 0.67
O2 BMA D . -17.48 15.34 0.35
O3 BMA D . -15.63 15.09 -1.93
O4 BMA D . -14.71 17.81 -1.89
O5 BMA D . -15.45 17.33 1.67
O6 BMA D . -14.78 19.85 1.88
ZN ZN E . 24.69 -0.68 -34.77
C1 LGC F . 30.38 -0.64 -9.63
C2 LGC F . 29.99 0.73 -10.15
O5 LGC F . 31.70 -1.23 -9.93
O1 LGC F . 29.59 -1.31 -8.94
O2 LGC F . 28.65 0.65 -10.65
C3 LGC F . 31.04 1.17 -11.19
O3 LGC F . 30.85 2.57 -11.45
C4 LGC F . 32.46 0.99 -10.64
O4 LGC F . 33.43 1.35 -11.63
C5 LGC F . 32.81 -0.47 -10.31
C6 LGC F . 33.82 -0.66 -9.17
O6 LGC F . 34.70 -1.62 -9.70
ZN ZN G . -27.76 5.31 6.68
C1 LGC H . -28.06 -2.91 31.11
C2 LGC H . -27.89 -4.03 30.14
O5 LGC H . -29.38 -2.47 31.54
O1 LGC H . -27.09 -2.32 31.56
O2 LGC H . -26.64 -3.73 29.48
C3 LGC H . -29.13 -4.12 29.21
O3 LGC H . -29.03 -5.33 28.44
C4 LGC H . -30.41 -4.16 30.02
O4 LGC H . -31.58 -4.16 29.23
C5 LGC H . -30.57 -2.88 30.84
C6 LGC H . -31.60 -3.05 31.93
O6 LGC H . -31.87 -1.74 32.40
#